data_4QJ1
#
_entry.id   4QJ1
#
_cell.length_a   90.412
_cell.length_b   92.337
_cell.length_c   91.914
_cell.angle_alpha   90.00
_cell.angle_beta   104.24
_cell.angle_gamma   90.00
#
_symmetry.space_group_name_H-M   'P 1 21 1'
#
loop_
_entity.id
_entity.type
_entity.pdbx_description
1 polymer "Inosine-5'-monophosphate dehydrogenase"
2 non-polymer 'INOSINIC ACID'
3 non-polymer N-(4-chloro-3-methoxyphenyl)-2-(4-oxochromeno[4,3-c]pyrazol-1(4H)-yl)acetamide
4 non-polymer 'ACETIC ACID'
5 non-polymer 1,2-ETHANEDIOL
6 non-polymer 'FORMIC ACID'
7 water water
#
_entity_poly.entity_id   1
_entity_poly.type   'polypeptide(L)'
_entity_poly.pdbx_seq_one_letter_code
;SNAMGTKNIGKGLTFEDILLVPNYSEVLPREVSLETKLTKNVSLKIPLISSAMDTVTEHLMAVGMARLGGIGIIHKNMDM
ESQVNEVLKVKNSGGLRVGAAIGVNEIERAKLLVEAGVDVIVLDSAHGHSLNIIRTLKEIKSKMNIDVIVGNVVTEEATK
ELIENGADGIKVGIGPGSICTTRIVAGVGVPQITAIEKCSSVASKFGIPIIADGGIRYSGDIGKALAVGASSVMIGSILA
GTEESPGEKELIGDTVYKYYRGMGSVGAMKSGSGDRYFQEKRPENKMVPEGIEGRVKYKGEMEGVVYQLVGGLRSCMGYL
GSASIEELWKKSSYVEITTSGLRESHVHDVEIVKEVMNYSK
;
_entity_poly.pdbx_strand_id   A,B,C,D
#
# COMPACT_ATOMS: atom_id res chain seq x y z
N GLY A 5 19.72 5.48 -5.94
CA GLY A 5 19.59 6.92 -6.01
C GLY A 5 20.59 7.65 -5.14
N THR A 6 21.47 8.40 -5.79
CA THR A 6 22.44 9.26 -5.12
C THR A 6 21.75 10.32 -4.26
N LYS A 7 20.66 10.84 -4.80
CA LYS A 7 19.92 11.94 -4.21
C LYS A 7 18.91 11.51 -3.13
N ASN A 8 18.73 10.21 -3.00
CA ASN A 8 17.80 9.62 -2.03
C ASN A 8 18.45 9.75 -0.66
N ILE A 9 17.81 10.46 0.25
CA ILE A 9 18.42 10.68 1.55
C ILE A 9 17.61 10.00 2.65
N GLY A 10 16.77 9.04 2.28
CA GLY A 10 16.08 8.24 3.27
C GLY A 10 14.58 8.27 3.15
N LYS A 11 13.90 7.46 3.95
CA LYS A 11 12.45 7.40 3.90
C LYS A 11 11.82 8.38 4.90
N GLY A 12 10.85 9.16 4.45
CA GLY A 12 10.19 10.10 5.34
C GLY A 12 8.85 9.58 5.78
N LEU A 13 8.51 9.79 7.06
CA LEU A 13 7.31 9.21 7.64
C LEU A 13 6.27 10.25 8.06
N THR A 14 5.01 9.93 7.82
N THR A 14 5.01 9.95 7.84
CA THR A 14 3.88 10.75 8.24
CA THR A 14 3.95 10.82 8.31
C THR A 14 3.20 10.13 9.47
C THR A 14 3.13 10.10 9.39
N PHE A 15 2.10 10.75 9.92
CA PHE A 15 1.51 10.33 11.18
C PHE A 15 0.96 8.93 11.07
N GLU A 16 0.32 8.64 9.94
CA GLU A 16 -0.27 7.34 9.71
C GLU A 16 0.75 6.23 9.71
N ASP A 17 1.98 6.58 9.39
CA ASP A 17 3.11 5.67 9.35
C ASP A 17 3.52 5.03 10.67
N ILE A 18 3.26 5.69 11.79
CA ILE A 18 3.76 5.22 13.08
C ILE A 18 2.72 4.91 14.15
N LEU A 19 3.10 4.10 15.11
CA LEU A 19 2.38 4.05 16.37
C LEU A 19 3.31 4.31 17.55
N LEU A 20 2.80 5.03 18.55
CA LEU A 20 3.53 5.28 19.78
C LEU A 20 3.47 4.04 20.66
N VAL A 21 4.59 3.70 21.29
CA VAL A 21 4.69 2.54 22.20
C VAL A 21 4.39 2.93 23.66
N PRO A 22 3.53 2.16 24.34
CA PRO A 22 3.17 2.33 25.75
C PRO A 22 4.36 2.15 26.71
N ASN A 23 4.44 2.98 27.75
CA ASN A 23 5.50 2.92 28.73
C ASN A 23 4.92 2.53 30.08
N TYR A 24 5.73 2.03 31.01
CA TYR A 24 5.28 1.95 32.40
C TYR A 24 4.70 3.29 32.78
N SER A 25 3.53 3.28 33.40
CA SER A 25 2.85 4.52 33.73
C SER A 25 2.32 4.50 35.13
N GLU A 26 2.33 5.66 35.79
CA GLU A 26 1.66 5.75 37.06
C GLU A 26 0.94 7.09 37.10
N VAL A 27 0.61 7.59 35.91
CA VAL A 27 -0.12 8.84 35.75
C VAL A 27 -1.43 8.63 34.98
N LEU A 28 -2.54 9.12 35.54
CA LEU A 28 -3.82 9.08 34.86
C LEU A 28 -3.91 10.18 33.84
N PRO A 29 -4.65 9.94 32.74
CA PRO A 29 -4.86 10.97 31.72
C PRO A 29 -5.38 12.28 32.32
N ARG A 30 -6.22 12.18 33.35
N ARG A 30 -6.23 12.15 33.35
CA ARG A 30 -6.78 13.38 33.99
CA ARG A 30 -6.80 13.27 34.09
C ARG A 30 -5.72 14.16 34.76
C ARG A 30 -5.73 14.13 34.77
N GLU A 31 -4.62 13.50 35.12
CA GLU A 31 -3.56 14.12 35.93
C GLU A 31 -2.47 14.81 35.12
N VAL A 32 -2.38 14.42 33.85
CA VAL A 32 -1.38 14.95 32.93
C VAL A 32 -1.41 16.48 32.80
N SER A 33 -0.22 17.07 32.83
CA SER A 33 -0.05 18.50 32.53
C SER A 33 0.15 18.75 31.03
N LEU A 34 -0.67 19.63 30.47
CA LEU A 34 -0.60 19.98 29.06
C LEU A 34 -0.02 21.36 28.78
N GLU A 35 0.50 22.02 29.82
CA GLU A 35 1.21 23.29 29.63
C GLU A 35 2.36 23.12 28.66
N THR A 36 2.70 24.17 27.92
CA THR A 36 3.77 24.10 26.94
C THR A 36 4.19 25.51 26.56
N LYS A 37 5.09 25.60 25.60
CA LYS A 37 5.48 26.91 25.11
C LYS A 37 5.15 27.13 23.65
N LEU A 38 4.55 28.28 23.39
CA LEU A 38 4.24 28.73 22.05
C LEU A 38 5.54 29.22 21.42
N THR A 39 6.11 30.22 22.08
CA THR A 39 7.42 30.75 21.76
C THR A 39 8.26 30.68 23.03
N LYS A 40 9.51 31.10 22.97
CA LYS A 40 10.35 30.89 24.14
C LYS A 40 9.90 31.79 25.30
N ASN A 41 9.04 32.76 25.01
CA ASN A 41 8.58 33.67 26.05
C ASN A 41 7.06 33.63 26.28
N VAL A 42 6.32 33.04 25.32
CA VAL A 42 4.87 32.87 25.46
C VAL A 42 4.51 31.40 25.68
N SER A 43 3.91 31.12 26.84
CA SER A 43 3.48 29.77 27.18
C SER A 43 1.94 29.64 27.19
N LEU A 44 1.45 28.43 26.95
CA LEU A 44 0.02 28.10 26.87
C LEU A 44 -0.35 27.03 27.88
N LYS A 45 -1.65 26.82 28.07
CA LYS A 45 -2.08 25.76 28.98
C LYS A 45 -2.39 24.46 28.20
N ILE A 46 -2.92 24.61 26.98
CA ILE A 46 -3.07 23.48 26.08
C ILE A 46 -2.34 23.81 24.78
N PRO A 47 -1.67 22.81 24.20
CA PRO A 47 -0.76 23.06 23.08
C PRO A 47 -1.46 23.15 21.72
N LEU A 48 -2.55 23.89 21.65
CA LEU A 48 -3.28 23.95 20.38
C LEU A 48 -3.27 25.37 19.83
N ILE A 49 -3.17 25.46 18.51
CA ILE A 49 -3.23 26.74 17.82
C ILE A 49 -4.20 26.56 16.64
N SER A 50 -5.09 27.52 16.42
CA SER A 50 -5.90 27.48 15.21
C SER A 50 -5.17 28.18 14.06
N SER A 51 -5.33 27.66 12.84
CA SER A 51 -4.63 28.17 11.68
C SER A 51 -4.93 29.62 11.31
N ALA A 52 -3.93 30.35 10.84
CA ALA A 52 -4.14 31.70 10.31
C ALA A 52 -4.74 31.61 8.92
N MET A 53 -6.02 31.24 8.87
CA MET A 53 -6.72 31.01 7.61
C MET A 53 -8.08 31.71 7.66
N ASP A 54 -8.49 32.30 6.55
CA ASP A 54 -9.68 33.15 6.56
C ASP A 54 -10.99 32.34 6.69
N THR A 55 -10.89 31.02 6.58
CA THR A 55 -12.03 30.16 6.87
C THR A 55 -11.89 29.51 8.24
N VAL A 56 -10.91 29.95 9.02
CA VAL A 56 -10.67 29.29 10.29
C VAL A 56 -10.66 30.26 11.46
N THR A 57 -9.74 31.22 11.43
CA THR A 57 -9.51 32.03 12.63
C THR A 57 -9.70 33.53 12.44
N GLU A 58 -10.76 34.05 13.05
CA GLU A 58 -10.87 35.48 13.30
C GLU A 58 -11.14 35.67 14.77
N HIS A 59 -11.75 36.80 15.15
CA HIS A 59 -11.76 37.16 16.55
C HIS A 59 -12.56 36.10 17.28
N LEU A 60 -13.69 35.69 16.73
CA LEU A 60 -14.52 34.74 17.45
C LEU A 60 -13.80 33.39 17.66
N MET A 61 -12.98 32.99 16.70
CA MET A 61 -12.16 31.79 16.86
C MET A 61 -10.95 31.96 17.79
N ALA A 62 -10.22 33.06 17.64
CA ALA A 62 -9.05 33.31 18.47
C ALA A 62 -9.41 33.43 19.93
N VAL A 63 -10.56 34.03 20.22
CA VAL A 63 -10.94 34.24 21.61
C VAL A 63 -11.34 32.85 22.11
N GLY A 64 -11.81 32.00 21.18
CA GLY A 64 -12.16 30.60 21.44
C GLY A 64 -11.05 29.74 21.96
N MET A 65 -9.90 29.78 21.28
CA MET A 65 -8.76 29.00 21.72
C MET A 65 -8.20 29.44 23.08
N ALA A 66 -7.96 30.75 23.22
CA ALA A 66 -7.41 31.33 24.43
C ALA A 66 -8.28 31.01 25.63
N ARG A 67 -9.60 31.13 25.45
CA ARG A 67 -10.55 30.55 26.38
C ARG A 67 -10.18 29.19 26.93
N LEU A 68 -9.80 28.24 26.08
CA LEU A 68 -9.59 26.85 26.48
C LEU A 68 -8.12 26.59 26.82
N GLY A 69 -7.35 27.67 26.91
CA GLY A 69 -5.94 27.58 27.25
C GLY A 69 -5.02 27.59 26.04
N GLY A 70 -5.58 27.82 24.86
CA GLY A 70 -4.79 27.81 23.65
C GLY A 70 -4.62 29.19 23.04
N ILE A 71 -4.49 29.26 21.74
CA ILE A 71 -4.40 30.56 21.11
C ILE A 71 -4.78 30.40 19.64
N GLY A 72 -5.23 31.50 19.04
CA GLY A 72 -5.57 31.51 17.63
C GLY A 72 -4.86 32.64 16.94
N ILE A 73 -4.47 32.40 15.70
CA ILE A 73 -3.75 33.41 14.91
C ILE A 73 -4.72 34.05 13.91
N ILE A 74 -5.04 35.34 14.10
CA ILE A 74 -5.85 36.04 13.10
C ILE A 74 -5.13 36.09 11.75
N HIS A 75 -5.87 35.87 10.68
CA HIS A 75 -5.29 35.76 9.35
C HIS A 75 -5.04 37.12 8.74
N LYS A 76 -4.10 37.18 7.80
CA LYS A 76 -3.61 38.45 7.26
C LYS A 76 -4.40 38.85 6.03
N ASN A 77 -5.37 38.03 5.66
CA ASN A 77 -6.17 38.33 4.48
C ASN A 77 -7.28 39.36 4.77
N MET A 78 -6.86 40.55 5.19
CA MET A 78 -7.76 41.68 5.45
C MET A 78 -6.88 42.94 5.55
N ASP A 79 -7.43 44.16 5.57
CA ASP A 79 -6.49 45.29 5.76
C ASP A 79 -6.00 45.33 7.21
N MET A 80 -4.98 46.16 7.40
CA MET A 80 -4.25 46.29 8.65
C MET A 80 -5.13 46.62 9.85
N GLU A 81 -5.81 47.76 9.84
CA GLU A 81 -6.67 48.10 10.99
C GLU A 81 -7.78 47.09 11.26
N SER A 82 -8.33 46.50 10.21
CA SER A 82 -9.36 45.49 10.43
C SER A 82 -8.77 44.28 11.15
N GLN A 83 -7.53 43.94 10.81
CA GLN A 83 -6.81 42.89 11.52
C GLN A 83 -6.56 43.40 12.95
N VAL A 84 -6.13 44.66 13.04
CA VAL A 84 -5.88 45.29 14.33
C VAL A 84 -7.16 45.29 15.18
N ASN A 85 -8.30 45.55 14.56
CA ASN A 85 -9.57 45.51 15.30
C ASN A 85 -9.84 44.11 15.84
N GLU A 86 -9.49 43.12 15.03
CA GLU A 86 -9.69 41.73 15.41
C GLU A 86 -8.83 41.44 16.62
N VAL A 87 -7.59 41.88 16.62
CA VAL A 87 -6.74 41.62 17.78
C VAL A 87 -7.21 42.48 18.97
N LEU A 88 -7.74 43.67 18.72
CA LEU A 88 -8.27 44.47 19.83
C LEU A 88 -9.47 43.79 20.49
N LYS A 89 -10.39 43.27 19.68
CA LYS A 89 -11.58 42.60 20.21
C LYS A 89 -11.24 41.44 21.13
N VAL A 90 -10.20 40.68 20.78
CA VAL A 90 -9.77 39.53 21.58
C VAL A 90 -9.11 40.01 22.86
N LYS A 91 -8.22 41.00 22.73
CA LYS A 91 -7.52 41.58 23.88
C LYS A 91 -8.51 42.26 24.82
N ASN A 92 -9.42 43.05 24.28
CA ASN A 92 -10.39 43.74 25.09
C ASN A 92 -11.33 42.76 25.79
N SER A 93 -11.42 41.55 25.24
CA SER A 93 -12.22 40.49 25.82
C SER A 93 -11.38 39.61 26.73
N GLY A 94 -11.47 39.87 28.03
CA GLY A 94 -10.78 39.07 29.03
C GLY A 94 -9.27 39.25 29.10
N GLY A 95 -8.71 40.02 28.18
CA GLY A 95 -7.28 40.22 28.13
C GLY A 95 -6.54 39.01 27.59
N LEU A 96 -7.30 38.00 27.16
CA LEU A 96 -6.76 36.75 26.64
C LEU A 96 -5.63 36.95 25.64
N ARG A 97 -4.73 35.96 25.54
CA ARG A 97 -3.61 36.04 24.61
C ARG A 97 -4.09 35.75 23.19
N VAL A 98 -3.51 36.46 22.23
CA VAL A 98 -3.83 36.24 20.83
C VAL A 98 -2.58 36.45 19.96
N GLY A 99 -2.59 35.89 18.74
CA GLY A 99 -1.53 36.10 17.78
C GLY A 99 -2.08 36.57 16.45
N ALA A 100 -1.21 36.98 15.53
CA ALA A 100 -1.63 37.41 14.20
C ALA A 100 -0.53 37.19 13.15
N ALA A 101 -0.96 36.93 11.92
CA ALA A 101 -0.04 36.57 10.85
C ALA A 101 0.34 37.76 9.96
N ILE A 102 1.60 37.85 9.60
CA ILE A 102 2.00 38.81 8.56
C ILE A 102 2.85 38.10 7.50
N GLY A 103 2.97 38.72 6.33
CA GLY A 103 3.73 38.16 5.24
C GLY A 103 5.09 38.80 5.17
N VAL A 104 5.93 38.29 4.28
CA VAL A 104 7.25 38.87 4.03
C VAL A 104 7.16 40.37 3.75
N ASN A 105 8.10 41.13 4.32
CA ASN A 105 8.25 42.59 4.07
C ASN A 105 7.12 43.44 4.63
N GLU A 106 6.15 42.81 5.28
CA GLU A 106 5.01 43.54 5.84
C GLU A 106 5.26 44.04 7.25
N ILE A 107 6.40 44.72 7.42
CA ILE A 107 6.80 45.26 8.71
C ILE A 107 5.82 46.29 9.30
N GLU A 108 5.20 47.12 8.46
CA GLU A 108 4.27 48.12 8.97
C GLU A 108 3.08 47.48 9.64
N ARG A 109 2.41 46.60 8.91
CA ARG A 109 1.34 45.78 9.46
C ARG A 109 1.72 45.24 10.83
N ALA A 110 2.92 44.70 10.91
CA ALA A 110 3.44 44.05 12.11
C ALA A 110 3.37 44.89 13.39
N LYS A 111 3.88 46.11 13.39
CA LYS A 111 3.91 46.79 14.67
C LYS A 111 2.59 47.48 14.99
N LEU A 112 1.80 47.80 13.98
CA LEU A 112 0.39 48.13 14.21
C LEU A 112 -0.23 47.03 15.09
N LEU A 113 0.01 45.78 14.72
CA LEU A 113 -0.47 44.64 15.50
C LEU A 113 0.18 44.64 16.88
N VAL A 114 1.45 45.02 16.93
CA VAL A 114 2.18 45.02 18.19
C VAL A 114 1.63 46.12 19.06
N GLU A 115 1.42 47.29 18.46
CA GLU A 115 0.91 48.45 19.19
C GLU A 115 -0.49 48.15 19.71
N ALA A 116 -1.17 47.24 19.04
CA ALA A 116 -2.48 46.78 19.46
C ALA A 116 -2.41 45.75 20.59
N GLY A 117 -1.18 45.32 20.90
CA GLY A 117 -0.98 44.36 21.97
C GLY A 117 -1.07 42.89 21.56
N VAL A 118 -0.53 42.57 20.38
CA VAL A 118 -0.50 41.18 19.98
C VAL A 118 0.66 40.51 20.74
N ASP A 119 0.40 39.33 21.27
CA ASP A 119 1.35 38.54 22.03
C ASP A 119 2.51 37.92 21.24
N VAL A 120 2.20 37.48 20.03
CA VAL A 120 3.11 36.78 19.16
C VAL A 120 2.78 37.12 17.71
N ILE A 121 3.81 37.34 16.90
CA ILE A 121 3.56 37.50 15.49
C ILE A 121 4.08 36.29 14.73
N VAL A 122 3.27 35.84 13.77
CA VAL A 122 3.64 34.71 12.94
C VAL A 122 4.06 35.26 11.58
N LEU A 123 5.37 35.25 11.34
CA LEU A 123 5.91 35.53 10.04
C LEU A 123 5.86 34.25 9.19
N ASP A 124 4.94 34.19 8.23
CA ASP A 124 4.78 32.95 7.50
C ASP A 124 5.01 33.09 6.02
N SER A 125 5.29 31.95 5.40
CA SER A 125 5.61 31.87 3.98
C SER A 125 5.51 30.43 3.50
N ALA A 126 5.09 30.26 2.25
CA ALA A 126 5.20 28.97 1.56
C ALA A 126 6.57 28.35 1.82
N HIS A 127 7.59 29.21 1.87
CA HIS A 127 8.95 28.73 1.97
C HIS A 127 9.76 29.61 2.93
N GLY A 128 9.61 29.36 4.23
CA GLY A 128 10.30 30.13 5.25
C GLY A 128 11.82 30.20 5.14
N HIS A 129 12.44 29.23 4.49
CA HIS A 129 13.90 29.22 4.47
C HIS A 129 14.34 30.01 3.26
N SER A 130 14.12 31.32 3.29
CA SER A 130 14.41 32.14 2.13
C SER A 130 14.98 33.46 2.59
N LEU A 131 15.71 34.09 1.68
CA LEU A 131 16.41 35.33 1.98
C LEU A 131 15.46 36.44 2.44
N ASN A 132 14.34 36.59 1.74
CA ASN A 132 13.37 37.61 2.10
C ASN A 132 12.79 37.41 3.50
N ILE A 133 12.50 36.16 3.86
CA ILE A 133 12.01 35.85 5.21
C ILE A 133 13.05 36.20 6.29
N ILE A 134 14.30 35.88 6.03
CA ILE A 134 15.34 36.23 6.96
C ILE A 134 15.51 37.75 7.03
N ARG A 135 15.27 38.44 5.92
CA ARG A 135 15.33 39.90 5.94
C ARG A 135 14.26 40.48 6.84
N THR A 136 13.01 40.11 6.61
CA THR A 136 11.87 40.65 7.35
C THR A 136 12.00 40.31 8.83
N LEU A 137 12.45 39.09 9.10
CA LEU A 137 12.69 38.64 10.45
C LEU A 137 13.66 39.61 11.13
N LYS A 138 14.68 40.02 10.41
CA LYS A 138 15.68 40.85 11.03
C LYS A 138 15.25 42.31 11.25
N GLU A 139 14.34 42.85 10.42
CA GLU A 139 13.95 44.24 10.66
C GLU A 139 13.02 44.27 11.83
N ILE A 140 12.04 43.37 11.81
CA ILE A 140 11.09 43.20 12.91
C ILE A 140 11.83 43.16 14.24
N LYS A 141 12.72 42.18 14.41
CA LYS A 141 13.47 42.06 15.66
C LYS A 141 14.23 43.33 16.03
N SER A 142 14.59 44.17 15.06
CA SER A 142 15.31 45.40 15.39
C SER A 142 14.36 46.56 15.74
N LYS A 143 13.12 46.52 15.26
CA LYS A 143 12.22 47.65 15.47
C LYS A 143 11.06 47.36 16.43
N MET A 144 11.06 46.15 17.01
CA MET A 144 9.93 45.65 17.80
C MET A 144 10.31 44.63 18.84
N ASN A 145 9.77 44.78 20.05
CA ASN A 145 9.93 43.78 21.09
C ASN A 145 8.80 42.79 21.02
N ILE A 146 9.00 41.69 20.31
CA ILE A 146 7.90 40.78 20.10
C ILE A 146 8.45 39.39 19.86
N ASP A 147 7.73 38.37 20.33
CA ASP A 147 8.09 37.03 19.90
C ASP A 147 7.64 36.80 18.49
N VAL A 148 8.53 36.22 17.69
CA VAL A 148 8.20 35.94 16.29
C VAL A 148 8.27 34.45 15.98
N ILE A 149 7.18 33.94 15.42
CA ILE A 149 7.13 32.57 14.88
C ILE A 149 7.33 32.60 13.37
N VAL A 150 8.28 31.79 12.87
CA VAL A 150 8.62 31.80 11.45
C VAL A 150 8.36 30.43 10.80
N GLY A 151 7.87 30.43 9.55
CA GLY A 151 7.60 29.21 8.82
C GLY A 151 7.28 29.51 7.36
N ASN A 152 7.08 28.47 6.56
CA ASN A 152 7.22 27.10 7.03
C ASN A 152 8.50 26.44 6.53
N VAL A 153 9.05 25.57 7.37
CA VAL A 153 10.28 24.89 7.04
C VAL A 153 10.14 23.40 7.34
N VAL A 154 11.07 22.62 6.79
CA VAL A 154 11.13 21.17 7.05
C VAL A 154 12.55 20.60 7.18
N THR A 155 13.56 21.43 7.32
CA THR A 155 14.93 20.91 7.39
C THR A 155 15.64 21.40 8.64
N GLU A 156 16.69 20.67 9.03
CA GLU A 156 17.56 21.08 10.12
C GLU A 156 18.17 22.44 9.83
N GLU A 157 18.50 22.67 8.58
CA GLU A 157 19.34 23.79 8.22
C GLU A 157 18.50 25.04 8.29
N ALA A 158 17.26 24.93 7.79
CA ALA A 158 16.31 26.02 7.84
C ALA A 158 16.01 26.42 9.28
N THR A 159 15.86 25.43 10.14
CA THR A 159 15.58 25.68 11.54
C THR A 159 16.75 26.42 12.18
N LYS A 160 17.95 25.95 11.88
CA LYS A 160 19.14 26.51 12.50
C LYS A 160 19.28 27.96 12.10
N GLU A 161 19.09 28.23 10.82
CA GLU A 161 19.36 29.55 10.29
C GLU A 161 18.30 30.56 10.80
N LEU A 162 17.03 30.16 10.79
CA LEU A 162 15.99 31.04 11.31
C LEU A 162 16.24 31.36 12.78
N ILE A 163 16.64 30.38 13.57
CA ILE A 163 16.92 30.63 14.99
C ILE A 163 18.12 31.54 15.16
N GLU A 164 19.15 31.34 14.35
CA GLU A 164 20.33 32.19 14.43
C GLU A 164 20.01 33.65 14.17
N ASN A 165 18.96 33.90 13.41
CA ASN A 165 18.53 35.25 13.13
C ASN A 165 17.40 35.81 14.00
N GLY A 166 17.11 35.19 15.14
CA GLY A 166 16.19 35.76 16.11
C GLY A 166 14.83 35.10 16.34
N ALA A 167 14.52 34.05 15.58
CA ALA A 167 13.23 33.38 15.68
C ALA A 167 12.90 32.89 17.10
N ASP A 168 11.68 33.18 17.54
CA ASP A 168 11.23 32.82 18.89
C ASP A 168 10.44 31.53 18.85
N GLY A 169 9.98 31.17 17.65
CA GLY A 169 9.29 29.93 17.41
C GLY A 169 9.55 29.49 15.99
N ILE A 170 9.38 28.19 15.71
CA ILE A 170 9.57 27.66 14.38
C ILE A 170 8.39 26.81 13.97
N LYS A 171 7.67 27.20 12.90
CA LYS A 171 6.63 26.34 12.32
C LYS A 171 7.13 25.41 11.23
N VAL A 172 6.75 24.15 11.42
CA VAL A 172 7.13 23.06 10.55
C VAL A 172 5.94 22.56 9.72
N GLY A 173 6.17 22.31 8.44
CA GLY A 173 5.15 21.74 7.57
C GLY A 173 5.11 22.26 6.14
N ILE A 174 5.69 21.51 5.20
CA ILE A 174 5.49 21.88 3.80
C ILE A 174 4.78 20.77 3.01
N GLY A 175 3.49 20.99 2.73
CA GLY A 175 2.63 20.02 2.06
C GLY A 175 1.67 19.08 2.84
N PRO A 176 1.60 19.17 4.18
CA PRO A 176 0.74 18.14 4.79
C PRO A 176 -0.75 18.55 4.94
N GLY A 177 -1.03 19.85 4.88
CA GLY A 177 -2.38 20.34 5.11
C GLY A 177 -3.46 19.68 4.27
N SER A 178 -4.62 19.46 4.86
CA SER A 178 -5.75 18.85 4.15
C SER A 178 -6.07 19.54 2.82
N ILE A 179 -6.02 20.87 2.81
CA ILE A 179 -6.21 21.65 1.59
C ILE A 179 -4.96 21.97 0.77
N CYS A 180 -3.82 21.35 1.08
CA CYS A 180 -2.58 21.66 0.35
C CYS A 180 -2.37 20.80 -0.89
N THR A 181 -1.82 21.40 -1.95
CA THR A 181 -1.46 20.66 -3.14
C THR A 181 0.02 20.84 -3.55
N THR A 182 0.80 21.52 -2.70
CA THR A 182 2.21 21.82 -2.98
C THR A 182 3.04 20.62 -3.43
N ARG A 183 2.79 19.47 -2.83
CA ARG A 183 3.57 18.26 -3.12
C ARG A 183 3.16 17.69 -4.45
N ILE A 184 2.01 18.13 -4.95
CA ILE A 184 1.51 17.65 -6.22
C ILE A 184 1.85 18.65 -7.36
N VAL A 185 1.69 19.93 -7.07
CA VAL A 185 1.98 20.98 -8.06
C VAL A 185 3.48 21.19 -8.21
N ALA A 186 4.22 21.13 -7.10
CA ALA A 186 5.65 21.39 -7.13
C ALA A 186 6.48 20.12 -6.89
N GLY A 187 5.92 19.12 -6.21
CA GLY A 187 6.65 17.88 -6.02
C GLY A 187 7.55 18.01 -4.80
N VAL A 188 7.24 19.00 -3.99
CA VAL A 188 8.10 19.36 -2.87
C VAL A 188 7.39 19.07 -1.58
N GLY A 189 8.14 18.64 -0.57
CA GLY A 189 7.59 18.53 0.76
C GLY A 189 8.40 17.54 1.54
N VAL A 190 8.07 17.40 2.82
CA VAL A 190 8.67 16.37 3.68
C VAL A 190 7.58 15.84 4.64
N PRO A 191 7.41 14.52 4.71
CA PRO A 191 6.39 13.90 5.57
C PRO A 191 6.48 14.44 7.02
N GLN A 192 5.35 14.63 7.68
CA GLN A 192 5.33 15.53 8.84
C GLN A 192 6.16 14.99 10.03
N ILE A 193 6.15 13.69 10.28
CA ILE A 193 6.93 13.17 11.42
C ILE A 193 8.41 13.42 11.24
N THR A 194 8.95 12.98 10.11
CA THR A 194 10.35 13.20 9.81
C THR A 194 10.72 14.69 9.86
N ALA A 195 9.86 15.54 9.30
CA ALA A 195 10.04 16.99 9.34
C ALA A 195 10.13 17.56 10.77
N ILE A 196 9.25 17.13 11.67
CA ILE A 196 9.28 17.58 13.07
C ILE A 196 10.54 17.04 13.74
N GLU A 197 10.88 15.80 13.46
CA GLU A 197 12.06 15.21 14.05
C GLU A 197 13.34 15.90 13.65
N LYS A 198 13.51 16.16 12.36
CA LYS A 198 14.63 16.97 11.88
C LYS A 198 14.71 18.32 12.57
N CYS A 199 13.62 19.06 12.55
CA CYS A 199 13.62 20.41 13.08
C CYS A 199 13.77 20.48 14.63
N SER A 200 13.18 19.52 15.35
CA SER A 200 13.38 19.40 16.81
C SER A 200 14.83 19.12 17.21
N SER A 201 15.58 18.36 16.41
CA SER A 201 16.99 18.07 16.71
C SER A 201 17.83 19.32 16.88
N VAL A 202 17.48 20.36 16.13
CA VAL A 202 18.19 21.61 16.21
C VAL A 202 17.54 22.52 17.24
N ALA A 203 16.22 22.68 17.11
CA ALA A 203 15.47 23.67 17.86
C ALA A 203 15.51 23.44 19.36
N SER A 204 15.56 22.18 19.79
CA SER A 204 15.52 21.89 21.21
C SER A 204 16.87 22.21 21.84
N LYS A 205 17.93 22.22 21.02
CA LYS A 205 19.25 22.56 21.50
C LYS A 205 19.25 23.99 21.98
N PHE A 206 18.55 24.84 21.22
CA PHE A 206 18.45 26.27 21.50
C PHE A 206 17.28 26.61 22.40
N GLY A 207 16.43 25.63 22.72
CA GLY A 207 15.26 25.85 23.57
C GLY A 207 14.19 26.67 22.87
N ILE A 208 14.14 26.53 21.55
CA ILE A 208 13.13 27.16 20.70
C ILE A 208 12.03 26.19 20.36
N PRO A 209 10.78 26.56 20.67
CA PRO A 209 9.61 25.71 20.41
C PRO A 209 9.37 25.47 18.92
N ILE A 210 8.93 24.27 18.59
CA ILE A 210 8.40 23.95 17.28
C ILE A 210 6.88 23.81 17.25
N ILE A 211 6.28 24.42 16.25
CA ILE A 211 4.86 24.29 16.02
C ILE A 211 4.70 23.33 14.85
N ALA A 212 4.05 22.21 15.09
CA ALA A 212 3.78 21.26 14.03
C ALA A 212 2.51 21.72 13.32
N ASP A 213 2.65 22.14 12.07
CA ASP A 213 1.57 22.80 11.36
C ASP A 213 1.02 21.94 10.24
N GLY A 214 -0.23 21.51 10.39
CA GLY A 214 -0.96 20.95 9.28
C GLY A 214 -0.94 19.44 9.33
N GLY A 215 -1.89 18.83 8.66
CA GLY A 215 -1.88 17.40 8.51
C GLY A 215 -2.57 16.65 9.62
N ILE A 216 -3.00 17.35 10.69
CA ILE A 216 -3.64 16.75 11.85
C ILE A 216 -5.05 16.29 11.54
N ARG A 217 -5.33 15.00 11.66
CA ARG A 217 -6.65 14.50 11.32
C ARG A 217 -7.43 13.94 12.49
N TYR A 218 -6.73 13.34 13.43
CA TYR A 218 -7.31 12.81 14.67
C TYR A 218 -6.45 13.21 15.84
N SER A 219 -7.02 13.15 17.04
CA SER A 219 -6.29 13.52 18.25
C SER A 219 -5.05 12.67 18.46
N GLY A 220 -5.03 11.47 17.89
CA GLY A 220 -3.82 10.65 17.92
C GLY A 220 -2.64 11.28 17.23
N ASP A 221 -2.89 12.23 16.31
CA ASP A 221 -1.83 12.89 15.53
C ASP A 221 -1.18 14.00 16.36
N ILE A 222 -1.95 14.54 17.31
CA ILE A 222 -1.44 15.58 18.19
C ILE A 222 -0.36 14.98 19.08
N GLY A 223 -0.70 13.84 19.70
CA GLY A 223 0.22 13.12 20.55
C GLY A 223 1.47 12.72 19.80
N LYS A 224 1.30 12.17 18.59
CA LYS A 224 2.45 11.81 17.77
C LYS A 224 3.33 13.01 17.53
N ALA A 225 2.70 14.12 17.14
CA ALA A 225 3.43 15.33 16.81
C ALA A 225 4.25 15.83 18.00
N LEU A 226 3.61 15.93 19.17
CA LEU A 226 4.33 16.34 20.37
C LEU A 226 5.39 15.33 20.79
N ALA A 227 5.04 14.05 20.67
CA ALA A 227 5.90 12.97 21.15
C ALA A 227 7.26 12.98 20.50
N VAL A 228 7.35 13.47 19.26
CA VAL A 228 8.61 13.45 18.56
C VAL A 228 9.24 14.84 18.53
N GLY A 229 8.74 15.79 19.31
CA GLY A 229 9.47 17.03 19.53
C GLY A 229 8.77 18.35 19.39
N ALA A 230 7.54 18.37 18.91
CA ALA A 230 6.83 19.65 18.80
C ALA A 230 6.39 20.12 20.17
N SER A 231 6.25 21.45 20.34
CA SER A 231 5.69 22.00 21.55
C SER A 231 4.20 22.35 21.42
N SER A 232 3.69 22.28 20.20
CA SER A 232 2.29 22.57 19.89
C SER A 232 1.97 22.24 18.43
N VAL A 233 0.68 22.22 18.11
CA VAL A 233 0.26 21.89 16.75
C VAL A 233 -0.65 22.98 16.25
N MET A 234 -0.58 23.27 14.97
CA MET A 234 -1.53 24.16 14.32
C MET A 234 -2.57 23.36 13.55
N ILE A 235 -3.82 23.80 13.62
CA ILE A 235 -4.98 23.04 13.14
C ILE A 235 -5.96 23.87 12.30
N GLY A 236 -6.22 23.41 11.08
CA GLY A 236 -7.18 24.06 10.20
C GLY A 236 -8.51 23.32 10.13
N SER A 237 -8.54 22.26 9.33
CA SER A 237 -9.79 21.61 8.93
C SER A 237 -10.61 21.06 10.09
N ILE A 238 -9.97 20.57 11.14
CA ILE A 238 -10.71 20.13 12.32
C ILE A 238 -11.58 21.28 12.86
N LEU A 239 -11.03 22.50 12.82
CA LEU A 239 -11.74 23.64 13.36
C LEU A 239 -12.58 24.39 12.34
N ALA A 240 -12.25 24.24 11.07
CA ALA A 240 -13.01 24.91 10.01
C ALA A 240 -14.49 24.55 10.03
N GLY A 241 -14.81 23.36 10.52
CA GLY A 241 -16.20 22.95 10.59
C GLY A 241 -16.93 23.34 11.87
N THR A 242 -16.26 24.07 12.77
CA THR A 242 -16.90 24.42 14.02
C THR A 242 -17.74 25.66 13.87
N GLU A 243 -18.40 26.07 14.94
CA GLU A 243 -19.27 27.23 14.90
C GLU A 243 -18.54 28.57 14.92
N GLU A 244 -17.55 28.69 15.80
CA GLU A 244 -16.84 29.94 15.98
C GLU A 244 -15.90 30.23 14.82
N SER A 245 -16.10 29.48 13.74
CA SER A 245 -15.31 29.62 12.53
C SER A 245 -15.98 30.57 11.55
N PRO A 246 -15.18 31.42 10.90
CA PRO A 246 -15.73 32.25 9.84
C PRO A 246 -16.06 31.39 8.64
N GLY A 247 -16.69 31.97 7.64
CA GLY A 247 -17.11 31.20 6.48
C GLY A 247 -18.59 30.90 6.58
N GLU A 248 -19.14 30.17 5.61
CA GLU A 248 -20.58 30.05 5.51
C GLU A 248 -21.04 28.62 5.24
N LYS A 249 -22.24 28.33 5.73
CA LYS A 249 -22.80 27.00 5.82
C LYS A 249 -23.69 26.64 4.68
N GLU A 250 -23.26 25.79 3.76
CA GLU A 250 -24.24 25.41 2.76
C GLU A 250 -24.78 24.00 3.04
N LEU A 251 -26.04 23.79 2.71
CA LEU A 251 -26.69 22.50 2.91
C LEU A 251 -26.82 21.90 1.52
N ILE A 252 -26.47 20.62 1.37
CA ILE A 252 -26.55 20.03 0.04
C ILE A 252 -27.23 18.65 0.08
N GLY A 253 -26.91 17.84 1.09
CA GLY A 253 -27.58 16.57 1.28
C GLY A 253 -28.71 16.73 2.28
N ASP A 254 -28.66 15.95 3.35
CA ASP A 254 -29.45 16.27 4.53
C ASP A 254 -28.49 16.56 5.69
N THR A 255 -27.22 16.67 5.35
CA THR A 255 -26.19 17.00 6.34
C THR A 255 -25.57 18.36 6.01
N VAL A 256 -25.08 19.05 7.05
CA VAL A 256 -24.61 20.43 6.91
C VAL A 256 -23.10 20.55 6.73
N TYR A 257 -22.71 21.38 5.77
CA TYR A 257 -21.31 21.67 5.49
C TYR A 257 -21.04 23.17 5.54
N LYS A 258 -19.78 23.53 5.74
CA LYS A 258 -19.36 24.91 5.56
C LYS A 258 -17.99 24.92 4.89
N TYR A 259 -17.67 26.01 4.19
CA TYR A 259 -16.47 26.02 3.35
C TYR A 259 -15.17 26.13 4.13
N TYR A 260 -14.11 25.61 3.51
CA TYR A 260 -12.74 25.65 4.02
C TYR A 260 -11.79 25.63 2.85
N ARG A 261 -10.99 26.69 2.70
CA ARG A 261 -10.11 26.84 1.54
C ARG A 261 -8.67 27.10 1.94
N GLY A 262 -7.73 26.77 1.05
CA GLY A 262 -6.33 27.07 1.30
C GLY A 262 -6.09 28.56 1.11
N MET A 263 -5.07 29.11 1.73
CA MET A 263 -4.78 30.53 1.52
C MET A 263 -4.01 30.69 0.20
N GLY A 264 -3.65 29.57 -0.42
CA GLY A 264 -2.95 29.60 -1.68
C GLY A 264 -3.85 29.22 -2.82
N SER A 265 -5.16 29.31 -2.58
CA SER A 265 -6.17 28.95 -3.57
C SER A 265 -6.65 30.17 -4.33
N VAL A 266 -7.34 29.93 -5.44
CA VAL A 266 -7.78 31.00 -6.34
C VAL A 266 -8.71 31.99 -5.65
N GLY A 267 -9.67 31.51 -4.89
CA GLY A 267 -10.57 32.41 -4.18
C GLY A 267 -9.88 33.19 -3.08
N ALA A 268 -8.85 32.59 -2.49
CA ALA A 268 -8.16 33.20 -1.36
C ALA A 268 -7.10 34.16 -1.87
N MET A 269 -6.85 34.12 -3.17
CA MET A 269 -5.88 35.05 -3.74
C MET A 269 -6.56 36.25 -4.41
N LYS A 270 -7.84 36.13 -4.73
CA LYS A 270 -8.57 37.21 -5.41
C LYS A 270 -9.15 38.21 -4.40
N ASN A 285 -5.36 35.65 -12.39
CA ASN A 285 -5.96 34.32 -12.40
C ASN A 285 -5.12 33.46 -13.33
N LYS A 286 -4.11 34.13 -13.82
CA LYS A 286 -2.89 33.56 -14.37
C LYS A 286 -1.97 33.21 -13.22
N MET A 287 -2.58 33.19 -12.04
CA MET A 287 -1.98 32.66 -10.84
C MET A 287 -1.94 31.13 -10.81
N VAL A 288 -0.94 30.59 -10.12
CA VAL A 288 -0.71 29.15 -10.07
C VAL A 288 -1.07 28.60 -8.68
N PRO A 289 -2.26 27.99 -8.58
CA PRO A 289 -2.89 27.54 -7.35
C PRO A 289 -2.06 26.48 -6.66
N GLU A 290 -1.94 26.57 -5.36
CA GLU A 290 -1.14 25.61 -4.62
C GLU A 290 -1.92 25.12 -3.39
N GLY A 291 -3.22 25.44 -3.39
CA GLY A 291 -4.16 24.95 -2.40
C GLY A 291 -5.50 24.93 -3.09
N ILE A 292 -6.51 24.26 -2.54
CA ILE A 292 -7.80 24.18 -3.24
C ILE A 292 -9.00 24.72 -2.44
N GLU A 293 -10.12 24.88 -3.14
CA GLU A 293 -11.33 25.41 -2.52
C GLU A 293 -12.21 24.23 -2.12
N GLY A 294 -12.53 24.12 -0.84
CA GLY A 294 -13.21 22.93 -0.35
C GLY A 294 -14.38 23.11 0.60
N ARG A 295 -14.75 21.99 1.22
CA ARG A 295 -15.99 21.85 1.96
C ARG A 295 -15.85 20.81 3.08
N VAL A 296 -16.28 21.17 4.29
CA VAL A 296 -16.10 20.33 5.47
C VAL A 296 -17.41 20.22 6.27
N LYS A 297 -17.66 19.03 6.83
CA LYS A 297 -18.81 18.80 7.70
C LYS A 297 -18.86 19.82 8.81
N TYR A 298 -20.05 20.34 9.07
CA TYR A 298 -20.26 21.21 10.22
C TYR A 298 -20.30 20.36 11.48
N LYS A 299 -19.56 20.76 12.50
CA LYS A 299 -19.41 19.95 13.71
C LYS A 299 -19.90 20.66 14.98
N GLY A 300 -20.71 21.69 14.80
CA GLY A 300 -21.30 22.37 15.94
C GLY A 300 -20.31 23.22 16.69
N GLU A 301 -20.51 23.35 18.00
CA GLU A 301 -19.72 24.29 18.78
C GLU A 301 -18.31 23.77 18.99
N MET A 302 -17.36 24.67 18.78
CA MET A 302 -15.94 24.43 18.91
C MET A 302 -15.56 23.65 20.16
N GLU A 303 -16.13 24.06 21.28
CA GLU A 303 -15.65 23.64 22.61
C GLU A 303 -15.55 22.14 22.73
N GLY A 304 -16.56 21.45 22.18
CA GLY A 304 -16.63 20.01 22.27
C GLY A 304 -15.55 19.36 21.44
N VAL A 305 -15.26 19.96 20.30
CA VAL A 305 -14.18 19.48 19.46
C VAL A 305 -12.87 19.53 20.23
N VAL A 306 -12.52 20.70 20.77
CA VAL A 306 -11.29 20.84 21.54
C VAL A 306 -11.21 19.84 22.69
N TYR A 307 -12.32 19.66 23.41
CA TYR A 307 -12.35 18.76 24.56
C TYR A 307 -11.89 17.36 24.16
N GLN A 308 -12.47 16.86 23.07
CA GLN A 308 -12.13 15.55 22.54
C GLN A 308 -10.69 15.47 22.06
N LEU A 309 -10.13 16.58 21.61
CA LEU A 309 -8.74 16.59 21.17
C LEU A 309 -7.81 16.49 22.36
N VAL A 310 -8.03 17.36 23.33
CA VAL A 310 -7.31 17.29 24.59
C VAL A 310 -7.50 15.92 25.27
N GLY A 311 -8.74 15.41 25.30
CA GLY A 311 -9.01 14.08 25.79
C GLY A 311 -8.14 13.01 25.15
N GLY A 312 -7.99 13.08 23.83
CA GLY A 312 -7.16 12.15 23.11
C GLY A 312 -5.71 12.23 23.54
N LEU A 313 -5.19 13.46 23.63
CA LEU A 313 -3.80 13.68 24.03
C LEU A 313 -3.51 13.26 25.48
N ARG A 314 -4.43 13.57 26.39
CA ARG A 314 -4.33 13.10 27.77
C ARG A 314 -4.31 11.58 27.85
N SER A 315 -5.15 10.94 27.03
CA SER A 315 -5.13 9.50 26.87
C SER A 315 -3.75 9.03 26.39
N CYS A 316 -3.25 9.60 25.27
CA CYS A 316 -1.89 9.32 24.78
C CYS A 316 -0.81 9.39 25.84
N MET A 317 -0.76 10.50 26.55
CA MET A 317 0.30 10.71 27.54
C MET A 317 0.15 9.80 28.74
N GLY A 318 -1.09 9.43 29.06
CA GLY A 318 -1.32 8.35 30.02
C GLY A 318 -0.63 7.06 29.63
N TYR A 319 -0.91 6.55 28.43
CA TYR A 319 -0.26 5.34 27.96
C TYR A 319 1.26 5.41 27.91
N LEU A 320 1.84 6.62 27.85
CA LEU A 320 3.29 6.78 27.80
C LEU A 320 3.88 7.21 29.14
N GLY A 321 3.04 7.26 30.17
CA GLY A 321 3.48 7.55 31.52
C GLY A 321 4.17 8.90 31.60
N SER A 322 3.65 9.86 30.86
CA SER A 322 4.25 11.18 30.73
C SER A 322 3.31 12.23 31.27
N ALA A 323 3.74 12.92 32.31
CA ALA A 323 2.85 13.85 33.01
C ALA A 323 2.99 15.26 32.45
N SER A 324 3.94 15.42 31.53
CA SER A 324 4.18 16.69 30.87
C SER A 324 4.82 16.45 29.50
N ILE A 325 4.89 17.49 28.68
CA ILE A 325 5.45 17.35 27.34
C ILE A 325 6.96 17.04 27.47
N GLU A 326 7.64 17.61 28.48
CA GLU A 326 9.11 17.49 28.56
C GLU A 326 9.39 16.00 28.78
N GLU A 327 8.52 15.36 29.57
CA GLU A 327 8.68 13.96 29.93
C GLU A 327 8.20 13.10 28.76
N LEU A 328 7.17 13.56 28.04
CA LEU A 328 6.78 12.89 26.81
C LEU A 328 7.96 12.89 25.81
N TRP A 329 8.68 14.01 25.69
CA TRP A 329 9.87 14.03 24.86
C TRP A 329 10.91 13.03 25.29
N LYS A 330 11.11 12.90 26.60
CA LYS A 330 12.15 12.00 27.08
C LYS A 330 11.76 10.54 26.97
N LYS A 331 10.48 10.22 27.17
CA LYS A 331 10.10 8.83 27.26
C LYS A 331 9.45 8.17 26.01
N SER A 332 9.26 8.92 24.92
CA SER A 332 8.48 8.38 23.79
C SER A 332 9.29 7.62 22.78
N SER A 333 8.77 6.47 22.36
CA SER A 333 9.26 5.76 21.18
C SER A 333 8.11 5.35 20.24
N TYR A 334 8.42 5.13 18.96
CA TYR A 334 7.41 4.61 18.01
C TYR A 334 7.91 3.44 17.16
N VAL A 335 6.99 2.61 16.70
CA VAL A 335 7.24 1.59 15.68
C VAL A 335 6.66 2.11 14.37
N GLU A 336 7.21 1.65 13.23
CA GLU A 336 6.68 1.93 11.89
C GLU A 336 5.67 0.87 11.58
N ILE A 337 4.60 1.23 10.90
CA ILE A 337 3.61 0.24 10.49
C ILE A 337 3.42 0.22 8.99
N THR A 338 2.95 -0.91 8.46
CA THR A 338 2.56 -0.98 7.05
C THR A 338 1.16 -0.43 6.85
N THR A 339 0.72 -0.33 5.60
CA THR A 339 -0.69 -0.12 5.27
C THR A 339 -1.60 -1.13 6.00
N SER A 340 -1.15 -2.38 6.08
CA SER A 340 -1.92 -3.43 6.75
C SER A 340 -2.03 -3.18 8.23
N GLY A 341 -0.97 -2.64 8.82
CA GLY A 341 -1.00 -2.28 10.21
C GLY A 341 -2.00 -1.17 10.41
N LEU A 342 -2.08 -0.29 9.43
CA LEU A 342 -2.96 0.85 9.52
C LEU A 342 -4.43 0.43 9.52
N ARG A 343 -4.78 -0.59 8.72
CA ARG A 343 -6.14 -1.12 8.71
C ARG A 343 -6.47 -1.87 10.00
N GLU A 344 -5.47 -2.53 10.59
CA GLU A 344 -5.61 -3.13 11.92
C GLU A 344 -5.99 -2.02 12.90
N SER A 345 -5.34 -0.88 12.72
CA SER A 345 -5.44 0.26 13.64
C SER A 345 -6.81 0.93 13.61
N HIS A 346 -7.33 1.23 12.41
CA HIS A 346 -8.71 1.72 12.30
C HIS A 346 -9.74 0.65 12.71
N VAL A 347 -11.00 1.07 12.82
CA VAL A 347 -12.13 0.15 12.91
C VAL A 347 -12.13 -0.75 11.67
N HIS A 348 -12.15 -2.05 11.86
CA HIS A 348 -12.22 -2.96 10.72
C HIS A 348 -13.26 -4.06 10.90
N ASP A 349 -13.92 -4.42 9.79
CA ASP A 349 -14.85 -5.56 9.69
C ASP A 349 -16.11 -5.45 10.54
N VAL A 350 -16.31 -4.29 11.13
CA VAL A 350 -17.55 -3.98 11.83
C VAL A 350 -18.10 -2.70 11.24
N GLU A 351 -19.42 -2.64 11.00
CA GLU A 351 -19.99 -1.43 10.46
C GLU A 351 -20.61 -0.55 11.54
N ILE A 352 -20.25 0.73 11.54
CA ILE A 352 -20.57 1.66 12.63
C ILE A 352 -22.01 2.14 12.60
N VAL A 353 -22.68 2.04 13.75
CA VAL A 353 -24.11 2.32 13.88
C VAL A 353 -24.43 3.81 13.90
N LYS A 354 -23.78 4.56 14.78
CA LYS A 354 -23.81 6.02 14.63
C LYS A 354 -22.53 6.69 15.13
N GLU A 355 -22.35 7.92 14.67
CA GLU A 355 -21.16 8.72 14.88
C GLU A 355 -20.59 8.71 16.27
N VAL A 356 -19.28 8.96 16.28
CA VAL A 356 -18.55 9.27 17.47
C VAL A 356 -17.74 10.53 17.12
N MET A 357 -17.52 11.41 18.08
CA MET A 357 -16.76 12.63 17.85
C MET A 357 -15.31 12.32 17.48
N ASN A 358 -14.64 11.54 18.33
CA ASN A 358 -13.27 11.08 18.06
C ASN A 358 -12.97 10.61 16.66
N TYR A 359 -13.91 9.89 16.07
CA TYR A 359 -13.55 9.03 14.94
C TYR A 359 -14.54 9.24 13.81
N SER A 360 -14.43 10.39 13.14
CA SER A 360 -15.38 10.79 12.11
C SER A 360 -14.73 11.72 11.09
N ALA B 3 15.34 10.17 5.49
CA ALA B 3 15.99 10.56 6.73
C ALA B 3 15.30 9.85 7.89
N MET B 4 16.06 9.22 8.77
CA MET B 4 15.44 8.38 9.80
C MET B 4 15.64 9.02 11.18
N GLY B 5 14.77 8.65 12.14
CA GLY B 5 14.78 9.23 13.48
C GLY B 5 15.09 8.25 14.61
N THR B 6 15.73 8.77 15.64
CA THR B 6 16.22 7.93 16.74
C THR B 6 15.12 7.34 17.60
N LYS B 7 13.92 7.91 17.56
CA LYS B 7 12.79 7.33 18.29
C LYS B 7 12.14 6.12 17.60
N ASN B 8 12.45 5.92 16.31
CA ASN B 8 11.98 4.77 15.54
C ASN B 8 12.63 3.49 16.05
N ILE B 9 11.86 2.58 16.63
CA ILE B 9 12.47 1.37 17.12
C ILE B 9 12.24 0.15 16.24
N GLY B 10 11.77 0.34 15.02
CA GLY B 10 11.65 -0.80 14.12
C GLY B 10 10.29 -0.91 13.47
N LYS B 11 10.13 -1.90 12.62
CA LYS B 11 8.88 -2.10 11.91
C LYS B 11 8.02 -3.11 12.70
N GLY B 12 6.78 -2.74 12.98
CA GLY B 12 5.91 -3.62 13.72
C GLY B 12 5.00 -4.27 12.69
N LEU B 13 4.82 -5.58 12.83
CA LEU B 13 4.05 -6.36 11.87
C LEU B 13 2.72 -6.86 12.47
N THR B 14 1.67 -6.87 11.66
N THR B 14 1.71 -6.92 11.62
CA THR B 14 0.43 -7.55 12.03
CA THR B 14 0.41 -7.50 11.95
C THR B 14 0.17 -8.78 11.15
C THR B 14 0.18 -8.79 11.15
N PHE B 15 -0.94 -9.48 11.42
CA PHE B 15 -1.27 -10.75 10.74
C PHE B 15 -1.26 -10.67 9.20
N GLU B 16 -1.85 -9.63 8.62
CA GLU B 16 -1.81 -9.51 7.16
C GLU B 16 -0.43 -9.26 6.56
N ASP B 17 0.57 -8.97 7.39
CA ASP B 17 1.93 -8.67 6.92
C ASP B 17 2.79 -9.94 6.73
N ILE B 18 2.29 -11.09 7.19
CA ILE B 18 3.11 -12.30 7.19
C ILE B 18 2.38 -13.48 6.62
N LEU B 19 3.17 -14.50 6.28
CA LEU B 19 2.67 -15.82 5.93
C LEU B 19 3.57 -16.85 6.60
N LEU B 20 2.95 -17.89 7.17
CA LEU B 20 3.70 -18.97 7.78
C LEU B 20 4.21 -19.88 6.66
N VAL B 21 5.45 -20.34 6.80
CA VAL B 21 6.10 -21.18 5.79
C VAL B 21 5.92 -22.67 6.12
N PRO B 22 5.54 -23.48 5.13
CA PRO B 22 5.37 -24.93 5.27
C PRO B 22 6.64 -25.67 5.71
N ASN B 23 6.49 -26.72 6.50
CA ASN B 23 7.63 -27.52 6.89
C ASN B 23 7.38 -28.94 6.43
N TYR B 24 8.41 -29.78 6.47
CA TYR B 24 8.18 -31.20 6.32
C TYR B 24 7.13 -31.67 7.32
N SER B 25 6.08 -32.32 6.83
CA SER B 25 5.05 -32.82 7.75
C SER B 25 4.86 -34.32 7.70
N GLU B 26 4.67 -34.91 8.88
CA GLU B 26 4.23 -36.29 9.02
C GLU B 26 2.92 -36.33 9.77
N VAL B 27 2.24 -35.19 9.85
CA VAL B 27 1.01 -35.12 10.62
C VAL B 27 -0.12 -34.46 9.83
N LEU B 28 -1.27 -35.10 9.90
CA LEU B 28 -2.47 -34.62 9.23
C LEU B 28 -3.24 -33.78 10.22
N PRO B 29 -3.89 -32.73 9.73
CA PRO B 29 -4.75 -31.86 10.53
C PRO B 29 -5.59 -32.68 11.49
N ARG B 30 -6.01 -33.88 11.11
CA ARG B 30 -6.80 -34.72 11.98
C ARG B 30 -6.04 -35.06 13.25
N GLU B 31 -4.76 -35.28 13.10
CA GLU B 31 -3.96 -35.93 14.13
C GLU B 31 -3.36 -34.94 15.12
N VAL B 32 -3.52 -33.65 14.81
CA VAL B 32 -2.96 -32.58 15.62
C VAL B 32 -3.60 -32.42 17.01
N SER B 33 -2.76 -32.28 18.03
CA SER B 33 -3.22 -31.95 19.39
C SER B 33 -3.30 -30.46 19.59
N LEU B 34 -4.39 -30.00 20.20
CA LEU B 34 -4.60 -28.56 20.38
C LEU B 34 -4.71 -28.14 21.84
N GLU B 35 -4.37 -29.02 22.77
CA GLU B 35 -4.50 -28.67 24.17
C GLU B 35 -3.52 -27.51 24.39
N THR B 36 -3.74 -26.68 25.40
CA THR B 36 -2.81 -25.57 25.62
C THR B 36 -2.91 -25.15 27.06
N LYS B 37 -2.06 -24.21 27.46
CA LYS B 37 -2.17 -23.68 28.82
C LYS B 37 -2.78 -22.29 28.76
N LEU B 38 -3.92 -22.13 29.42
CA LEU B 38 -4.55 -20.83 29.61
C LEU B 38 -3.73 -19.95 30.57
N THR B 39 -3.48 -20.50 31.74
CA THR B 39 -2.60 -19.92 32.72
C THR B 39 -1.70 -21.08 33.11
N LYS B 40 -0.78 -20.89 34.02
CA LYS B 40 0.15 -21.98 34.28
C LYS B 40 -0.52 -23.13 35.00
N ASN B 41 -1.69 -22.92 35.59
CA ASN B 41 -2.32 -24.01 36.34
C ASN B 41 -3.64 -24.45 35.73
N VAL B 42 -4.07 -23.77 34.68
CA VAL B 42 -5.28 -24.14 33.98
C VAL B 42 -5.01 -24.41 32.51
N SER B 43 -5.51 -25.54 32.02
CA SER B 43 -5.31 -25.91 30.62
C SER B 43 -6.63 -26.09 29.83
N LEU B 44 -6.57 -25.84 28.53
CA LEU B 44 -7.75 -25.93 27.66
C LEU B 44 -7.48 -26.98 26.61
N LYS B 45 -8.50 -27.51 25.95
CA LYS B 45 -8.15 -28.49 24.93
C LYS B 45 -8.17 -27.88 23.51
N ILE B 46 -8.77 -26.70 23.37
CA ILE B 46 -8.54 -25.85 22.20
C ILE B 46 -8.15 -24.49 22.75
N PRO B 47 -7.31 -23.76 22.01
CA PRO B 47 -6.72 -22.47 22.42
C PRO B 47 -7.58 -21.24 22.12
N LEU B 48 -8.88 -21.32 22.36
CA LEU B 48 -9.78 -20.24 21.99
C LEU B 48 -10.49 -19.69 23.24
N ILE B 49 -10.55 -18.36 23.33
CA ILE B 49 -11.21 -17.70 24.44
C ILE B 49 -12.18 -16.70 23.84
N SER B 50 -13.38 -16.57 24.42
CA SER B 50 -14.29 -15.53 23.97
C SER B 50 -14.06 -14.28 24.82
N SER B 51 -14.11 -13.12 24.17
CA SER B 51 -13.79 -11.86 24.84
C SER B 51 -14.75 -11.47 25.97
N ALA B 52 -14.21 -10.76 26.96
CA ALA B 52 -14.98 -10.25 28.08
C ALA B 52 -15.79 -9.00 27.69
N MET B 53 -16.75 -9.17 26.79
CA MET B 53 -17.52 -8.03 26.31
C MET B 53 -19.03 -8.20 26.54
N ASP B 54 -19.71 -7.11 26.88
CA ASP B 54 -21.15 -7.18 27.17
C ASP B 54 -21.95 -7.66 25.97
N THR B 55 -21.36 -7.60 24.78
CA THR B 55 -22.04 -8.09 23.57
C THR B 55 -21.42 -9.38 23.05
N VAL B 56 -20.56 -10.00 23.85
CA VAL B 56 -19.94 -11.27 23.45
C VAL B 56 -20.18 -12.41 24.43
N THR B 57 -19.75 -12.22 25.67
CA THR B 57 -19.74 -13.33 26.62
C THR B 57 -20.62 -13.17 27.85
N GLU B 58 -21.43 -14.19 28.07
CA GLU B 58 -22.29 -14.32 29.23
C GLU B 58 -22.37 -15.81 29.43
N HIS B 59 -23.28 -16.29 30.25
CA HIS B 59 -23.27 -17.69 30.62
C HIS B 59 -23.44 -18.56 29.40
N LEU B 60 -24.31 -18.17 28.49
CA LEU B 60 -24.57 -18.99 27.32
C LEU B 60 -23.37 -19.16 26.40
N MET B 61 -22.66 -18.06 26.11
CA MET B 61 -21.44 -18.12 25.33
C MET B 61 -20.38 -18.96 26.03
N ALA B 62 -20.27 -18.74 27.34
CA ALA B 62 -19.27 -19.41 28.16
C ALA B 62 -19.46 -20.93 28.20
N VAL B 63 -20.68 -21.40 28.42
CA VAL B 63 -20.93 -22.83 28.38
C VAL B 63 -20.65 -23.37 26.99
N GLY B 64 -21.04 -22.61 25.98
CA GLY B 64 -20.75 -23.01 24.63
C GLY B 64 -19.25 -23.09 24.39
N MET B 65 -18.50 -22.11 24.87
CA MET B 65 -17.06 -22.18 24.73
C MET B 65 -16.46 -23.35 25.48
N ALA B 66 -16.91 -23.56 26.71
CA ALA B 66 -16.38 -24.60 27.56
C ALA B 66 -16.62 -25.99 27.00
N ARG B 67 -17.81 -26.19 26.46
CA ARG B 67 -18.15 -27.47 25.88
C ARG B 67 -17.28 -27.80 24.71
N LEU B 68 -16.96 -26.78 23.93
CA LEU B 68 -16.09 -26.94 22.78
C LEU B 68 -14.65 -27.19 23.18
N GLY B 69 -14.32 -26.97 24.44
CA GLY B 69 -12.98 -27.17 24.94
C GLY B 69 -12.18 -25.90 25.15
N GLY B 70 -12.85 -24.78 24.97
CA GLY B 70 -12.28 -23.48 25.25
C GLY B 70 -12.86 -22.93 26.53
N ILE B 71 -12.91 -21.60 26.62
CA ILE B 71 -13.41 -20.96 27.83
C ILE B 71 -13.96 -19.57 27.48
N GLY B 72 -14.90 -19.09 28.29
CA GLY B 72 -15.48 -17.78 28.11
C GLY B 72 -15.24 -16.92 29.34
N ILE B 73 -14.99 -15.64 29.10
CA ILE B 73 -14.74 -14.70 30.17
C ILE B 73 -15.96 -13.81 30.31
N ILE B 74 -16.78 -14.05 31.33
CA ILE B 74 -17.93 -13.18 31.58
C ILE B 74 -17.48 -11.75 31.86
N HIS B 75 -18.07 -10.80 31.14
CA HIS B 75 -17.66 -9.41 31.23
C HIS B 75 -18.04 -8.80 32.58
N LYS B 76 -17.60 -7.56 32.83
CA LYS B 76 -17.86 -6.92 34.12
C LYS B 76 -18.81 -5.74 33.97
N ASN B 77 -19.54 -5.68 32.86
CA ASN B 77 -20.49 -4.61 32.64
C ASN B 77 -21.83 -4.99 33.29
N MET B 78 -21.76 -5.31 34.57
CA MET B 78 -22.91 -5.65 35.37
C MET B 78 -22.51 -5.59 36.83
N ASP B 79 -23.50 -5.45 37.71
CA ASP B 79 -23.28 -5.51 39.15
C ASP B 79 -22.61 -6.83 39.58
N MET B 80 -22.03 -6.82 40.78
CA MET B 80 -21.21 -7.93 41.26
C MET B 80 -22.01 -9.23 41.38
N GLU B 81 -23.22 -9.13 41.90
CA GLU B 81 -23.90 -10.34 42.26
C GLU B 81 -24.35 -11.02 40.97
N SER B 82 -24.75 -10.23 39.99
CA SER B 82 -25.20 -10.82 38.75
C SER B 82 -24.03 -11.42 37.97
N GLN B 83 -22.83 -10.89 38.18
CA GLN B 83 -21.65 -11.49 37.54
C GLN B 83 -21.42 -12.86 38.15
N VAL B 84 -21.59 -12.93 39.47
CA VAL B 84 -21.46 -14.19 40.20
C VAL B 84 -22.51 -15.21 39.78
N ASN B 85 -23.77 -14.78 39.71
CA ASN B 85 -24.86 -15.56 39.11
C ASN B 85 -24.45 -16.18 37.75
N GLU B 86 -23.78 -15.39 36.91
CA GLU B 86 -23.34 -15.86 35.61
C GLU B 86 -22.34 -16.98 35.73
N VAL B 87 -21.47 -16.89 36.73
CA VAL B 87 -20.43 -17.89 36.97
C VAL B 87 -21.04 -19.19 37.47
N LEU B 88 -22.06 -19.07 38.31
CA LEU B 88 -22.80 -20.22 38.84
C LEU B 88 -23.53 -20.96 37.73
N LYS B 89 -24.17 -20.20 36.83
CA LYS B 89 -24.86 -20.81 35.69
C LYS B 89 -23.92 -21.68 34.88
N VAL B 90 -22.75 -21.16 34.53
CA VAL B 90 -21.82 -21.95 33.72
C VAL B 90 -21.34 -23.17 34.52
N LYS B 91 -21.18 -23.00 35.83
CA LYS B 91 -20.41 -23.97 36.58
C LYS B 91 -21.34 -25.10 37.06
N ASN B 92 -22.61 -24.79 37.28
CA ASN B 92 -23.60 -25.80 37.67
C ASN B 92 -23.90 -26.68 36.47
N SER B 93 -23.70 -26.09 35.29
CA SER B 93 -23.90 -26.78 34.01
C SER B 93 -22.68 -27.60 33.61
N GLY B 94 -22.53 -28.78 34.19
CA GLY B 94 -21.47 -29.71 33.82
C GLY B 94 -20.08 -29.48 34.41
N GLY B 95 -20.01 -28.71 35.50
CA GLY B 95 -18.76 -28.45 36.16
C GLY B 95 -17.70 -27.86 35.25
N LEU B 96 -18.15 -27.09 34.25
CA LEU B 96 -17.27 -26.61 33.19
C LEU B 96 -16.41 -25.42 33.62
N ARG B 97 -15.19 -25.33 33.09
CA ARG B 97 -14.30 -24.22 33.38
CA ARG B 97 -14.29 -24.22 33.36
C ARG B 97 -14.86 -22.91 32.83
N VAL B 98 -14.57 -21.81 33.52
CA VAL B 98 -15.12 -20.50 33.16
C VAL B 98 -14.25 -19.40 33.75
N GLY B 99 -14.31 -18.21 33.16
CA GLY B 99 -13.50 -17.09 33.58
C GLY B 99 -14.33 -15.85 33.86
N ALA B 100 -13.75 -14.93 34.62
CA ALA B 100 -14.39 -13.66 34.93
C ALA B 100 -13.39 -12.50 34.94
N ALA B 101 -13.81 -11.39 34.33
CA ALA B 101 -13.04 -10.16 34.29
C ALA B 101 -13.38 -9.23 35.45
N ILE B 102 -12.35 -8.59 35.99
CA ILE B 102 -12.51 -7.52 36.95
C ILE B 102 -11.62 -6.36 36.51
N GLY B 103 -11.93 -5.16 36.99
CA GLY B 103 -11.13 -3.99 36.66
C GLY B 103 -10.27 -3.65 37.85
N VAL B 104 -9.50 -2.57 37.75
CA VAL B 104 -8.54 -2.23 38.79
C VAL B 104 -9.23 -1.98 40.12
N ASN B 105 -8.54 -2.36 41.20
CA ASN B 105 -9.00 -2.15 42.57
C ASN B 105 -10.28 -2.88 42.94
N GLU B 106 -10.93 -3.52 41.96
CA GLU B 106 -12.19 -4.23 42.18
C GLU B 106 -11.98 -5.53 42.94
N ILE B 107 -11.61 -5.39 44.21
CA ILE B 107 -11.01 -6.47 44.97
C ILE B 107 -12.06 -7.44 45.56
N GLU B 108 -13.24 -6.95 45.96
CA GLU B 108 -14.24 -7.86 46.48
C GLU B 108 -15.01 -8.58 45.38
N ARG B 109 -15.19 -7.90 44.24
CA ARG B 109 -15.72 -8.56 43.07
C ARG B 109 -14.93 -9.86 42.84
N ALA B 110 -13.61 -9.72 42.76
CA ALA B 110 -12.73 -10.86 42.56
C ALA B 110 -12.95 -11.93 43.62
N LYS B 111 -13.03 -11.49 44.88
CA LYS B 111 -13.20 -12.39 46.01
C LYS B 111 -14.48 -13.21 45.86
N LEU B 112 -15.56 -12.54 45.50
CA LEU B 112 -16.84 -13.23 45.30
C LEU B 112 -16.76 -14.23 44.15
N LEU B 113 -16.24 -13.77 43.02
CA LEU B 113 -16.05 -14.62 41.86
C LEU B 113 -15.31 -15.93 42.19
N VAL B 114 -14.22 -15.81 42.94
CA VAL B 114 -13.42 -16.97 43.30
C VAL B 114 -14.24 -17.93 44.17
N GLU B 115 -14.94 -17.37 45.15
CA GLU B 115 -15.78 -18.17 46.04
C GLU B 115 -16.83 -18.89 45.20
N ALA B 116 -17.24 -18.27 44.11
CA ALA B 116 -18.23 -18.87 43.22
C ALA B 116 -17.62 -19.97 42.34
N GLY B 117 -16.34 -20.29 42.53
CA GLY B 117 -15.73 -21.40 41.82
C GLY B 117 -15.22 -21.07 40.44
N VAL B 118 -14.97 -19.79 40.18
CA VAL B 118 -14.39 -19.35 38.91
C VAL B 118 -13.01 -19.99 38.80
N ASP B 119 -12.52 -20.23 37.60
CA ASP B 119 -11.25 -20.89 37.50
C ASP B 119 -10.10 -19.92 37.29
N VAL B 120 -10.41 -18.81 36.65
CA VAL B 120 -9.39 -17.80 36.39
C VAL B 120 -9.99 -16.41 36.48
N ILE B 121 -9.22 -15.46 36.99
CA ILE B 121 -9.64 -14.07 36.93
C ILE B 121 -8.83 -13.28 35.94
N VAL B 122 -9.56 -12.51 35.12
CA VAL B 122 -8.92 -11.68 34.13
C VAL B 122 -8.93 -10.25 34.62
N LEU B 123 -7.77 -9.80 35.09
CA LEU B 123 -7.58 -8.41 35.48
C LEU B 123 -7.27 -7.56 34.28
N ASP B 124 -8.25 -6.78 33.85
CA ASP B 124 -8.15 -5.99 32.62
C ASP B 124 -8.06 -4.49 32.77
N SER B 125 -7.27 -3.90 31.89
CA SER B 125 -7.17 -2.45 31.74
C SER B 125 -6.67 -2.12 30.35
N ALA B 126 -7.12 -1.00 29.80
CA ALA B 126 -6.54 -0.49 28.56
C ALA B 126 -5.02 -0.48 28.68
N HIS B 127 -4.52 -0.19 29.88
CA HIS B 127 -3.09 -0.11 30.01
C HIS B 127 -2.56 -0.96 31.15
N GLY B 128 -2.43 -2.26 30.90
CA GLY B 128 -1.91 -3.22 31.86
C GLY B 128 -0.66 -2.82 32.64
N HIS B 129 0.25 -2.09 32.01
CA HIS B 129 1.54 -1.84 32.63
C HIS B 129 1.51 -0.52 33.41
N SER B 130 0.63 -0.43 34.41
CA SER B 130 0.50 0.77 35.21
C SER B 130 0.57 0.45 36.70
N LEU B 131 0.78 1.48 37.52
CA LEU B 131 0.97 1.28 38.94
C LEU B 131 -0.22 0.62 39.61
N ASN B 132 -1.42 1.09 39.28
CA ASN B 132 -2.64 0.57 39.89
C ASN B 132 -2.90 -0.92 39.61
N ILE B 133 -2.67 -1.36 38.39
CA ILE B 133 -2.81 -2.79 38.09
C ILE B 133 -1.85 -3.68 38.87
N ILE B 134 -0.57 -3.30 38.90
CA ILE B 134 0.41 -4.05 39.66
C ILE B 134 -0.07 -4.23 41.09
N ARG B 135 -0.49 -3.13 41.69
CA ARG B 135 -0.99 -3.16 43.06
C ARG B 135 -2.17 -4.10 43.22
N THR B 136 -3.16 -3.95 42.35
CA THR B 136 -4.37 -4.78 42.43
C THR B 136 -3.97 -6.24 42.30
N LEU B 137 -3.02 -6.52 41.40
CA LEU B 137 -2.52 -7.87 41.22
C LEU B 137 -1.91 -8.42 42.52
N LYS B 138 -1.00 -7.67 43.13
CA LYS B 138 -0.35 -8.16 44.33
C LYS B 138 -1.34 -8.32 45.48
N GLU B 139 -2.45 -7.59 45.39
CA GLU B 139 -3.51 -7.49 46.40
C GLU B 139 -4.46 -8.69 46.35
N ILE B 140 -4.66 -9.22 45.14
CA ILE B 140 -5.46 -10.42 44.93
C ILE B 140 -4.70 -11.68 45.38
N LYS B 141 -3.47 -11.83 44.88
CA LYS B 141 -2.63 -12.97 45.21
C LYS B 141 -2.43 -13.14 46.72
N SER B 142 -2.45 -12.03 47.47
CA SER B 142 -2.22 -12.13 48.90
C SER B 142 -3.47 -12.62 49.61
N LYS B 143 -4.64 -12.22 49.11
CA LYS B 143 -5.89 -12.54 49.80
C LYS B 143 -6.63 -13.75 49.19
N MET B 144 -6.31 -14.05 47.94
CA MET B 144 -6.98 -15.09 47.16
C MET B 144 -6.08 -16.16 46.57
N ASN B 145 -6.62 -17.36 46.51
CA ASN B 145 -5.98 -18.46 45.81
C ASN B 145 -6.69 -18.66 44.46
N ILE B 146 -6.12 -18.09 43.40
CA ILE B 146 -6.71 -18.20 42.07
C ILE B 146 -5.72 -17.74 41.00
N ASP B 147 -5.78 -18.35 39.83
CA ASP B 147 -4.94 -17.85 38.76
C ASP B 147 -5.48 -16.52 38.24
N VAL B 148 -4.55 -15.61 37.95
CA VAL B 148 -4.92 -14.30 37.45
C VAL B 148 -4.26 -13.99 36.12
N ILE B 149 -5.09 -13.67 35.14
CA ILE B 149 -4.61 -13.15 33.88
C ILE B 149 -4.60 -11.61 33.94
N VAL B 150 -3.52 -10.97 33.44
CA VAL B 150 -3.37 -9.51 33.44
C VAL B 150 -3.09 -8.94 32.03
N GLY B 151 -3.72 -7.81 31.72
CA GLY B 151 -3.60 -7.15 30.42
C GLY B 151 -4.28 -5.79 30.43
N ASN B 152 -4.20 -5.06 29.31
CA ASN B 152 -3.43 -5.53 28.17
C ASN B 152 -2.09 -4.84 28.05
N VAL B 153 -1.08 -5.59 27.59
CA VAL B 153 0.23 -5.02 27.37
C VAL B 153 0.73 -5.39 25.98
N VAL B 154 1.87 -4.81 25.61
CA VAL B 154 2.48 -5.05 24.31
C VAL B 154 4.01 -4.97 24.36
N THR B 155 4.58 -4.55 25.49
CA THR B 155 6.02 -4.55 25.62
C THR B 155 6.51 -5.65 26.52
N GLU B 156 7.73 -6.04 26.26
CA GLU B 156 8.41 -7.08 27.00
C GLU B 156 8.80 -6.69 28.43
N GLU B 157 9.07 -5.42 28.67
CA GLU B 157 9.25 -5.00 30.04
C GLU B 157 7.92 -5.01 30.77
N ALA B 158 6.84 -4.70 30.08
CA ALA B 158 5.52 -4.79 30.70
C ALA B 158 5.24 -6.21 31.16
N THR B 159 5.65 -7.20 30.37
CA THR B 159 5.27 -8.55 30.69
C THR B 159 6.21 -9.12 31.75
N LYS B 160 7.46 -8.68 31.76
CA LYS B 160 8.37 -9.21 32.77
C LYS B 160 7.90 -8.76 34.13
N GLU B 161 7.40 -7.54 34.20
CA GLU B 161 7.12 -6.95 35.50
C GLU B 161 5.82 -7.53 36.05
N LEU B 162 4.85 -7.81 35.18
CA LEU B 162 3.62 -8.48 35.59
C LEU B 162 3.89 -9.90 36.09
N ILE B 163 4.73 -10.65 35.38
CA ILE B 163 5.13 -11.98 35.86
C ILE B 163 5.80 -11.94 37.24
N GLU B 164 6.76 -11.02 37.42
CA GLU B 164 7.47 -10.87 38.69
C GLU B 164 6.57 -10.58 39.87
N ASN B 165 5.42 -9.97 39.60
CA ASN B 165 4.46 -9.72 40.66
C ASN B 165 3.31 -10.72 40.73
N GLY B 166 3.45 -11.88 40.08
CA GLY B 166 2.51 -12.97 40.28
C GLY B 166 1.53 -13.30 39.15
N ALA B 167 1.63 -12.62 38.01
CA ALA B 167 0.71 -12.90 36.91
C ALA B 167 0.81 -14.36 36.44
N ASP B 168 -0.34 -14.98 36.23
CA ASP B 168 -0.41 -16.37 35.80
C ASP B 168 -0.60 -16.46 34.29
N GLY B 169 -0.83 -15.30 33.68
CA GLY B 169 -0.94 -15.20 32.25
C GLY B 169 -0.93 -13.72 31.87
N ILE B 170 -0.53 -13.43 30.64
CA ILE B 170 -0.48 -12.06 30.17
C ILE B 170 -1.27 -11.91 28.89
N LYS B 171 -2.20 -10.97 28.88
CA LYS B 171 -2.92 -10.65 27.65
C LYS B 171 -2.26 -9.52 26.90
N VAL B 172 -1.99 -9.84 25.63
CA VAL B 172 -1.34 -8.97 24.69
C VAL B 172 -2.34 -8.37 23.68
N GLY B 173 -2.26 -7.06 23.49
CA GLY B 173 -3.02 -6.38 22.45
C GLY B 173 -3.45 -4.98 22.83
N ILE B 174 -2.80 -3.98 22.23
CA ILE B 174 -3.25 -2.60 22.36
C ILE B 174 -3.56 -2.01 20.97
N GLY B 175 -4.84 -1.74 20.69
CA GLY B 175 -5.28 -1.30 19.39
C GLY B 175 -5.77 -2.29 18.32
N PRO B 176 -5.53 -3.62 18.49
CA PRO B 176 -5.83 -4.36 17.24
C PRO B 176 -7.32 -4.68 17.06
N GLY B 177 -8.14 -4.42 18.08
CA GLY B 177 -9.53 -4.83 18.04
C GLY B 177 -10.36 -4.28 16.89
N SER B 178 -11.29 -5.10 16.40
CA SER B 178 -12.21 -4.69 15.34
C SER B 178 -12.91 -3.35 15.62
N ILE B 179 -13.27 -3.12 16.87
CA ILE B 179 -13.99 -1.91 17.27
C ILE B 179 -13.13 -0.91 18.03
N CYS B 180 -11.83 -1.17 18.08
CA CYS B 180 -10.91 -0.31 18.81
C CYS B 180 -10.41 0.92 18.06
N THR B 181 -10.46 2.07 18.74
CA THR B 181 -9.98 3.31 18.15
C THR B 181 -8.81 3.93 18.94
N THR B 182 -8.26 3.20 19.90
CA THR B 182 -7.10 3.64 20.68
C THR B 182 -5.91 4.14 19.84
N ARG B 183 -5.61 3.44 18.76
CA ARG B 183 -4.48 3.83 17.93
C ARG B 183 -4.80 5.10 17.16
N ILE B 184 -6.06 5.50 17.14
CA ILE B 184 -6.40 6.69 16.37
C ILE B 184 -6.67 7.86 17.32
N VAL B 185 -7.42 7.60 18.37
CA VAL B 185 -7.72 8.57 19.40
C VAL B 185 -6.48 8.93 20.18
N ALA B 186 -5.79 7.91 20.67
CA ALA B 186 -4.60 8.16 21.48
C ALA B 186 -3.29 8.05 20.68
N GLY B 187 -3.28 7.30 19.56
CA GLY B 187 -2.11 7.24 18.70
C GLY B 187 -1.09 6.22 19.18
N VAL B 188 -1.59 5.25 19.94
CA VAL B 188 -0.78 4.32 20.69
C VAL B 188 -1.15 2.87 20.36
N GLY B 189 -0.15 2.01 20.29
CA GLY B 189 -0.39 0.60 20.08
C GLY B 189 0.82 -0.07 19.47
N VAL B 190 0.75 -1.39 19.33
CA VAL B 190 1.79 -2.14 18.60
C VAL B 190 1.13 -3.19 17.73
N PRO B 191 1.53 -3.28 16.46
CA PRO B 191 1.04 -4.34 15.56
C PRO B 191 1.08 -5.74 16.25
N GLN B 192 -0.02 -6.50 16.19
CA GLN B 192 -0.21 -7.65 17.08
C GLN B 192 0.92 -8.72 17.02
N ILE B 193 1.41 -9.06 15.83
CA ILE B 193 2.50 -10.03 15.72
C ILE B 193 3.77 -9.65 16.47
N THR B 194 4.28 -8.45 16.23
CA THR B 194 5.44 -7.91 16.93
C THR B 194 5.16 -7.87 18.45
N ALA B 195 3.94 -7.46 18.80
CA ALA B 195 3.46 -7.48 20.18
C ALA B 195 3.60 -8.89 20.82
N ILE B 196 3.00 -9.89 20.19
CA ILE B 196 3.10 -11.27 20.66
C ILE B 196 4.55 -11.78 20.69
N GLU B 197 5.33 -11.44 19.69
CA GLU B 197 6.73 -11.87 19.69
C GLU B 197 7.52 -11.34 20.86
N LYS B 198 7.36 -10.07 21.16
CA LYS B 198 8.18 -9.46 22.19
C LYS B 198 7.81 -10.02 23.56
N CYS B 199 6.52 -10.22 23.77
CA CYS B 199 6.02 -10.68 25.07
C CYS B 199 6.33 -12.17 25.31
N SER B 200 6.27 -12.96 24.24
CA SER B 200 6.66 -14.38 24.25
C SER B 200 8.11 -14.62 24.65
N SER B 201 8.98 -13.71 24.22
CA SER B 201 10.41 -13.90 24.42
C SER B 201 10.78 -13.74 25.91
N VAL B 202 9.88 -13.15 26.67
CA VAL B 202 10.06 -13.02 28.11
C VAL B 202 9.24 -14.09 28.82
N ALA B 203 7.95 -14.11 28.50
CA ALA B 203 6.99 -14.98 29.17
C ALA B 203 7.37 -16.46 29.07
N SER B 204 7.85 -16.87 27.91
CA SER B 204 8.14 -18.27 27.70
C SER B 204 9.32 -18.74 28.54
N LYS B 205 10.21 -17.83 28.93
CA LYS B 205 11.34 -18.28 29.71
C LYS B 205 10.84 -18.60 31.13
N PHE B 206 9.73 -17.98 31.52
CA PHE B 206 9.10 -18.25 32.82
C PHE B 206 8.01 -19.29 32.75
N GLY B 207 7.69 -19.80 31.56
CA GLY B 207 6.60 -20.74 31.43
C GLY B 207 5.24 -20.13 31.74
N ILE B 208 5.08 -18.86 31.39
CA ILE B 208 3.82 -18.13 31.54
C ILE B 208 3.15 -17.96 30.19
N PRO B 209 1.87 -18.35 30.11
CA PRO B 209 1.15 -18.33 28.83
C PRO B 209 0.85 -16.91 28.36
N ILE B 210 1.08 -16.66 27.06
CA ILE B 210 0.60 -15.47 26.38
C ILE B 210 -0.80 -15.70 25.77
N ILE B 211 -1.74 -14.81 26.09
CA ILE B 211 -3.03 -14.81 25.40
C ILE B 211 -2.96 -13.68 24.40
N ALA B 212 -3.12 -14.02 23.13
CA ALA B 212 -3.14 -13.00 22.10
C ALA B 212 -4.58 -12.52 21.91
N ASP B 213 -4.82 -11.27 22.29
CA ASP B 213 -6.15 -10.71 22.38
C ASP B 213 -6.45 -9.68 21.30
N GLY B 214 -7.44 -9.96 20.47
CA GLY B 214 -7.96 -8.96 19.56
C GLY B 214 -7.30 -9.07 18.21
N GLY B 215 -8.01 -8.67 17.16
CA GLY B 215 -7.42 -8.64 15.83
C GLY B 215 -7.68 -9.86 14.96
N ILE B 216 -8.20 -10.93 15.55
CA ILE B 216 -8.43 -12.16 14.79
C ILE B 216 -9.53 -11.93 13.76
N ARG B 217 -9.21 -12.10 12.48
CA ARG B 217 -10.19 -11.87 11.43
C ARG B 217 -10.56 -13.19 10.71
N TYR B 218 -9.61 -14.12 10.67
CA TYR B 218 -9.76 -15.39 10.01
C TYR B 218 -9.04 -16.46 10.82
N SER B 219 -9.35 -17.71 10.54
CA SER B 219 -8.73 -18.81 11.25
C SER B 219 -7.21 -18.85 11.07
N GLY B 220 -6.72 -18.37 9.92
CA GLY B 220 -5.29 -18.34 9.66
C GLY B 220 -4.60 -17.34 10.58
N ASP B 221 -5.37 -16.38 11.07
CA ASP B 221 -4.82 -15.44 12.03
C ASP B 221 -4.47 -16.13 13.32
N ILE B 222 -5.23 -17.16 13.67
CA ILE B 222 -5.03 -17.89 14.91
C ILE B 222 -3.72 -18.66 14.85
N GLY B 223 -3.50 -19.28 13.70
CA GLY B 223 -2.28 -20.03 13.48
C GLY B 223 -1.07 -19.13 13.59
N LYS B 224 -1.17 -17.92 13.08
CA LYS B 224 -0.08 -16.94 13.13
C LYS B 224 0.23 -16.52 14.55
N ALA B 225 -0.82 -16.19 15.30
CA ALA B 225 -0.69 -15.78 16.70
C ALA B 225 -0.02 -16.86 17.55
N LEU B 226 -0.52 -18.09 17.48
CA LEU B 226 0.09 -19.17 18.23
C LEU B 226 1.55 -19.44 17.74
N ALA B 227 1.75 -19.47 16.42
CA ALA B 227 3.05 -19.84 15.83
C ALA B 227 4.20 -18.96 16.30
N VAL B 228 3.91 -17.70 16.61
CA VAL B 228 4.95 -16.79 17.09
C VAL B 228 4.99 -16.66 18.62
N GLY B 229 4.17 -17.45 19.33
CA GLY B 229 4.30 -17.51 20.78
C GLY B 229 3.07 -17.59 21.65
N ALA B 230 1.89 -17.27 21.12
CA ALA B 230 0.70 -17.23 21.97
C ALA B 230 0.35 -18.64 22.47
N SER B 231 -0.21 -18.75 23.68
CA SER B 231 -0.79 -20.04 24.12
C SER B 231 -2.26 -20.14 23.71
N SER B 232 -2.90 -19.00 23.48
CA SER B 232 -4.28 -18.98 23.05
C SER B 232 -4.64 -17.61 22.53
N VAL B 233 -5.86 -17.49 22.00
CA VAL B 233 -6.31 -16.26 21.38
C VAL B 233 -7.67 -15.86 21.97
N MET B 234 -7.89 -14.56 22.08
CA MET B 234 -9.18 -14.03 22.53
C MET B 234 -9.93 -13.30 21.41
N ILE B 235 -11.15 -13.76 21.16
CA ILE B 235 -11.99 -13.34 20.04
C ILE B 235 -13.28 -12.62 20.45
N GLY B 236 -13.54 -11.46 19.86
CA GLY B 236 -14.80 -10.76 20.06
C GLY B 236 -15.75 -10.86 18.87
N SER B 237 -15.43 -10.12 17.81
CA SER B 237 -16.36 -9.89 16.69
C SER B 237 -16.78 -11.16 15.96
N ILE B 238 -15.91 -12.17 15.90
CA ILE B 238 -16.25 -13.40 15.21
C ILE B 238 -17.36 -14.15 15.93
N LEU B 239 -17.43 -14.01 17.26
CA LEU B 239 -18.43 -14.70 18.06
C LEU B 239 -19.62 -13.79 18.37
N ALA B 240 -19.37 -12.48 18.27
CA ALA B 240 -20.40 -11.47 18.47
C ALA B 240 -21.64 -11.75 17.61
N GLY B 241 -21.43 -12.21 16.38
CA GLY B 241 -22.53 -12.53 15.49
C GLY B 241 -23.05 -13.95 15.57
N THR B 242 -22.90 -14.59 16.72
CA THR B 242 -23.43 -15.94 16.91
C THR B 242 -24.68 -15.84 17.76
N GLU B 243 -25.51 -16.88 17.76
CA GLU B 243 -26.80 -16.75 18.45
C GLU B 243 -26.50 -16.67 19.94
N GLU B 244 -25.49 -17.41 20.38
CA GLU B 244 -25.19 -17.53 21.80
C GLU B 244 -24.65 -16.24 22.40
N SER B 245 -24.40 -15.26 21.53
CA SER B 245 -24.01 -13.90 21.94
C SER B 245 -25.15 -13.12 22.57
N PRO B 246 -24.84 -12.35 23.62
CA PRO B 246 -25.83 -11.45 24.19
C PRO B 246 -26.05 -10.22 23.31
N GLY B 247 -27.13 -9.49 23.54
CA GLY B 247 -27.56 -8.41 22.66
C GLY B 247 -28.65 -8.93 21.75
N GLU B 248 -29.42 -8.08 21.08
CA GLU B 248 -30.44 -8.62 20.18
C GLU B 248 -30.24 -8.22 18.73
N LYS B 249 -30.70 -9.09 17.85
CA LYS B 249 -30.62 -8.87 16.43
C LYS B 249 -31.50 -7.70 16.00
N GLU B 250 -31.06 -6.98 14.99
CA GLU B 250 -31.86 -5.96 14.34
C GLU B 250 -31.60 -6.07 12.86
N LEU B 251 -32.56 -5.65 12.05
CA LEU B 251 -32.45 -5.82 10.62
C LEU B 251 -32.55 -4.48 9.91
N ILE B 252 -31.65 -4.24 8.96
CA ILE B 252 -31.69 -3.00 8.19
C ILE B 252 -32.15 -3.24 6.75
N GLY B 253 -31.82 -4.40 6.21
CA GLY B 253 -32.02 -4.69 4.80
C GLY B 253 -32.52 -6.10 4.50
N ASP B 254 -31.81 -6.80 3.63
CA ASP B 254 -32.07 -8.21 3.35
C ASP B 254 -31.62 -9.06 4.54
N THR B 255 -30.48 -8.69 5.09
CA THR B 255 -29.79 -9.49 6.08
C THR B 255 -29.96 -8.89 7.47
N VAL B 256 -29.75 -9.71 8.49
CA VAL B 256 -29.90 -9.28 9.87
C VAL B 256 -28.54 -9.22 10.58
N TYR B 257 -28.34 -8.14 11.32
CA TYR B 257 -27.08 -7.93 12.02
C TYR B 257 -27.31 -7.92 13.52
N LYS B 258 -26.26 -8.25 14.26
CA LYS B 258 -26.39 -8.33 15.70
C LYS B 258 -25.37 -7.34 16.26
N TYR B 259 -25.75 -6.54 17.25
CA TYR B 259 -24.91 -5.42 17.68
C TYR B 259 -23.66 -5.78 18.49
N TYR B 260 -22.53 -5.26 18.05
CA TYR B 260 -21.23 -5.45 18.70
C TYR B 260 -20.61 -4.08 18.96
N ARG B 261 -20.18 -3.83 20.20
CA ARG B 261 -19.64 -2.52 20.57
C ARG B 261 -18.43 -2.69 21.47
N GLY B 262 -17.56 -1.68 21.51
CA GLY B 262 -16.44 -1.71 22.43
C GLY B 262 -16.91 -1.59 23.85
N MET B 263 -16.05 -1.92 24.81
CA MET B 263 -16.38 -1.66 26.19
C MET B 263 -15.98 -0.23 26.49
N GLY B 264 -15.07 0.29 25.69
CA GLY B 264 -14.68 1.68 25.77
C GLY B 264 -15.58 2.61 24.97
N SER B 265 -16.71 2.10 24.50
CA SER B 265 -17.64 2.94 23.76
C SER B 265 -18.56 3.64 24.75
N VAL B 266 -19.24 4.68 24.27
CA VAL B 266 -20.04 5.53 25.15
C VAL B 266 -21.23 4.77 25.73
N GLY B 267 -21.84 3.91 24.94
CA GLY B 267 -22.92 3.10 25.45
C GLY B 267 -22.42 2.10 26.46
N ALA B 268 -21.24 1.55 26.20
CA ALA B 268 -20.64 0.61 27.11
C ALA B 268 -20.29 1.25 28.45
N MET B 269 -19.86 2.51 28.42
CA MET B 269 -19.49 3.17 29.65
C MET B 269 -20.71 3.80 30.30
N LYS B 270 -21.74 4.03 29.48
CA LYS B 270 -23.05 4.42 29.97
C LYS B 270 -23.58 3.27 30.82
N SER B 271 -23.35 2.07 30.31
CA SER B 271 -23.65 0.84 31.02
C SER B 271 -24.98 0.21 30.61
N ASN B 285 -22.07 12.92 29.31
CA ASN B 285 -21.29 12.43 28.18
C ASN B 285 -20.10 13.33 27.86
N LYS B 286 -19.34 13.64 28.91
CA LYS B 286 -18.14 14.43 28.83
C LYS B 286 -16.97 13.43 28.72
N MET B 287 -17.19 12.39 27.92
CA MET B 287 -16.28 11.26 27.83
C MET B 287 -15.49 11.27 26.53
N VAL B 288 -14.30 10.66 26.56
CA VAL B 288 -13.46 10.52 25.37
C VAL B 288 -13.23 9.03 25.01
N PRO B 289 -14.07 8.49 24.13
CA PRO B 289 -14.11 7.04 23.91
C PRO B 289 -12.95 6.46 23.08
N GLU B 290 -12.63 5.20 23.32
CA GLU B 290 -11.60 4.53 22.55
C GLU B 290 -12.20 3.27 21.92
N GLY B 291 -13.52 3.28 21.81
CA GLY B 291 -14.24 2.19 21.20
C GLY B 291 -15.46 2.79 20.53
N ILE B 292 -16.01 2.08 19.55
CA ILE B 292 -17.21 2.53 18.83
C ILE B 292 -18.35 1.53 18.95
N GLU B 293 -19.49 1.87 18.36
CA GLU B 293 -20.68 1.01 18.44
C GLU B 293 -21.08 0.57 17.05
N GLY B 294 -21.12 -0.74 16.83
CA GLY B 294 -21.32 -1.27 15.49
C GLY B 294 -22.26 -2.46 15.36
N ARG B 295 -22.15 -3.15 14.24
CA ARG B 295 -23.02 -4.27 13.95
C ARG B 295 -22.18 -5.31 13.21
N VAL B 296 -22.56 -6.57 13.29
CA VAL B 296 -21.87 -7.65 12.56
C VAL B 296 -22.92 -8.62 12.03
N LYS B 297 -22.66 -9.25 10.89
CA LYS B 297 -23.52 -10.33 10.38
C LYS B 297 -23.85 -11.34 11.46
N TYR B 298 -25.14 -11.66 11.55
CA TYR B 298 -25.60 -12.79 12.34
C TYR B 298 -25.20 -14.05 11.57
N LYS B 299 -24.34 -14.86 12.19
CA LYS B 299 -23.87 -16.10 11.59
C LYS B 299 -24.38 -17.36 12.30
N GLY B 300 -25.51 -17.21 12.99
CA GLY B 300 -26.16 -18.35 13.62
C GLY B 300 -25.35 -18.98 14.73
N GLU B 301 -25.37 -20.31 14.81
CA GLU B 301 -24.81 -20.99 15.97
C GLU B 301 -23.28 -20.97 16.01
N MET B 302 -22.76 -20.81 17.20
CA MET B 302 -21.33 -20.64 17.41
C MET B 302 -20.55 -21.91 17.07
N GLU B 303 -21.19 -23.06 17.23
CA GLU B 303 -20.50 -24.33 17.09
C GLU B 303 -19.94 -24.43 15.69
N GLY B 304 -20.75 -23.98 14.73
CA GLY B 304 -20.32 -23.95 13.34
C GLY B 304 -19.21 -22.94 13.15
N VAL B 305 -19.36 -21.77 13.75
CA VAL B 305 -18.35 -20.74 13.68
C VAL B 305 -17.02 -21.25 14.20
N VAL B 306 -17.02 -21.73 15.44
CA VAL B 306 -15.83 -22.29 16.07
C VAL B 306 -15.31 -23.52 15.35
N TYR B 307 -16.21 -24.36 14.83
CA TYR B 307 -15.78 -25.59 14.17
C TYR B 307 -14.74 -25.27 13.10
N GLN B 308 -15.00 -24.24 12.30
CA GLN B 308 -14.06 -23.94 11.22
C GLN B 308 -12.90 -23.06 11.62
N LEU B 309 -12.94 -22.44 12.80
CA LEU B 309 -11.73 -21.82 13.30
C LEU B 309 -10.72 -22.89 13.64
N VAL B 310 -11.19 -23.89 14.37
CA VAL B 310 -10.36 -24.99 14.79
C VAL B 310 -9.79 -25.74 13.60
N GLY B 311 -10.63 -25.95 12.58
CA GLY B 311 -10.19 -26.60 11.36
C GLY B 311 -9.10 -25.83 10.61
N GLY B 312 -9.22 -24.51 10.60
CA GLY B 312 -8.19 -23.68 9.98
C GLY B 312 -6.85 -23.85 10.69
N LEU B 313 -6.89 -23.81 12.02
CA LEU B 313 -5.69 -23.99 12.81
C LEU B 313 -5.04 -25.35 12.56
N ARG B 314 -5.82 -26.42 12.69
CA ARG B 314 -5.36 -27.76 12.37
C ARG B 314 -4.70 -27.80 11.00
N SER B 315 -5.38 -27.24 10.01
CA SER B 315 -4.84 -27.16 8.65
C SER B 315 -3.45 -26.50 8.66
N CYS B 316 -3.34 -25.37 9.37
CA CYS B 316 -2.06 -24.68 9.55
C CYS B 316 -0.99 -25.56 10.14
N MET B 317 -1.27 -26.07 11.33
CA MET B 317 -0.35 -26.92 12.07
C MET B 317 0.00 -28.15 11.27
N GLY B 318 -0.93 -28.59 10.43
CA GLY B 318 -0.67 -29.66 9.48
C GLY B 318 0.41 -29.19 8.50
N TYR B 319 0.20 -28.03 7.90
CA TYR B 319 1.22 -27.52 7.00
C TYR B 319 2.58 -27.31 7.64
N LEU B 320 2.62 -27.05 8.94
CA LEU B 320 3.90 -26.80 9.62
C LEU B 320 4.45 -28.05 10.32
N GLY B 321 3.85 -29.20 10.03
CA GLY B 321 4.32 -30.46 10.56
C GLY B 321 4.31 -30.53 12.08
N SER B 322 3.49 -29.70 12.69
CA SER B 322 3.51 -29.57 14.15
C SER B 322 2.29 -30.24 14.75
N ALA B 323 2.51 -31.23 15.60
CA ALA B 323 1.41 -32.00 16.20
C ALA B 323 0.93 -31.41 17.55
N SER B 324 1.60 -30.36 18.00
CA SER B 324 1.15 -29.62 19.17
C SER B 324 1.66 -28.20 19.06
N ILE B 325 1.14 -27.33 19.90
CA ILE B 325 1.51 -25.94 19.88
C ILE B 325 2.99 -25.82 20.28
N GLU B 326 3.41 -26.71 21.17
CA GLU B 326 4.82 -26.85 21.55
C GLU B 326 5.74 -26.91 20.35
N GLU B 327 5.42 -27.82 19.43
CA GLU B 327 6.25 -28.09 18.25
C GLU B 327 6.04 -26.98 17.23
N LEU B 328 4.83 -26.45 17.20
CA LEU B 328 4.56 -25.28 16.40
C LEU B 328 5.55 -24.15 16.76
N TRP B 329 5.71 -23.91 18.07
CA TRP B 329 6.68 -22.93 18.58
C TRP B 329 8.11 -23.20 18.14
N LYS B 330 8.53 -24.47 18.24
CA LYS B 330 9.86 -24.85 17.82
C LYS B 330 10.07 -24.71 16.32
N LYS B 331 9.10 -25.19 15.54
CA LYS B 331 9.29 -25.32 14.08
C LYS B 331 8.84 -24.17 13.17
N SER B 332 8.14 -23.16 13.68
CA SER B 332 7.55 -22.17 12.76
C SER B 332 8.50 -21.08 12.27
N SER B 333 8.31 -20.69 11.02
CA SER B 333 8.99 -19.54 10.47
C SER B 333 7.99 -18.77 9.61
N TYR B 334 8.26 -17.48 9.33
CA TYR B 334 7.41 -16.69 8.41
C TYR B 334 8.16 -15.72 7.49
N VAL B 335 7.53 -15.38 6.38
CA VAL B 335 8.00 -14.32 5.51
C VAL B 335 7.08 -13.12 5.69
N GLU B 336 7.64 -11.91 5.51
CA GLU B 336 6.90 -10.65 5.31
C GLU B 336 6.40 -10.57 3.87
N ILE B 337 5.24 -9.97 3.67
CA ILE B 337 4.71 -9.77 2.34
C ILE B 337 4.27 -8.31 2.19
N THR B 338 4.17 -7.85 0.95
CA THR B 338 3.75 -6.49 0.62
C THR B 338 2.24 -6.49 0.50
N THR B 339 1.63 -5.33 0.26
CA THR B 339 0.17 -5.35 0.12
C THR B 339 -0.25 -6.10 -1.17
N SER B 340 0.62 -6.12 -2.18
CA SER B 340 0.38 -6.90 -3.41
C SER B 340 0.51 -8.41 -3.20
N GLY B 341 1.31 -8.80 -2.21
CA GLY B 341 1.37 -10.20 -1.81
C GLY B 341 0.08 -10.58 -1.09
N LEU B 342 -0.53 -9.61 -0.43
CA LEU B 342 -1.78 -9.85 0.28
C LEU B 342 -2.93 -9.94 -0.74
N ARG B 343 -2.81 -9.16 -1.81
CA ARG B 343 -3.78 -9.23 -2.90
C ARG B 343 -3.72 -10.62 -3.55
N GLU B 344 -2.54 -11.25 -3.50
CA GLU B 344 -2.36 -12.59 -4.06
C GLU B 344 -3.05 -13.65 -3.20
N SER B 345 -2.85 -13.48 -1.89
CA SER B 345 -3.29 -14.42 -0.85
C SER B 345 -4.81 -14.52 -0.77
N HIS B 346 -5.48 -13.37 -0.86
CA HIS B 346 -6.94 -13.38 -1.03
C HIS B 346 -7.37 -13.91 -2.39
N VAL B 347 -8.68 -14.11 -2.52
CA VAL B 347 -9.27 -14.38 -3.80
C VAL B 347 -9.08 -13.14 -4.67
N HIS B 348 -8.58 -13.36 -5.88
CA HIS B 348 -8.42 -12.29 -6.84
C HIS B 348 -8.93 -12.70 -8.21
N ASP B 349 -9.67 -11.79 -8.83
CA ASP B 349 -10.04 -11.82 -10.26
C ASP B 349 -11.20 -12.76 -10.56
N VAL B 350 -11.79 -13.31 -9.50
CA VAL B 350 -12.92 -14.22 -9.63
C VAL B 350 -14.06 -13.76 -8.73
N GLU B 351 -15.26 -13.71 -9.28
CA GLU B 351 -16.42 -13.26 -8.52
C GLU B 351 -17.01 -14.46 -7.78
N ILE B 352 -17.19 -14.33 -6.47
CA ILE B 352 -17.57 -15.46 -5.62
C ILE B 352 -19.06 -15.77 -5.71
N VAL B 353 -19.40 -16.98 -6.16
CA VAL B 353 -20.80 -17.34 -6.38
C VAL B 353 -21.55 -17.69 -5.08
N LYS B 354 -20.98 -18.50 -4.20
CA LYS B 354 -21.75 -18.79 -2.99
C LYS B 354 -20.92 -18.70 -1.70
N GLU B 355 -21.65 -18.37 -0.64
CA GLU B 355 -21.13 -18.14 0.71
C GLU B 355 -20.26 -19.26 1.26
N VAL B 356 -19.24 -18.83 2.01
CA VAL B 356 -18.34 -19.70 2.78
C VAL B 356 -18.02 -19.01 4.10
N MET B 357 -18.29 -19.70 5.21
CA MET B 357 -18.16 -19.11 6.53
C MET B 357 -16.67 -18.87 6.90
N ASN B 358 -15.77 -19.72 6.40
CA ASN B 358 -14.33 -19.39 6.35
C ASN B 358 -13.94 -18.03 5.84
N TYR B 359 -14.75 -17.46 4.96
CA TYR B 359 -14.22 -16.41 4.12
C TYR B 359 -15.36 -15.52 3.63
N SER B 360 -15.93 -14.74 4.54
CA SER B 360 -17.05 -13.86 4.24
C SER B 360 -16.86 -12.48 4.85
N ALA C 3 12.20 -4.06 16.73
CA ALA C 3 10.85 -4.58 16.83
C ALA C 3 10.66 -5.71 15.82
N MET C 4 11.76 -6.44 15.55
CA MET C 4 11.80 -7.58 14.60
C MET C 4 12.23 -8.93 15.17
N GLY C 5 11.43 -9.94 14.83
CA GLY C 5 11.45 -11.25 15.43
C GLY C 5 12.29 -12.33 14.78
N THR C 6 12.72 -13.27 15.61
CA THR C 6 13.64 -14.31 15.20
C THR C 6 13.09 -15.21 14.09
N LYS C 7 11.77 -15.35 14.01
CA LYS C 7 11.15 -16.24 13.02
C LYS C 7 10.90 -15.62 11.64
N ASN C 8 11.30 -14.36 11.47
CA ASN C 8 11.17 -13.65 10.19
C ASN C 8 12.32 -14.04 9.31
N ILE C 9 12.07 -14.78 8.23
CA ILE C 9 13.20 -15.23 7.43
C ILE C 9 13.37 -14.42 6.15
N GLY C 10 12.65 -13.30 6.05
CA GLY C 10 12.85 -12.39 4.93
C GLY C 10 11.55 -11.92 4.32
N LYS C 11 11.66 -11.06 3.32
CA LYS C 11 10.52 -10.55 2.56
C LYS C 11 10.25 -11.38 1.30
N GLY C 12 8.99 -11.79 1.12
CA GLY C 12 8.59 -12.60 -0.02
C GLY C 12 7.86 -11.79 -1.08
N LEU C 13 8.15 -12.05 -2.35
CA LEU C 13 7.69 -11.19 -3.42
C LEU C 13 6.77 -11.94 -4.41
N THR C 14 5.69 -11.28 -4.83
CA THR C 14 4.78 -11.83 -5.84
C THR C 14 5.13 -11.21 -7.19
N PHE C 15 4.40 -11.60 -8.26
CA PHE C 15 4.60 -11.06 -9.60
C PHE C 15 4.41 -9.55 -9.65
N GLU C 16 3.35 -9.04 -9.02
CA GLU C 16 3.08 -7.62 -9.00
C GLU C 16 4.15 -6.83 -8.23
N ASP C 17 5.03 -7.52 -7.52
CA ASP C 17 6.09 -6.88 -6.74
C ASP C 17 7.34 -6.57 -7.58
N ILE C 18 7.47 -7.19 -8.74
CA ILE C 18 8.69 -7.02 -9.53
C ILE C 18 8.43 -6.58 -10.96
N LEU C 19 9.46 -5.98 -11.57
CA LEU C 19 9.52 -5.76 -13.01
C LEU C 19 10.81 -6.30 -13.56
N LEU C 20 10.73 -6.87 -14.76
CA LEU C 20 11.90 -7.36 -15.48
C LEU C 20 12.62 -6.21 -16.17
N VAL C 21 13.95 -6.22 -16.10
CA VAL C 21 14.82 -5.20 -16.66
C VAL C 21 15.28 -5.51 -18.09
N PRO C 22 14.96 -4.64 -19.06
CA PRO C 22 15.33 -4.86 -20.47
C PRO C 22 16.82 -5.09 -20.64
N ASN C 23 17.21 -5.93 -21.60
CA ASN C 23 18.62 -6.22 -21.90
C ASN C 23 19.01 -5.78 -23.29
N TYR C 24 20.30 -5.68 -23.58
CA TYR C 24 20.69 -5.55 -24.97
C TYR C 24 20.16 -6.71 -25.78
N SER C 25 19.53 -6.40 -26.90
CA SER C 25 18.83 -7.41 -27.66
C SER C 25 19.12 -7.38 -29.14
N GLU C 26 19.27 -8.57 -29.71
CA GLU C 26 19.34 -8.70 -31.15
C GLU C 26 18.39 -9.81 -31.63
N VAL C 27 17.35 -10.06 -30.83
CA VAL C 27 16.35 -11.05 -31.19
C VAL C 27 14.97 -10.39 -31.25
N LEU C 28 14.20 -10.72 -32.27
CA LEU C 28 12.84 -10.22 -32.37
C LEU C 28 11.92 -11.13 -31.60
N PRO C 29 10.76 -10.61 -31.17
CA PRO C 29 9.77 -11.51 -30.55
C PRO C 29 9.38 -12.70 -31.44
N ARG C 30 9.40 -12.53 -32.75
N ARG C 30 9.37 -12.50 -32.76
CA ARG C 30 9.01 -13.63 -33.65
CA ARG C 30 9.11 -13.57 -33.73
C ARG C 30 10.08 -14.72 -33.73
C ARG C 30 10.04 -14.76 -33.53
N GLU C 31 11.29 -14.42 -33.27
CA GLU C 31 12.41 -15.34 -33.40
C GLU C 31 12.63 -16.21 -32.20
N VAL C 32 11.95 -15.86 -31.13
CA VAL C 32 12.20 -16.52 -29.87
C VAL C 32 11.77 -17.97 -29.88
N SER C 33 12.69 -18.83 -29.42
CA SER C 33 12.37 -20.23 -29.11
C SER C 33 11.63 -20.38 -27.77
N LEU C 34 10.46 -21.00 -27.79
CA LEU C 34 9.69 -21.15 -26.56
C LEU C 34 9.65 -22.57 -26.02
N GLU C 35 10.41 -23.45 -26.65
CA GLU C 35 10.50 -24.84 -26.24
C GLU C 35 10.99 -24.95 -24.81
N THR C 36 10.63 -26.03 -24.16
CA THR C 36 10.93 -26.18 -22.75
C THR C 36 10.74 -27.61 -22.29
N LYS C 37 11.34 -27.93 -21.16
CA LYS C 37 11.17 -29.26 -20.61
C LYS C 37 10.04 -29.23 -19.61
N LEU C 38 9.03 -30.06 -19.82
CA LEU C 38 7.98 -30.25 -18.85
C LEU C 38 8.55 -31.03 -17.65
N THR C 39 8.95 -32.27 -17.91
CA THR C 39 9.71 -33.05 -16.94
C THR C 39 11.08 -33.31 -17.50
N LYS C 40 11.82 -34.20 -16.84
CA LYS C 40 13.19 -34.45 -17.23
C LYS C 40 13.23 -35.10 -18.61
N ASN C 41 12.19 -35.86 -18.94
CA ASN C 41 12.18 -36.64 -20.17
C ASN C 41 11.10 -36.17 -21.17
N VAL C 42 10.12 -35.42 -20.70
CA VAL C 42 9.12 -34.87 -21.59
C VAL C 42 9.43 -33.42 -21.95
N SER C 43 9.37 -33.11 -23.24
CA SER C 43 9.54 -31.74 -23.74
C SER C 43 8.24 -31.11 -24.25
N LEU C 44 8.24 -29.79 -24.35
CA LEU C 44 7.09 -29.03 -24.85
C LEU C 44 7.62 -27.97 -25.82
N LYS C 45 6.76 -27.44 -26.69
CA LYS C 45 7.17 -26.31 -27.52
C LYS C 45 6.69 -24.93 -27.01
N ILE C 46 5.64 -24.89 -26.20
CA ILE C 46 5.35 -23.69 -25.40
C ILE C 46 5.25 -24.11 -23.92
N PRO C 47 5.70 -23.24 -23.02
CA PRO C 47 5.79 -23.56 -21.60
C PRO C 47 4.47 -23.45 -20.82
N LEU C 48 3.36 -23.80 -21.45
CA LEU C 48 2.06 -23.64 -20.80
C LEU C 48 1.43 -24.99 -20.50
N ILE C 49 0.75 -25.05 -19.35
CA ILE C 49 0.10 -26.26 -18.85
C ILE C 49 -1.28 -25.85 -18.29
N SER C 50 -2.36 -26.52 -18.70
CA SER C 50 -3.65 -26.18 -18.10
C SER C 50 -3.87 -26.94 -16.79
N SER C 51 -4.44 -26.26 -15.80
CA SER C 51 -4.55 -26.81 -14.46
C SER C 51 -5.38 -28.07 -14.35
N ALA C 52 -5.06 -28.92 -13.37
CA ALA C 52 -5.80 -30.18 -13.17
C ALA C 52 -7.04 -29.91 -12.33
N MET C 53 -8.00 -29.20 -12.93
CA MET C 53 -9.20 -28.77 -12.22
C MET C 53 -10.44 -29.20 -13.00
N ASP C 54 -11.53 -29.50 -12.30
CA ASP C 54 -12.72 -30.02 -12.97
C ASP C 54 -13.46 -28.95 -13.78
N THR C 55 -13.16 -27.69 -13.50
CA THR C 55 -13.73 -26.58 -14.26
C THR C 55 -12.73 -25.96 -15.21
N VAL C 56 -11.63 -26.66 -15.48
CA VAL C 56 -10.65 -26.15 -16.42
C VAL C 56 -10.33 -27.20 -17.47
N THR C 57 -9.75 -28.33 -17.05
CA THR C 57 -9.18 -29.27 -18.02
C THR C 57 -9.85 -30.64 -18.14
N GLU C 58 -10.53 -30.88 -19.26
CA GLU C 58 -10.82 -32.25 -19.64
C GLU C 58 -10.24 -32.46 -21.04
N HIS C 59 -10.80 -33.41 -21.81
CA HIS C 59 -10.08 -33.87 -22.99
C HIS C 59 -9.99 -32.73 -23.99
N LEU C 60 -11.05 -31.94 -24.08
CA LEU C 60 -11.12 -30.91 -25.10
C LEU C 60 -10.08 -29.82 -24.81
N MET C 61 -9.85 -29.53 -23.54
CA MET C 61 -8.80 -28.58 -23.16
C MET C 61 -7.41 -29.13 -23.42
N ALA C 62 -7.19 -30.39 -23.07
CA ALA C 62 -5.90 -31.03 -23.33
C ALA C 62 -5.54 -31.05 -24.82
N VAL C 63 -6.47 -31.51 -25.67
CA VAL C 63 -6.21 -31.53 -27.12
C VAL C 63 -5.84 -30.15 -27.61
N GLY C 64 -6.60 -29.16 -27.18
CA GLY C 64 -6.32 -27.77 -27.51
C GLY C 64 -4.95 -27.35 -27.03
N MET C 65 -4.60 -27.72 -25.80
CA MET C 65 -3.29 -27.38 -25.26
C MET C 65 -2.19 -28.07 -26.04
N ALA C 66 -2.34 -29.36 -26.26
CA ALA C 66 -1.33 -30.16 -26.90
C ALA C 66 -1.08 -29.71 -28.34
N ARG C 67 -2.12 -29.26 -29.05
CA ARG C 67 -1.94 -28.87 -30.45
C ARG C 67 -1.22 -27.53 -30.53
N LEU C 68 -1.30 -26.73 -29.48
CA LEU C 68 -0.63 -25.43 -29.50
C LEU C 68 0.77 -25.54 -28.95
N GLY C 69 1.21 -26.76 -28.65
CA GLY C 69 2.55 -26.97 -28.14
C GLY C 69 2.66 -27.13 -26.63
N GLY C 70 1.55 -26.92 -25.92
CA GLY C 70 1.51 -27.06 -24.48
C GLY C 70 1.02 -28.45 -24.09
N ILE C 71 0.28 -28.52 -23.00
CA ILE C 71 -0.21 -29.81 -22.52
C ILE C 71 -1.27 -29.55 -21.45
N GLY C 72 -2.20 -30.48 -21.30
CA GLY C 72 -3.24 -30.35 -20.28
C GLY C 72 -3.21 -31.51 -19.32
N ILE C 73 -3.58 -31.26 -18.08
CA ILE C 73 -3.61 -32.28 -17.04
C ILE C 73 -5.06 -32.60 -16.71
N ILE C 74 -5.61 -33.69 -17.24
CA ILE C 74 -6.96 -34.12 -16.84
C ILE C 74 -7.06 -34.31 -15.32
N HIS C 75 -8.13 -33.78 -14.73
CA HIS C 75 -8.31 -33.76 -13.28
C HIS C 75 -8.74 -35.13 -12.77
N LYS C 76 -8.60 -35.33 -11.46
CA LYS C 76 -8.90 -36.61 -10.84
C LYS C 76 -10.26 -36.60 -10.15
N ASN C 77 -11.05 -35.56 -10.37
CA ASN C 77 -12.40 -35.55 -9.81
C ASN C 77 -13.40 -36.29 -10.70
N MET C 78 -13.16 -37.59 -10.84
CA MET C 78 -14.02 -38.47 -11.58
C MET C 78 -13.56 -39.88 -11.25
N ASP C 79 -14.32 -40.89 -11.66
CA ASP C 79 -13.85 -42.27 -11.51
C ASP C 79 -12.59 -42.54 -12.32
N MET C 80 -11.84 -43.54 -11.87
CA MET C 80 -10.52 -43.89 -12.42
C MET C 80 -10.48 -44.00 -13.93
N GLU C 81 -11.31 -44.86 -14.49
CA GLU C 81 -11.13 -45.08 -15.92
C GLU C 81 -12.15 -44.36 -16.80
N SER C 82 -12.90 -43.43 -16.22
CA SER C 82 -13.39 -42.33 -17.03
C SER C 82 -12.29 -41.29 -17.20
N GLN C 83 -11.30 -41.32 -16.29
CA GLN C 83 -10.14 -40.46 -16.46
C GLN C 83 -9.31 -41.06 -17.60
N VAL C 84 -9.21 -42.39 -17.58
CA VAL C 84 -8.55 -43.13 -18.65
C VAL C 84 -9.16 -42.85 -20.02
N ASN C 85 -10.48 -42.74 -20.09
CA ASN C 85 -11.15 -42.44 -21.36
C ASN C 85 -10.77 -41.07 -21.88
N GLU C 86 -10.64 -40.11 -20.97
CA GLU C 86 -10.21 -38.75 -21.32
C GLU C 86 -8.82 -38.79 -21.95
N VAL C 87 -7.89 -39.51 -21.31
CA VAL C 87 -6.53 -39.60 -21.83
C VAL C 87 -6.48 -40.44 -23.12
N LEU C 88 -7.37 -41.41 -23.25
CA LEU C 88 -7.45 -42.16 -24.51
C LEU C 88 -7.94 -41.27 -25.64
N LYS C 89 -8.89 -40.38 -25.34
CA LYS C 89 -9.40 -39.47 -26.35
C LYS C 89 -8.28 -38.57 -26.90
N VAL C 90 -7.60 -37.87 -25.99
CA VAL C 90 -6.54 -36.92 -26.38
C VAL C 90 -5.45 -37.58 -27.25
N LYS C 91 -4.96 -38.74 -26.81
CA LYS C 91 -3.80 -39.35 -27.46
C LYS C 91 -4.16 -40.34 -28.59
N ASN C 92 -5.43 -40.69 -28.74
CA ASN C 92 -5.85 -41.29 -30.00
C ASN C 92 -5.96 -40.20 -31.05
N SER C 93 -6.08 -38.97 -30.54
CA SER C 93 -6.31 -37.78 -31.37
C SER C 93 -5.03 -37.11 -31.82
N GLY C 94 -4.41 -37.63 -32.88
CA GLY C 94 -3.18 -37.08 -33.39
C GLY C 94 -1.96 -37.50 -32.58
N GLY C 95 -2.15 -38.46 -31.68
CA GLY C 95 -1.06 -38.98 -30.88
C GLY C 95 -0.49 -37.87 -30.03
N LEU C 96 -1.32 -36.86 -29.79
CA LEU C 96 -0.89 -35.76 -28.95
C LEU C 96 -0.43 -36.24 -27.58
N ARG C 97 0.53 -35.49 -27.03
CA ARG C 97 1.16 -35.68 -25.71
C ARG C 97 0.28 -35.03 -24.59
N VAL C 98 -0.09 -35.82 -23.57
CA VAL C 98 -1.04 -35.40 -22.51
C VAL C 98 -0.68 -35.91 -21.10
N GLY C 99 -1.21 -35.23 -20.07
CA GLY C 99 -0.97 -35.58 -18.68
C GLY C 99 -2.22 -35.91 -17.87
N ALA C 100 -2.04 -36.47 -16.67
CA ALA C 100 -3.14 -36.74 -15.76
C ALA C 100 -2.71 -36.60 -14.29
N ALA C 101 -3.64 -36.16 -13.44
CA ALA C 101 -3.39 -35.99 -12.00
C ALA C 101 -3.91 -37.15 -11.14
N ILE C 102 -3.18 -37.46 -10.06
CA ILE C 102 -3.65 -38.44 -9.07
C ILE C 102 -3.33 -37.94 -7.66
N GLY C 103 -4.03 -38.51 -6.67
CA GLY C 103 -3.87 -38.09 -5.28
C GLY C 103 -2.94 -39.00 -4.49
N VAL C 104 -2.74 -38.69 -3.21
CA VAL C 104 -1.95 -39.54 -2.33
C VAL C 104 -2.45 -40.99 -2.37
N ASN C 105 -1.51 -41.93 -2.52
CA ASN C 105 -1.80 -43.38 -2.51
C ASN C 105 -2.73 -43.91 -3.61
N GLU C 106 -3.03 -43.10 -4.61
CA GLU C 106 -3.87 -43.55 -5.71
C GLU C 106 -3.03 -44.31 -6.75
N ILE C 107 -2.34 -45.35 -6.28
CA ILE C 107 -1.46 -46.16 -7.12
C ILE C 107 -2.15 -46.91 -8.27
N GLU C 108 -3.31 -47.49 -7.98
CA GLU C 108 -4.05 -48.19 -9.02
C GLU C 108 -4.42 -47.23 -10.15
N ARG C 109 -4.99 -46.08 -9.80
CA ARG C 109 -5.35 -45.05 -10.79
C ARG C 109 -4.20 -44.72 -11.73
N ALA C 110 -3.03 -44.51 -11.16
CA ALA C 110 -1.84 -44.17 -11.92
C ALA C 110 -1.43 -45.24 -12.93
N LYS C 111 -1.40 -46.50 -12.51
CA LYS C 111 -1.01 -47.60 -13.40
C LYS C 111 -1.91 -47.63 -14.61
N LEU C 112 -3.22 -47.48 -14.37
CA LEU C 112 -4.19 -47.45 -15.46
C LEU C 112 -3.88 -46.33 -16.46
N LEU C 113 -3.66 -45.13 -15.95
CA LEU C 113 -3.40 -43.96 -16.77
C LEU C 113 -2.17 -44.21 -17.64
N VAL C 114 -1.15 -44.84 -17.02
CA VAL C 114 0.11 -45.13 -17.70
C VAL C 114 -0.12 -46.05 -18.88
N GLU C 115 -0.99 -47.04 -18.70
CA GLU C 115 -1.12 -48.05 -19.72
C GLU C 115 -2.06 -47.52 -20.78
N ALA C 116 -2.82 -46.51 -20.38
CA ALA C 116 -3.63 -45.74 -21.30
C ALA C 116 -2.75 -44.80 -22.13
N GLY C 117 -1.46 -44.76 -21.82
CA GLY C 117 -0.51 -44.01 -22.59
C GLY C 117 -0.23 -42.60 -22.10
N VAL C 118 -0.65 -42.28 -20.87
CA VAL C 118 -0.47 -40.92 -20.37
C VAL C 118 1.04 -40.66 -20.34
N ASP C 119 1.43 -39.43 -20.60
CA ASP C 119 2.84 -39.11 -20.78
C ASP C 119 3.50 -38.57 -19.50
N VAL C 120 2.69 -37.98 -18.63
CA VAL C 120 3.20 -37.55 -17.34
C VAL C 120 2.09 -37.72 -16.31
N ILE C 121 2.48 -38.16 -15.11
CA ILE C 121 1.57 -38.14 -13.99
C ILE C 121 1.91 -37.03 -13.03
N VAL C 122 0.90 -36.25 -12.68
CA VAL C 122 1.05 -35.20 -11.70
C VAL C 122 0.54 -35.74 -10.36
N LEU C 123 1.46 -36.02 -9.47
CA LEU C 123 1.13 -36.38 -8.10
C LEU C 123 0.99 -35.11 -7.28
N ASP C 124 -0.25 -34.67 -7.10
CA ASP C 124 -0.47 -33.40 -6.47
C ASP C 124 -1.07 -33.51 -5.08
N SER C 125 -0.85 -32.46 -4.28
CA SER C 125 -1.29 -32.39 -2.90
C SER C 125 -1.21 -30.97 -2.36
N ALA C 126 -2.10 -30.63 -1.43
CA ALA C 126 -2.06 -29.32 -0.77
C ALA C 126 -0.68 -29.08 -0.22
N HIS C 127 -0.01 -30.16 0.16
CA HIS C 127 1.28 -30.05 0.82
C HIS C 127 2.18 -31.19 0.37
N GLY C 128 2.90 -30.94 -0.71
CA GLY C 128 3.75 -31.95 -1.32
C GLY C 128 4.87 -32.46 -0.42
N HIS C 129 5.34 -31.62 0.49
CA HIS C 129 6.51 -32.02 1.27
C HIS C 129 6.00 -32.79 2.48
N SER C 130 5.40 -33.96 2.21
CA SER C 130 4.78 -34.76 3.25
C SER C 130 5.11 -36.23 3.05
N LEU C 131 5.11 -36.97 4.15
CA LEU C 131 5.47 -38.38 4.14
C LEU C 131 4.59 -39.21 3.19
N ASN C 132 3.28 -39.08 3.30
CA ASN C 132 2.37 -39.77 2.39
C ASN C 132 2.71 -39.53 0.91
N ILE C 133 2.99 -38.27 0.56
CA ILE C 133 3.50 -37.97 -0.79
C ILE C 133 4.80 -38.68 -1.13
N ILE C 134 5.84 -38.51 -0.31
CA ILE C 134 7.10 -39.19 -0.53
C ILE C 134 6.92 -40.69 -0.74
N ARG C 135 6.13 -41.33 0.12
CA ARG C 135 5.95 -42.77 -0.03
C ARG C 135 5.15 -43.12 -1.30
N THR C 136 4.16 -42.31 -1.66
CA THR C 136 3.37 -42.53 -2.87
C THR C 136 4.24 -42.39 -4.10
N LEU C 137 5.24 -41.52 -4.02
CA LEU C 137 6.14 -41.32 -5.12
C LEU C 137 7.09 -42.53 -5.30
N LYS C 138 7.55 -43.07 -4.19
CA LYS C 138 8.53 -44.16 -4.27
C LYS C 138 7.93 -45.41 -4.89
N GLU C 139 6.68 -45.71 -4.50
CA GLU C 139 5.99 -46.89 -4.98
C GLU C 139 5.68 -46.82 -6.47
N ILE C 140 5.21 -45.66 -6.91
CA ILE C 140 5.04 -45.40 -8.34
C ILE C 140 6.32 -45.70 -9.13
N LYS C 141 7.42 -45.05 -8.77
CA LYS C 141 8.67 -45.22 -9.52
C LYS C 141 9.19 -46.66 -9.48
N SER C 142 8.69 -47.47 -8.55
CA SER C 142 9.14 -48.85 -8.46
C SER C 142 8.23 -49.79 -9.25
N LYS C 143 7.00 -49.37 -9.52
CA LYS C 143 6.01 -50.24 -10.15
C LYS C 143 5.65 -49.75 -11.55
N MET C 144 6.24 -48.64 -11.96
CA MET C 144 5.84 -47.96 -13.18
C MET C 144 7.00 -47.19 -13.76
N ASN C 145 7.17 -47.27 -15.07
CA ASN C 145 8.20 -46.50 -15.73
C ASN C 145 7.54 -45.28 -16.36
N ILE C 146 7.43 -44.19 -15.61
CA ILE C 146 6.79 -42.98 -16.13
C ILE C 146 7.21 -41.76 -15.34
N ASP C 147 7.32 -40.61 -16.02
CA ASP C 147 7.68 -39.37 -15.32
C ASP C 147 6.57 -38.87 -14.39
N VAL C 148 6.98 -38.45 -13.20
CA VAL C 148 6.05 -37.92 -12.19
C VAL C 148 6.41 -36.49 -11.75
N ILE C 149 5.48 -35.57 -11.96
CA ILE C 149 5.56 -34.23 -11.37
C ILE C 149 4.93 -34.24 -9.96
N VAL C 150 5.61 -33.64 -8.98
CA VAL C 150 5.13 -33.68 -7.59
C VAL C 150 5.00 -32.26 -6.99
N GLY C 151 3.94 -32.06 -6.18
CA GLY C 151 3.70 -30.80 -5.52
C GLY C 151 2.43 -30.87 -4.68
N ASN C 152 2.06 -29.74 -4.08
CA ASN C 152 2.81 -28.52 -4.25
C ASN C 152 3.75 -28.19 -3.12
N VAL C 153 4.86 -27.57 -3.51
CA VAL C 153 5.87 -27.21 -2.53
C VAL C 153 6.33 -25.78 -2.75
N VAL C 154 7.06 -25.25 -1.78
CA VAL C 154 7.57 -23.88 -1.83
C VAL C 154 8.95 -23.73 -1.18
N THR C 155 9.57 -24.82 -0.77
CA THR C 155 10.86 -24.70 -0.10
C THR C 155 12.01 -25.41 -0.82
N GLU C 156 13.21 -24.94 -0.50
CA GLU C 156 14.48 -25.63 -0.75
C GLU C 156 14.40 -27.10 -0.33
N GLU C 157 14.05 -27.29 0.93
CA GLU C 157 14.01 -28.60 1.55
C GLU C 157 13.03 -29.55 0.86
N ALA C 158 11.86 -29.05 0.48
CA ALA C 158 10.90 -29.90 -0.20
C ALA C 158 11.48 -30.34 -1.55
N THR C 159 11.82 -29.34 -2.37
CA THR C 159 12.39 -29.52 -3.70
C THR C 159 13.51 -30.57 -3.70
N LYS C 160 14.45 -30.43 -2.77
CA LYS C 160 15.61 -31.32 -2.70
C LYS C 160 15.18 -32.74 -2.37
N GLU C 161 14.34 -32.89 -1.35
CA GLU C 161 13.96 -34.22 -0.90
C GLU C 161 13.10 -34.92 -1.95
N LEU C 162 12.15 -34.19 -2.55
CA LEU C 162 11.34 -34.79 -3.61
C LEU C 162 12.19 -35.26 -4.80
N ILE C 163 13.21 -34.49 -5.18
CA ILE C 163 14.11 -34.90 -6.25
C ILE C 163 14.88 -36.15 -5.85
N GLU C 164 15.42 -36.15 -4.64
CA GLU C 164 16.19 -37.30 -4.15
C GLU C 164 15.40 -38.60 -4.12
N ASN C 165 14.08 -38.51 -4.22
CA ASN C 165 13.28 -39.73 -4.29
C ASN C 165 12.65 -40.05 -5.66
N GLY C 166 13.04 -39.31 -6.70
CA GLY C 166 12.63 -39.68 -8.04
C GLY C 166 11.82 -38.68 -8.83
N ALA C 167 11.46 -37.56 -8.22
CA ALA C 167 10.65 -36.53 -8.90
C ALA C 167 11.26 -36.13 -10.26
N ASP C 168 10.42 -36.12 -11.29
CA ASP C 168 10.86 -35.82 -12.65
C ASP C 168 10.48 -34.40 -12.97
N GLY C 169 9.68 -33.83 -12.07
CA GLY C 169 9.27 -32.45 -12.12
C GLY C 169 8.73 -31.99 -10.78
N ILE C 170 9.02 -30.75 -10.41
CA ILE C 170 8.52 -30.18 -9.17
C ILE C 170 7.59 -29.02 -9.38
N LYS C 171 6.41 -29.09 -8.78
CA LYS C 171 5.41 -28.05 -8.99
C LYS C 171 5.25 -27.15 -7.74
N VAL C 172 5.40 -25.85 -8.01
CA VAL C 172 5.51 -24.78 -7.00
C VAL C 172 4.25 -23.94 -6.86
N GLY C 173 3.83 -23.71 -5.62
CA GLY C 173 2.72 -22.80 -5.39
C GLY C 173 1.79 -23.20 -4.25
N ILE C 174 1.90 -22.49 -3.12
CA ILE C 174 0.94 -22.65 -2.04
C ILE C 174 0.30 -21.31 -1.64
N GLY C 175 -1.00 -21.20 -1.93
CA GLY C 175 -1.75 -19.95 -1.83
C GLY C 175 -1.87 -18.94 -2.99
N PRO C 176 -1.13 -19.14 -4.12
CA PRO C 176 -1.22 -18.02 -5.07
C PRO C 176 -2.47 -18.02 -6.01
N GLY C 177 -3.18 -19.14 -6.13
CA GLY C 177 -4.27 -19.27 -7.08
C GLY C 177 -5.39 -18.26 -6.90
N SER C 178 -6.02 -17.88 -8.01
CA SER C 178 -7.11 -16.90 -7.98
C SER C 178 -8.22 -17.34 -7.04
N ILE C 179 -8.49 -18.64 -7.01
CA ILE C 179 -9.53 -19.20 -6.17
C ILE C 179 -9.07 -19.81 -4.83
N CYS C 180 -7.82 -19.56 -4.45
CA CYS C 180 -7.27 -20.15 -3.24
C CYS C 180 -7.48 -19.27 -2.02
N THR C 181 -7.85 -19.90 -0.89
CA THR C 181 -7.97 -19.19 0.39
C THR C 181 -7.08 -19.76 1.51
N THR C 182 -6.23 -20.74 1.14
CA THR C 182 -5.25 -21.33 2.05
C THR C 182 -4.52 -20.29 2.93
N ARG C 183 -4.04 -19.23 2.30
CA ARG C 183 -3.27 -18.23 3.03
C ARG C 183 -4.14 -17.46 4.00
N ILE C 184 -5.46 -17.56 3.85
CA ILE C 184 -6.38 -16.83 4.73
C ILE C 184 -6.95 -17.75 5.84
N VAL C 185 -7.38 -18.94 5.42
CA VAL C 185 -7.86 -20.01 6.30
C VAL C 185 -6.77 -20.66 7.18
N ALA C 186 -5.60 -20.93 6.59
CA ALA C 186 -4.52 -21.59 7.32
C ALA C 186 -3.32 -20.68 7.58
N GLY C 187 -3.31 -19.48 6.99
CA GLY C 187 -2.26 -18.51 7.22
C GLY C 187 -0.93 -18.94 6.62
N VAL C 188 -0.99 -19.91 5.72
CA VAL C 188 0.23 -20.54 5.22
C VAL C 188 0.51 -20.22 3.76
N GLY C 189 1.77 -19.95 3.45
CA GLY C 189 2.18 -19.80 2.07
C GLY C 189 3.51 -19.10 1.91
N VAL C 190 3.91 -18.91 0.65
CA VAL C 190 5.09 -18.13 0.24
C VAL C 190 4.82 -17.42 -1.09
N PRO C 191 5.05 -16.09 -1.14
CA PRO C 191 4.83 -15.35 -2.40
C PRO C 191 5.47 -16.01 -3.62
N GLN C 192 4.73 -16.08 -4.72
CA GLN C 192 5.10 -16.97 -5.81
C GLN C 192 6.50 -16.74 -6.42
N ILE C 193 6.99 -15.50 -6.46
CA ILE C 193 8.33 -15.28 -7.02
C ILE C 193 9.42 -15.89 -6.13
N THR C 194 9.43 -15.55 -4.87
CA THR C 194 10.36 -16.12 -3.90
C THR C 194 10.27 -17.65 -3.84
N ALA C 195 9.06 -18.18 -3.91
CA ALA C 195 8.87 -19.62 -3.89
C ALA C 195 9.52 -20.27 -5.12
N ILE C 196 9.22 -19.77 -6.32
CA ILE C 196 9.92 -20.26 -7.53
C ILE C 196 11.44 -20.07 -7.42
N GLU C 197 11.89 -18.93 -6.92
CA GLU C 197 13.34 -18.74 -6.71
C GLU C 197 13.98 -19.79 -5.81
N LYS C 198 13.43 -19.99 -4.62
CA LYS C 198 14.02 -20.94 -3.70
C LYS C 198 14.12 -22.34 -4.30
N CYS C 199 13.04 -22.79 -4.94
CA CYS C 199 13.00 -24.12 -5.51
C CYS C 199 13.87 -24.28 -6.78
N SER C 200 13.99 -23.23 -7.59
CA SER C 200 14.94 -23.21 -8.72
C SER C 200 16.37 -23.44 -8.31
N SER C 201 16.80 -22.76 -7.26
CA SER C 201 18.20 -22.80 -6.90
C SER C 201 18.65 -24.23 -6.56
N VAL C 202 17.71 -25.04 -6.08
CA VAL C 202 17.98 -26.45 -5.84
C VAL C 202 17.70 -27.29 -7.10
N ALA C 203 16.53 -27.13 -7.70
CA ALA C 203 16.11 -28.01 -8.79
C ALA C 203 17.05 -27.93 -10.00
N SER C 204 17.55 -26.73 -10.29
CA SER C 204 18.39 -26.55 -11.47
C SER C 204 19.70 -27.32 -11.30
N LYS C 205 20.16 -27.47 -10.07
CA LYS C 205 21.34 -28.31 -9.81
C LYS C 205 21.19 -29.71 -10.37
N PHE C 206 19.98 -30.25 -10.30
CA PHE C 206 19.75 -31.62 -10.75
C PHE C 206 19.16 -31.68 -12.16
N GLY C 207 18.93 -30.53 -12.78
CA GLY C 207 18.32 -30.51 -14.11
C GLY C 207 16.84 -30.91 -14.10
N ILE C 208 16.17 -30.69 -12.97
CA ILE C 208 14.75 -31.01 -12.86
C ILE C 208 13.88 -29.78 -13.08
N PRO C 209 12.92 -29.87 -14.02
CA PRO C 209 12.06 -28.73 -14.33
C PRO C 209 11.19 -28.33 -13.15
N ILE C 210 11.08 -27.02 -12.92
CA ILE C 210 10.05 -26.45 -12.07
C ILE C 210 8.84 -25.88 -12.82
N ILE C 211 7.65 -26.27 -12.33
CA ILE C 211 6.38 -25.75 -12.84
C ILE C 211 5.83 -24.69 -11.86
N ALA C 212 5.63 -23.47 -12.35
CA ALA C 212 5.07 -22.43 -11.50
C ALA C 212 3.54 -22.49 -11.57
N ASP C 213 2.92 -22.98 -10.51
CA ASP C 213 1.49 -23.21 -10.51
C ASP C 213 0.72 -22.14 -9.76
N GLY C 214 -0.22 -21.50 -10.43
CA GLY C 214 -1.12 -20.59 -9.78
C GLY C 214 -0.60 -19.17 -9.75
N GLY C 215 -1.50 -18.21 -9.78
CA GLY C 215 -1.12 -16.83 -9.61
C GLY C 215 -1.07 -16.03 -10.88
N ILE C 216 -0.99 -16.70 -12.04
CA ILE C 216 -0.86 -16.04 -13.33
C ILE C 216 -2.11 -15.22 -13.73
N ARG C 217 -1.93 -13.91 -13.94
CA ARG C 217 -3.05 -13.01 -14.16
C ARG C 217 -2.93 -12.31 -15.50
N TYR C 218 -1.69 -12.15 -15.95
CA TYR C 218 -1.42 -11.53 -17.22
C TYR C 218 -0.21 -12.24 -17.82
N SER C 219 -0.06 -12.15 -19.13
CA SER C 219 1.06 -12.77 -19.80
C SER C 219 2.40 -12.34 -19.24
N GLY C 220 2.48 -11.10 -18.74
CA GLY C 220 3.72 -10.62 -18.16
C GLY C 220 4.17 -11.46 -16.99
N ASP C 221 3.20 -12.11 -16.33
CA ASP C 221 3.48 -12.97 -15.19
C ASP C 221 4.15 -14.26 -15.63
N ILE C 222 3.85 -14.68 -16.87
CA ILE C 222 4.42 -15.91 -17.43
C ILE C 222 5.92 -15.70 -17.57
N GLY C 223 6.27 -14.55 -18.14
CA GLY C 223 7.66 -14.14 -18.28
C GLY C 223 8.42 -14.04 -16.97
N LYS C 224 7.82 -13.38 -15.98
CA LYS C 224 8.45 -13.26 -14.67
C LYS C 224 8.73 -14.63 -14.07
N ALA C 225 7.74 -15.51 -14.14
CA ALA C 225 7.88 -16.85 -13.58
C ALA C 225 9.05 -17.59 -14.24
N LEU C 226 9.09 -17.58 -15.57
CA LEU C 226 10.17 -18.25 -16.29
C LEU C 226 11.52 -17.58 -16.05
N ALA C 227 11.56 -16.25 -16.11
CA ALA C 227 12.79 -15.47 -15.86
C ALA C 227 13.51 -15.86 -14.58
N VAL C 228 12.72 -16.16 -13.58
CA VAL C 228 13.14 -16.50 -12.23
C VAL C 228 13.48 -18.02 -12.02
N GLY C 229 13.15 -18.86 -12.99
CA GLY C 229 13.66 -20.22 -12.92
C GLY C 229 12.70 -21.32 -13.25
N ALA C 230 11.45 -20.98 -13.55
CA ALA C 230 10.47 -21.96 -13.98
C ALA C 230 10.77 -22.42 -15.41
N SER C 231 10.39 -23.65 -15.72
CA SER C 231 10.46 -24.16 -17.09
C SER C 231 9.10 -24.11 -17.79
N SER C 232 8.05 -23.86 -16.99
CA SER C 232 6.66 -23.83 -17.46
C SER C 232 5.73 -23.30 -16.37
N VAL C 233 4.55 -22.84 -16.78
CA VAL C 233 3.58 -22.32 -15.82
C VAL C 233 2.28 -23.09 -15.98
N MET C 234 1.65 -23.40 -14.86
CA MET C 234 0.30 -23.95 -14.85
C MET C 234 -0.73 -22.85 -14.58
N ILE C 235 -1.78 -22.80 -15.39
CA ILE C 235 -2.70 -21.69 -15.27
C ILE C 235 -4.15 -22.16 -15.31
N GLY C 236 -4.95 -21.67 -14.38
CA GLY C 236 -6.31 -22.10 -14.26
C GLY C 236 -7.30 -21.06 -14.72
N SER C 237 -7.42 -19.96 -13.97
CA SER C 237 -8.50 -18.99 -14.20
C SER C 237 -8.47 -18.34 -15.58
N ILE C 238 -7.29 -18.14 -16.15
CA ILE C 238 -7.23 -17.62 -17.52
C ILE C 238 -7.99 -18.51 -18.52
N LEU C 239 -7.81 -19.82 -18.42
CA LEU C 239 -8.42 -20.75 -19.37
C LEU C 239 -9.87 -21.08 -19.05
N ALA C 240 -10.24 -20.95 -17.78
CA ALA C 240 -11.59 -21.32 -17.35
C ALA C 240 -12.64 -20.43 -17.97
N GLY C 241 -12.22 -19.30 -18.53
CA GLY C 241 -13.12 -18.49 -19.31
C GLY C 241 -13.37 -18.97 -20.73
N THR C 242 -12.67 -20.01 -21.20
CA THR C 242 -12.73 -20.41 -22.62
C THR C 242 -13.80 -21.46 -22.92
N GLU C 243 -14.06 -21.74 -24.19
CA GLU C 243 -15.23 -22.57 -24.51
C GLU C 243 -14.87 -23.99 -24.10
N GLU C 244 -13.58 -24.30 -24.24
CA GLU C 244 -13.08 -25.66 -24.12
C GLU C 244 -13.05 -26.14 -22.69
N SER C 245 -13.05 -25.23 -21.73
CA SER C 245 -13.13 -25.63 -20.34
C SER C 245 -14.50 -26.27 -20.10
N PRO C 246 -14.57 -27.30 -19.27
CA PRO C 246 -15.90 -27.74 -18.86
C PRO C 246 -16.46 -26.65 -17.97
N GLY C 247 -17.77 -26.46 -17.98
CA GLY C 247 -18.32 -25.39 -17.17
C GLY C 247 -19.69 -25.00 -17.66
N GLU C 248 -20.53 -24.52 -16.76
CA GLU C 248 -21.86 -24.17 -17.17
C GLU C 248 -21.93 -22.66 -17.32
N LYS C 249 -22.31 -22.22 -18.51
CA LYS C 249 -22.40 -20.81 -18.78
C LYS C 249 -23.58 -20.22 -18.05
N GLU C 250 -23.49 -18.97 -17.67
CA GLU C 250 -24.59 -18.29 -17.02
C GLU C 250 -24.61 -16.84 -17.44
N LEU C 251 -25.78 -16.24 -17.45
CA LEU C 251 -25.86 -14.82 -17.73
C LEU C 251 -26.56 -14.14 -16.57
N ILE C 252 -25.89 -13.19 -15.94
CA ILE C 252 -26.49 -12.49 -14.82
C ILE C 252 -27.00 -11.10 -15.21
N GLY C 253 -26.26 -10.42 -16.06
CA GLY C 253 -26.67 -9.12 -16.53
C GLY C 253 -26.70 -8.98 -18.04
N ASP C 254 -25.76 -8.20 -18.57
CA ASP C 254 -25.57 -8.08 -20.01
C ASP C 254 -24.38 -8.90 -20.48
N THR C 255 -23.60 -9.40 -19.53
CA THR C 255 -22.41 -10.17 -19.85
C THR C 255 -22.53 -11.64 -19.46
N VAL C 256 -21.87 -12.51 -20.21
CA VAL C 256 -21.94 -13.94 -19.94
C VAL C 256 -20.69 -14.42 -19.20
N TYR C 257 -20.91 -15.35 -18.28
CA TYR C 257 -19.87 -15.90 -17.45
C TYR C 257 -19.93 -17.42 -17.46
N LYS C 258 -18.84 -18.07 -17.12
CA LYS C 258 -18.93 -19.50 -16.79
C LYS C 258 -18.13 -19.80 -15.53
N TYR C 259 -18.40 -20.95 -14.93
CA TYR C 259 -17.95 -21.25 -13.57
C TYR C 259 -16.52 -21.74 -13.45
N TYR C 260 -15.87 -21.25 -12.41
CA TYR C 260 -14.53 -21.66 -12.09
C TYR C 260 -14.41 -21.76 -10.58
N ARG C 261 -14.11 -22.96 -10.09
CA ARG C 261 -14.07 -23.19 -8.65
C ARG C 261 -12.80 -23.91 -8.24
N GLY C 262 -12.37 -23.75 -6.98
CA GLY C 262 -11.27 -24.52 -6.43
C GLY C 262 -11.59 -26.00 -6.27
N MET C 263 -10.57 -26.83 -6.29
CA MET C 263 -10.77 -28.26 -6.08
C MET C 263 -10.90 -28.54 -4.59
N GLY C 264 -10.49 -27.58 -3.78
CA GLY C 264 -10.66 -27.70 -2.34
C GLY C 264 -11.88 -26.94 -1.90
N SER C 265 -12.76 -26.63 -2.85
CA SER C 265 -14.02 -25.95 -2.55
C SER C 265 -15.08 -26.97 -2.19
N VAL C 266 -16.08 -26.52 -1.44
CA VAL C 266 -17.11 -27.40 -0.90
C VAL C 266 -17.83 -28.21 -1.99
N GLY C 267 -18.26 -27.56 -3.07
CA GLY C 267 -18.91 -28.26 -4.16
C GLY C 267 -17.97 -29.17 -4.91
N ALA C 268 -16.67 -28.93 -4.78
CA ALA C 268 -15.69 -29.81 -5.42
C ALA C 268 -15.50 -31.07 -4.58
N MET C 269 -15.45 -30.89 -3.28
CA MET C 269 -15.19 -32.00 -2.37
C MET C 269 -16.40 -32.93 -2.25
N LYS C 270 -17.59 -32.38 -2.52
CA LYS C 270 -18.80 -33.18 -2.47
C LYS C 270 -18.86 -34.19 -3.60
N SER C 271 -18.23 -33.87 -4.72
CA SER C 271 -18.18 -34.81 -5.83
C SER C 271 -16.80 -35.46 -5.93
N ASN C 285 -21.44 -29.53 4.53
CA ASN C 285 -20.79 -30.51 5.38
C ASN C 285 -20.07 -29.82 6.52
N LYS C 286 -19.49 -30.61 7.42
CA LYS C 286 -18.49 -30.13 8.35
C LYS C 286 -17.15 -30.26 7.64
N MET C 287 -16.96 -29.47 6.59
CA MET C 287 -15.71 -29.44 5.87
C MET C 287 -15.05 -28.09 6.11
N VAL C 288 -13.73 -28.05 6.13
CA VAL C 288 -12.99 -26.78 6.13
C VAL C 288 -12.31 -26.54 4.79
N PRO C 289 -12.97 -25.75 3.93
CA PRO C 289 -12.58 -25.49 2.54
C PRO C 289 -11.43 -24.51 2.40
N GLU C 290 -10.58 -24.70 1.39
CA GLU C 290 -9.49 -23.78 1.13
C GLU C 290 -9.57 -23.23 -0.30
N GLY C 291 -10.75 -23.38 -0.91
CA GLY C 291 -11.00 -22.85 -2.24
C GLY C 291 -12.43 -22.34 -2.25
N ILE C 292 -12.74 -21.36 -3.10
CA ILE C 292 -14.13 -20.94 -3.20
C ILE C 292 -14.68 -21.25 -4.58
N GLU C 293 -16.00 -21.10 -4.73
CA GLU C 293 -16.62 -21.37 -6.02
C GLU C 293 -16.91 -20.01 -6.62
N GLY C 294 -16.57 -19.82 -7.88
CA GLY C 294 -16.73 -18.53 -8.51
C GLY C 294 -17.06 -18.63 -9.98
N ARG C 295 -17.17 -17.46 -10.61
CA ARG C 295 -17.40 -17.37 -12.06
C ARG C 295 -16.27 -16.54 -12.67
N VAL C 296 -16.21 -16.55 -13.99
CA VAL C 296 -15.25 -15.77 -14.77
C VAL C 296 -15.98 -15.27 -16.02
N LYS C 297 -15.58 -14.11 -16.53
CA LYS C 297 -16.07 -13.63 -17.81
C LYS C 297 -15.73 -14.65 -18.90
N TYR C 298 -16.74 -15.04 -19.66
CA TYR C 298 -16.54 -15.94 -20.79
C TYR C 298 -15.70 -15.24 -21.85
N LYS C 299 -14.52 -15.79 -22.16
CA LYS C 299 -13.63 -15.21 -23.15
C LYS C 299 -13.64 -15.94 -24.50
N GLY C 300 -14.65 -16.78 -24.69
CA GLY C 300 -14.81 -17.47 -25.95
C GLY C 300 -13.70 -18.47 -26.22
N GLU C 301 -13.05 -18.30 -27.38
CA GLU C 301 -12.19 -19.34 -27.93
C GLU C 301 -10.80 -19.39 -27.34
N MET C 302 -10.43 -20.59 -26.88
CA MET C 302 -9.11 -20.91 -26.37
C MET C 302 -7.91 -20.36 -27.11
N GLU C 303 -7.90 -20.57 -28.42
CA GLU C 303 -6.69 -20.46 -29.25
C GLU C 303 -6.25 -19.00 -29.22
N GLY C 304 -7.22 -18.10 -29.04
CA GLY C 304 -7.00 -16.68 -28.97
C GLY C 304 -6.43 -16.24 -27.63
N VAL C 305 -6.94 -16.81 -26.54
CA VAL C 305 -6.41 -16.56 -25.21
C VAL C 305 -4.93 -16.99 -25.10
N VAL C 306 -4.66 -18.22 -25.51
CA VAL C 306 -3.30 -18.76 -25.50
C VAL C 306 -2.34 -17.96 -26.39
N TYR C 307 -2.83 -17.49 -27.53
CA TYR C 307 -2.01 -16.74 -28.48
C TYR C 307 -1.51 -15.41 -27.88
N GLN C 308 -2.39 -14.70 -27.20
CA GLN C 308 -2.00 -13.46 -26.51
C GLN C 308 -1.02 -13.76 -25.37
N LEU C 309 -1.15 -14.94 -24.76
CA LEU C 309 -0.25 -15.29 -23.66
C LEU C 309 1.15 -15.51 -24.21
N VAL C 310 1.19 -16.29 -25.29
CA VAL C 310 2.41 -16.54 -26.02
C VAL C 310 2.96 -15.25 -26.65
N GLY C 311 2.10 -14.43 -27.24
CA GLY C 311 2.49 -13.11 -27.69
C GLY C 311 3.21 -12.32 -26.61
N GLY C 312 2.62 -12.26 -25.41
CA GLY C 312 3.21 -11.56 -24.28
C GLY C 312 4.58 -12.09 -23.90
N LEU C 313 4.72 -13.40 -23.84
CA LEU C 313 6.01 -13.98 -23.46
C LEU C 313 7.12 -13.70 -24.50
N ARG C 314 6.81 -13.83 -25.79
CA ARG C 314 7.76 -13.47 -26.85
C ARG C 314 8.20 -12.01 -26.76
N SER C 315 7.24 -11.12 -26.60
CA SER C 315 7.58 -9.73 -26.38
C SER C 315 8.54 -9.55 -25.17
N CYS C 316 8.22 -10.19 -24.06
CA CYS C 316 9.10 -10.21 -22.89
C CYS C 316 10.55 -10.66 -23.14
N MET C 317 10.71 -11.77 -23.85
CA MET C 317 12.02 -12.35 -24.06
C MET C 317 12.87 -11.55 -25.06
N GLY C 318 12.18 -10.92 -26.00
CA GLY C 318 12.79 -9.93 -26.87
C GLY C 318 13.34 -8.77 -26.07
N TYR C 319 12.54 -8.19 -25.17
CA TYR C 319 13.07 -7.13 -24.33
C TYR C 319 14.27 -7.60 -23.52
N LEU C 320 14.34 -8.90 -23.24
CA LEU C 320 15.47 -9.38 -22.47
C LEU C 320 16.58 -10.00 -23.29
N GLY C 321 16.47 -9.87 -24.61
CA GLY C 321 17.53 -10.30 -25.51
C GLY C 321 17.79 -11.79 -25.37
N SER C 322 16.73 -12.53 -25.09
CA SER C 322 16.83 -13.94 -24.77
C SER C 322 16.11 -14.75 -25.83
N ALA C 323 16.81 -15.64 -26.51
CA ALA C 323 16.22 -16.31 -27.67
C ALA C 323 15.66 -17.68 -27.27
N SER C 324 15.95 -18.10 -26.04
CA SER C 324 15.44 -19.35 -25.47
C SER C 324 15.16 -19.18 -23.97
N ILE C 325 14.33 -20.06 -23.41
CA ILE C 325 14.09 -20.07 -21.97
C ILE C 325 15.41 -20.15 -21.26
N GLU C 326 16.35 -20.87 -21.86
CA GLU C 326 17.56 -21.21 -21.14
C GLU C 326 18.40 -19.92 -21.09
N GLU C 327 18.34 -19.15 -22.16
CA GLU C 327 19.07 -17.89 -22.22
C GLU C 327 18.36 -16.85 -21.36
N LEU C 328 17.06 -16.99 -21.19
CA LEU C 328 16.32 -16.12 -20.30
C LEU C 328 16.79 -16.23 -18.83
N TRP C 329 17.12 -17.45 -18.44
CA TRP C 329 17.64 -17.75 -17.10
C TRP C 329 18.99 -17.12 -16.85
N LYS C 330 19.85 -17.11 -17.88
CA LYS C 330 21.17 -16.52 -17.77
C LYS C 330 21.09 -15.00 -17.67
N LYS C 331 20.32 -14.39 -18.56
CA LYS C 331 20.34 -12.94 -18.70
C LYS C 331 19.37 -12.11 -17.86
N SER C 332 18.42 -12.73 -17.19
CA SER C 332 17.38 -11.94 -16.51
C SER C 332 17.76 -11.33 -15.19
N SER C 333 17.27 -10.12 -14.98
CA SER C 333 17.29 -9.51 -13.64
C SER C 333 15.96 -8.77 -13.42
N TYR C 334 15.67 -8.42 -12.17
CA TYR C 334 14.46 -7.63 -11.89
C TYR C 334 14.66 -6.58 -10.79
N VAL C 335 13.82 -5.53 -10.82
CA VAL C 335 13.74 -4.58 -9.73
C VAL C 335 12.44 -4.75 -8.94
N GLU C 336 12.48 -4.55 -7.60
CA GLU C 336 11.26 -4.47 -6.81
C GLU C 336 10.54 -3.16 -7.07
N ILE C 337 9.21 -3.18 -7.04
CA ILE C 337 8.46 -1.95 -7.14
C ILE C 337 7.52 -1.80 -5.96
N THR C 338 7.02 -0.59 -5.77
CA THR C 338 6.05 -0.28 -4.71
C THR C 338 4.64 -0.32 -5.29
N THR C 339 3.61 -0.35 -4.42
CA THR C 339 2.23 -0.06 -4.84
C THR C 339 2.11 1.10 -5.87
N SER C 340 2.79 2.22 -5.63
CA SER C 340 2.78 3.36 -6.55
C SER C 340 3.50 3.09 -7.87
N GLY C 341 4.48 2.19 -7.82
CA GLY C 341 5.11 1.67 -9.02
C GLY C 341 4.12 0.85 -9.85
N LEU C 342 3.37 -0.02 -9.18
CA LEU C 342 2.35 -0.83 -9.83
C LEU C 342 1.29 0.05 -10.47
N ARG C 343 0.90 1.11 -9.76
CA ARG C 343 -0.07 2.06 -10.30
C ARG C 343 0.47 2.65 -11.59
N GLU C 344 1.77 2.95 -11.59
CA GLU C 344 2.42 3.49 -12.79
C GLU C 344 2.28 2.47 -13.93
N SER C 345 2.48 1.20 -13.57
CA SER C 345 2.62 0.13 -14.55
C SER C 345 1.33 -0.16 -15.29
N HIS C 346 0.22 -0.25 -14.55
CA HIS C 346 -1.09 -0.30 -15.17
C HIS C 346 -1.41 0.98 -15.97
N VAL C 347 -2.51 0.91 -16.71
CA VAL C 347 -3.12 2.10 -17.29
C VAL C 347 -3.56 3.03 -16.18
N HIS C 348 -3.34 4.33 -16.36
CA HIS C 348 -3.76 5.31 -15.39
C HIS C 348 -4.21 6.61 -16.06
N ASP C 349 -5.31 7.16 -15.54
CA ASP C 349 -5.70 8.55 -15.78
C ASP C 349 -6.37 8.72 -17.14
N VAL C 350 -6.39 7.65 -17.93
CA VAL C 350 -7.19 7.60 -19.13
C VAL C 350 -8.19 6.46 -19.01
N GLU C 351 -9.27 6.55 -19.77
CA GLU C 351 -10.42 5.71 -19.51
C GLU C 351 -10.72 4.93 -20.79
N ILE C 352 -10.52 3.61 -20.71
CA ILE C 352 -10.57 2.70 -21.86
C ILE C 352 -11.91 2.68 -22.58
N VAL C 353 -11.86 2.87 -23.89
CA VAL C 353 -13.07 2.95 -24.70
C VAL C 353 -13.33 1.62 -25.43
N LYS C 354 -12.29 0.82 -25.63
CA LYS C 354 -12.45 -0.52 -26.18
C LYS C 354 -11.74 -1.60 -25.37
N GLU C 355 -12.48 -2.66 -25.08
CA GLU C 355 -11.94 -3.83 -24.40
C GLU C 355 -10.84 -4.46 -25.26
N VAL C 356 -9.77 -4.90 -24.60
CA VAL C 356 -8.65 -5.57 -25.27
C VAL C 356 -8.38 -6.88 -24.53
N MET C 357 -7.96 -7.91 -25.27
CA MET C 357 -7.81 -9.26 -24.72
C MET C 357 -6.61 -9.41 -23.78
N ASN C 358 -5.48 -8.81 -24.16
CA ASN C 358 -4.37 -8.59 -23.23
C ASN C 358 -4.72 -8.13 -21.82
N TYR C 359 -5.68 -7.22 -21.71
CA TYR C 359 -5.79 -6.42 -20.51
C TYR C 359 -7.29 -6.30 -20.20
N SER C 360 -7.83 -7.35 -19.59
CA SER C 360 -9.25 -7.44 -19.24
C SER C 360 -9.59 -6.54 -18.07
N ASN D 2 17.02 -12.97 4.60
CA ASN D 2 17.28 -13.50 3.27
C ASN D 2 16.14 -14.36 2.72
N ALA D 3 15.11 -13.70 2.20
CA ALA D 3 14.27 -14.33 1.20
C ALA D 3 14.64 -13.60 -0.09
N MET D 4 15.85 -13.06 -0.07
CA MET D 4 16.41 -12.18 -1.10
C MET D 4 16.88 -12.98 -2.32
N GLY D 5 16.37 -12.63 -3.50
CA GLY D 5 16.72 -13.33 -4.72
C GLY D 5 17.95 -12.75 -5.40
N THR D 6 18.79 -13.61 -5.97
CA THR D 6 20.03 -13.15 -6.58
C THR D 6 19.81 -12.34 -7.85
N LYS D 7 18.61 -12.43 -8.44
CA LYS D 7 18.26 -11.61 -9.60
C LYS D 7 17.65 -10.25 -9.24
N ASN D 8 17.41 -10.03 -7.95
CA ASN D 8 16.91 -8.76 -7.43
C ASN D 8 18.01 -7.72 -7.39
N ILE D 9 17.94 -6.73 -8.26
CA ILE D 9 19.00 -5.72 -8.29
C ILE D 9 18.58 -4.44 -7.58
N GLY D 10 17.48 -4.48 -6.81
CA GLY D 10 17.12 -3.34 -5.98
C GLY D 10 15.73 -2.79 -6.20
N LYS D 11 15.36 -1.78 -5.43
CA LYS D 11 14.05 -1.21 -5.53
C LYS D 11 13.99 -0.02 -6.50
N GLY D 12 13.08 -0.08 -7.46
CA GLY D 12 12.86 1.03 -8.35
C GLY D 12 11.78 1.96 -7.82
N LEU D 13 11.96 3.25 -8.10
CA LEU D 13 11.05 4.28 -7.60
C LEU D 13 10.42 5.07 -8.75
N THR D 14 9.23 5.58 -8.51
CA THR D 14 8.54 6.40 -9.48
C THR D 14 8.13 7.73 -8.83
N PHE D 15 7.55 8.64 -9.58
CA PHE D 15 7.30 10.01 -9.13
C PHE D 15 6.55 10.00 -7.78
N GLU D 16 5.47 9.24 -7.70
CA GLU D 16 4.67 9.19 -6.47
C GLU D 16 5.37 8.54 -5.27
N ASP D 17 6.53 7.92 -5.48
CA ASP D 17 7.33 7.34 -4.40
C ASP D 17 8.23 8.38 -3.69
N ILE D 18 8.47 9.53 -4.33
CA ILE D 18 9.43 10.51 -3.76
C ILE D 18 8.83 11.87 -3.45
N LEU D 19 9.56 12.67 -2.65
CA LEU D 19 9.30 14.11 -2.56
C LEU D 19 10.59 14.89 -2.52
N LEU D 20 10.60 16.03 -3.22
CA LEU D 20 11.78 16.88 -3.30
C LEU D 20 11.85 17.70 -2.04
N VAL D 21 13.06 17.78 -1.50
CA VAL D 21 13.32 18.49 -0.27
C VAL D 21 13.74 19.93 -0.54
N PRO D 22 13.05 20.88 0.09
CA PRO D 22 13.31 22.34 0.00
C PRO D 22 14.75 22.70 0.37
N ASN D 23 15.31 23.65 -0.36
CA ASN D 23 16.64 24.18 -0.04
C ASN D 23 16.55 25.66 0.30
N TYR D 24 17.53 26.18 1.03
CA TYR D 24 17.65 27.63 1.14
C TYR D 24 17.51 28.29 -0.23
N SER D 25 16.80 29.41 -0.29
CA SER D 25 16.52 30.01 -1.58
C SER D 25 16.64 31.53 -1.57
N GLU D 26 17.24 32.06 -2.62
CA GLU D 26 17.31 33.51 -2.85
C GLU D 26 16.49 33.84 -4.09
N VAL D 27 16.01 32.81 -4.77
CA VAL D 27 15.37 33.00 -6.07
C VAL D 27 13.87 32.70 -5.99
N LEU D 28 13.12 33.49 -6.76
CA LEU D 28 11.69 33.40 -6.79
C LEU D 28 11.24 32.64 -8.01
N PRO D 29 10.07 31.99 -7.93
CA PRO D 29 9.55 31.26 -9.09
C PRO D 29 9.60 32.05 -10.41
N ARG D 30 9.35 33.36 -10.33
N ARG D 30 9.39 33.36 -10.34
CA ARG D 30 9.35 34.23 -11.51
CA ARG D 30 9.33 34.18 -11.55
C ARG D 30 10.74 34.37 -12.10
C ARG D 30 10.73 34.51 -12.07
N GLU D 31 11.73 34.35 -11.22
CA GLU D 31 13.11 34.66 -11.60
C GLU D 31 13.87 33.49 -12.20
N VAL D 32 13.27 32.31 -12.17
CA VAL D 32 14.00 31.11 -12.49
C VAL D 32 14.12 30.94 -14.02
N SER D 33 15.24 30.40 -14.50
CA SER D 33 15.45 30.16 -15.93
C SER D 33 15.00 28.75 -16.32
N LEU D 34 14.24 28.64 -17.40
CA LEU D 34 13.72 27.33 -17.78
C LEU D 34 14.37 26.82 -19.04
N GLU D 35 15.29 27.59 -19.62
CA GLU D 35 16.05 27.09 -20.76
C GLU D 35 16.71 25.78 -20.48
N THR D 36 16.85 24.98 -21.53
CA THR D 36 17.40 23.65 -21.39
C THR D 36 17.90 23.17 -22.73
N LYS D 37 18.55 22.03 -22.72
CA LYS D 37 18.97 21.49 -24.00
C LYS D 37 18.06 20.35 -24.42
N LEU D 38 17.47 20.50 -25.59
CA LEU D 38 16.73 19.41 -26.22
C LEU D 38 17.71 18.31 -26.63
N THR D 39 18.62 18.63 -27.54
CA THR D 39 19.73 17.74 -27.88
C THR D 39 21.04 18.48 -27.69
N LYS D 40 22.14 17.78 -27.93
CA LYS D 40 23.47 18.33 -27.78
C LYS D 40 23.64 19.68 -28.51
N ASN D 41 22.91 19.89 -29.61
CA ASN D 41 23.08 21.12 -30.37
C ASN D 41 21.84 21.98 -30.45
N VAL D 42 20.72 21.47 -29.96
CA VAL D 42 19.46 22.19 -30.00
C VAL D 42 18.92 22.45 -28.60
N SER D 43 18.47 23.68 -28.36
CA SER D 43 18.04 24.10 -27.03
C SER D 43 16.65 24.75 -27.02
N LEU D 44 15.99 24.73 -25.88
CA LEU D 44 14.60 25.17 -25.78
C LEU D 44 14.44 26.26 -24.72
N LYS D 45 13.39 27.05 -24.80
CA LYS D 45 13.09 27.95 -23.69
C LYS D 45 12.42 27.29 -22.48
N ILE D 46 11.71 26.20 -22.73
CA ILE D 46 11.07 25.45 -21.65
C ILE D 46 11.31 23.98 -21.94
N PRO D 47 11.40 23.18 -20.87
CA PRO D 47 11.75 21.75 -20.89
C PRO D 47 10.65 20.83 -21.41
N LEU D 48 9.72 21.34 -22.20
CA LEU D 48 8.56 20.53 -22.55
C LEU D 48 8.56 20.09 -24.00
N ILE D 49 8.12 18.84 -24.24
CA ILE D 49 8.08 18.23 -25.56
C ILE D 49 6.76 17.47 -25.70
N SER D 50 5.94 17.80 -26.71
CA SER D 50 4.71 17.05 -26.92
C SER D 50 5.02 15.69 -27.54
N SER D 51 4.27 14.66 -27.17
CA SER D 51 4.52 13.29 -27.64
C SER D 51 4.33 13.06 -29.13
N ALA D 52 5.10 12.12 -29.69
CA ALA D 52 4.94 11.70 -31.08
C ALA D 52 3.84 10.64 -31.22
N MET D 53 2.60 11.07 -31.09
CA MET D 53 1.45 10.16 -31.09
C MET D 53 0.36 10.74 -31.98
N ASP D 54 -0.34 9.90 -32.74
CA ASP D 54 -1.32 10.40 -33.70
C ASP D 54 -2.55 11.05 -33.04
N THR D 55 -2.64 10.97 -31.72
CA THR D 55 -3.68 11.67 -31.00
C THR D 55 -3.13 12.84 -30.19
N VAL D 56 -1.87 13.18 -30.39
CA VAL D 56 -1.30 14.33 -29.66
C VAL D 56 -0.66 15.39 -30.58
N THR D 57 0.30 15.00 -31.40
CA THR D 57 1.10 16.04 -32.07
C THR D 57 1.03 16.05 -33.59
N GLU D 58 0.37 17.04 -34.14
CA GLU D 58 0.57 17.39 -35.53
C GLU D 58 0.90 18.86 -35.58
N HIS D 59 0.83 19.49 -36.76
CA HIS D 59 1.47 20.81 -36.91
C HIS D 59 0.91 21.81 -35.92
N LEU D 60 -0.40 21.75 -35.68
CA LEU D 60 -1.05 22.74 -34.84
C LEU D 60 -0.53 22.61 -33.40
N MET D 61 -0.36 21.39 -32.93
CA MET D 61 0.27 21.13 -31.64
C MET D 61 1.74 21.53 -31.61
N ALA D 62 2.46 21.17 -32.66
CA ALA D 62 3.89 21.49 -32.75
C ALA D 62 4.09 23.01 -32.76
N VAL D 63 3.30 23.70 -33.57
CA VAL D 63 3.35 25.17 -33.63
C VAL D 63 3.08 25.75 -32.26
N GLY D 64 2.00 25.28 -31.64
CA GLY D 64 1.67 25.69 -30.29
C GLY D 64 2.79 25.46 -29.29
N MET D 65 3.45 24.32 -29.36
CA MET D 65 4.58 24.04 -28.46
C MET D 65 5.72 25.01 -28.72
N ALA D 66 6.22 25.06 -29.95
CA ALA D 66 7.34 25.92 -30.30
C ALA D 66 7.07 27.38 -29.87
N ARG D 67 5.85 27.87 -30.11
CA ARG D 67 5.39 29.15 -29.56
C ARG D 67 5.86 29.33 -28.12
N LEU D 68 5.47 28.38 -27.29
CA LEU D 68 5.59 28.55 -25.86
C LEU D 68 7.04 28.34 -25.39
N GLY D 69 7.92 28.00 -26.32
CA GLY D 69 9.33 27.76 -26.02
C GLY D 69 9.74 26.29 -25.96
N GLY D 70 8.77 25.40 -26.18
CA GLY D 70 9.04 23.96 -26.22
C GLY D 70 9.06 23.48 -27.65
N ILE D 71 8.69 22.22 -27.88
CA ILE D 71 8.74 21.69 -29.22
C ILE D 71 7.78 20.50 -29.35
N GLY D 72 7.28 20.28 -30.55
CA GLY D 72 6.45 19.12 -30.80
C GLY D 72 7.16 18.13 -31.72
N ILE D 73 6.87 16.85 -31.54
CA ILE D 73 7.40 15.85 -32.45
C ILE D 73 6.25 15.26 -33.24
N ILE D 74 6.19 15.57 -34.54
CA ILE D 74 5.17 14.99 -35.43
C ILE D 74 5.26 13.46 -35.45
N HIS D 75 4.11 12.80 -35.33
CA HIS D 75 4.07 11.34 -35.26
C HIS D 75 4.32 10.73 -36.64
N LYS D 76 4.73 9.46 -36.67
CA LYS D 76 5.12 8.84 -37.92
C LYS D 76 4.00 8.00 -38.51
N ASN D 77 2.80 8.12 -37.94
CA ASN D 77 1.70 7.28 -38.35
C ASN D 77 0.98 7.87 -39.56
N MET D 78 1.72 8.03 -40.64
CA MET D 78 1.22 8.61 -41.87
C MET D 78 2.26 8.38 -42.95
N ASP D 79 1.92 8.63 -44.23
CA ASP D 79 2.92 8.59 -45.32
C ASP D 79 4.08 9.56 -45.14
N MET D 80 5.09 9.44 -45.99
CA MET D 80 6.33 10.19 -45.85
C MET D 80 6.19 11.70 -46.11
N GLU D 81 5.67 12.12 -47.25
CA GLU D 81 5.63 13.57 -47.37
C GLU D 81 4.37 14.24 -46.85
N SER D 82 3.42 13.49 -46.33
CA SER D 82 2.45 14.18 -45.48
C SER D 82 3.12 14.53 -44.15
N GLN D 83 4.06 13.70 -43.68
CA GLN D 83 4.82 14.05 -42.48
C GLN D 83 5.72 15.23 -42.83
N VAL D 84 6.28 15.21 -44.04
CA VAL D 84 7.10 16.32 -44.52
C VAL D 84 6.30 17.61 -44.58
N ASN D 85 5.12 17.58 -45.20
CA ASN D 85 4.30 18.78 -45.28
C ASN D 85 3.99 19.28 -43.88
N GLU D 86 3.90 18.36 -42.95
CA GLU D 86 3.44 18.69 -41.64
C GLU D 86 4.54 19.49 -40.94
N VAL D 87 5.80 19.19 -41.27
CA VAL D 87 6.90 19.93 -40.66
C VAL D 87 7.10 21.23 -41.44
N LEU D 88 6.64 21.26 -42.68
CA LEU D 88 6.67 22.48 -43.49
C LEU D 88 5.74 23.53 -42.88
N LYS D 89 4.55 23.07 -42.50
CA LYS D 89 3.57 23.94 -41.85
C LYS D 89 4.17 24.62 -40.61
N VAL D 90 4.92 23.86 -39.82
CA VAL D 90 5.53 24.40 -38.61
C VAL D 90 6.63 25.41 -38.97
N LYS D 91 7.50 25.04 -39.91
CA LYS D 91 8.63 25.89 -40.29
C LYS D 91 8.23 27.21 -40.95
N ASN D 92 7.15 27.21 -41.72
CA ASN D 92 6.72 28.44 -42.38
C ASN D 92 5.95 29.35 -41.44
N SER D 93 5.75 28.89 -40.21
CA SER D 93 5.04 29.67 -39.21
C SER D 93 6.01 30.48 -38.33
N GLY D 94 7.09 30.97 -38.94
CA GLY D 94 8.06 31.78 -38.24
C GLY D 94 9.39 31.09 -37.97
N GLY D 95 9.67 30.01 -38.70
CA GLY D 95 10.91 29.28 -38.54
C GLY D 95 11.02 28.61 -37.19
N LEU D 96 9.86 28.38 -36.56
CA LEU D 96 9.79 27.72 -35.26
C LEU D 96 10.50 26.37 -35.25
N ARG D 97 10.99 25.97 -34.08
CA ARG D 97 11.64 24.67 -33.97
C ARG D 97 10.62 23.54 -34.03
N VAL D 98 11.02 22.43 -34.63
CA VAL D 98 10.13 21.29 -34.77
C VAL D 98 10.92 19.98 -34.92
N GLY D 99 10.31 18.87 -34.54
CA GLY D 99 10.92 17.56 -34.66
C GLY D 99 10.02 16.53 -35.32
N ALA D 100 10.59 15.37 -35.64
CA ALA D 100 9.84 14.31 -36.30
C ALA D 100 10.39 12.95 -35.90
N ALA D 101 9.47 12.00 -35.79
CA ALA D 101 9.77 10.63 -35.40
C ALA D 101 9.89 9.71 -36.61
N ILE D 102 10.78 8.74 -36.48
CA ILE D 102 10.89 7.72 -37.49
C ILE D 102 11.10 6.40 -36.77
N GLY D 103 10.97 5.30 -37.51
CA GLY D 103 11.17 3.99 -36.94
C GLY D 103 12.44 3.35 -37.47
N VAL D 104 12.71 2.15 -36.99
CA VAL D 104 13.83 1.33 -37.41
C VAL D 104 13.91 1.23 -38.94
N ASN D 105 15.14 1.36 -39.46
CA ASN D 105 15.43 1.29 -40.89
C ASN D 105 14.66 2.22 -41.82
N GLU D 106 14.07 3.29 -41.30
CA GLU D 106 13.39 4.27 -42.15
C GLU D 106 14.33 5.42 -42.50
N ILE D 107 15.40 5.09 -43.22
CA ILE D 107 16.41 6.06 -43.59
C ILE D 107 15.87 7.04 -44.65
N GLU D 108 15.00 6.56 -45.52
CA GLU D 108 14.48 7.41 -46.56
C GLU D 108 13.63 8.52 -45.95
N ARG D 109 12.64 8.13 -45.16
CA ARG D 109 11.79 9.09 -44.45
C ARG D 109 12.63 10.16 -43.75
N ALA D 110 13.64 9.73 -43.02
CA ALA D 110 14.52 10.64 -42.30
C ALA D 110 15.14 11.66 -43.23
N LYS D 111 15.62 11.19 -44.38
CA LYS D 111 16.30 12.06 -45.32
C LYS D 111 15.31 13.13 -45.77
N LEU D 112 14.09 12.72 -46.12
CA LEU D 112 13.07 13.66 -46.56
C LEU D 112 12.69 14.66 -45.44
N LEU D 113 12.70 14.20 -44.20
CA LEU D 113 12.40 15.09 -43.08
C LEU D 113 13.48 16.15 -42.92
N VAL D 114 14.73 15.71 -42.93
CA VAL D 114 15.86 16.63 -42.83
C VAL D 114 15.87 17.68 -43.96
N GLU D 115 15.57 17.25 -45.19
CA GLU D 115 15.61 18.16 -46.35
C GLU D 115 14.54 19.24 -46.18
N ALA D 116 13.53 18.93 -45.37
CA ALA D 116 12.45 19.86 -45.11
C ALA D 116 12.75 20.76 -43.90
N GLY D 117 13.94 20.62 -43.31
CA GLY D 117 14.36 21.53 -42.24
C GLY D 117 13.91 21.14 -40.84
N VAL D 118 13.79 19.85 -40.58
CA VAL D 118 13.43 19.41 -39.25
C VAL D 118 14.66 19.63 -38.37
N ASP D 119 14.43 19.97 -37.11
CA ASP D 119 15.54 20.36 -36.27
C ASP D 119 16.11 19.13 -35.57
N VAL D 120 15.27 18.10 -35.44
CA VAL D 120 15.67 16.89 -34.75
C VAL D 120 14.89 15.69 -35.26
N ILE D 121 15.58 14.56 -35.37
CA ILE D 121 14.91 13.30 -35.63
C ILE D 121 14.88 12.43 -34.38
N VAL D 122 13.70 11.94 -34.07
CA VAL D 122 13.51 11.05 -32.94
C VAL D 122 13.42 9.63 -33.47
N LEU D 123 14.49 8.88 -33.28
CA LEU D 123 14.53 7.48 -33.62
C LEU D 123 13.92 6.64 -32.51
N ASP D 124 12.64 6.29 -32.67
CA ASP D 124 11.92 5.51 -31.64
C ASP D 124 11.76 4.02 -31.87
N SER D 125 11.60 3.34 -30.74
CA SER D 125 11.35 1.91 -30.67
C SER D 125 10.89 1.57 -29.25
N ALA D 126 10.07 0.53 -29.13
CA ALA D 126 9.67 0.04 -27.83
C ALA D 126 10.92 -0.45 -27.08
N HIS D 127 11.96 -0.84 -27.82
CA HIS D 127 13.18 -1.29 -27.19
C HIS D 127 14.39 -0.63 -27.87
N GLY D 128 14.74 0.57 -27.39
CA GLY D 128 15.86 1.33 -27.93
C GLY D 128 17.20 0.63 -27.91
N HIS D 129 17.39 -0.34 -27.01
CA HIS D 129 18.69 -0.98 -26.89
C HIS D 129 18.71 -2.24 -27.75
N SER D 130 18.57 -2.07 -29.06
CA SER D 130 18.53 -3.24 -29.93
C SER D 130 19.45 -3.06 -31.12
N LEU D 131 19.78 -4.19 -31.74
CA LEU D 131 20.72 -4.24 -32.84
C LEU D 131 20.29 -3.35 -34.00
N ASN D 132 19.01 -3.42 -34.33
CA ASN D 132 18.53 -2.71 -35.50
C ASN D 132 18.41 -1.19 -35.24
N ILE D 133 18.12 -0.80 -34.02
CA ILE D 133 18.18 0.62 -33.66
C ILE D 133 19.60 1.18 -33.74
N ILE D 134 20.57 0.45 -33.21
CA ILE D 134 21.95 0.93 -33.24
C ILE D 134 22.41 1.09 -34.68
N ARG D 135 22.15 0.09 -35.51
CA ARG D 135 22.44 0.17 -36.94
C ARG D 135 21.78 1.35 -37.62
N THR D 136 20.49 1.55 -37.36
CA THR D 136 19.77 2.64 -38.01
C THR D 136 20.40 3.97 -37.62
N LEU D 137 20.74 4.10 -36.35
CA LEU D 137 21.43 5.29 -35.88
C LEU D 137 22.72 5.52 -36.65
N LYS D 138 23.55 4.49 -36.75
CA LYS D 138 24.78 4.61 -37.51
C LYS D 138 24.57 5.05 -38.96
N GLU D 139 23.54 4.50 -39.62
CA GLU D 139 23.32 4.79 -41.03
C GLU D 139 22.83 6.23 -41.22
N ILE D 140 21.88 6.67 -40.38
CA ILE D 140 21.44 8.06 -40.39
C ILE D 140 22.61 9.02 -40.18
N LYS D 141 23.36 8.84 -39.10
CA LYS D 141 24.51 9.72 -38.82
C LYS D 141 25.53 9.76 -39.98
N SER D 142 25.63 8.70 -40.77
CA SER D 142 26.66 8.66 -41.82
C SER D 142 26.19 9.40 -43.08
N LYS D 143 24.88 9.42 -43.31
CA LYS D 143 24.32 10.00 -44.53
C LYS D 143 23.69 11.39 -44.36
N MET D 144 23.63 11.86 -43.12
CA MET D 144 22.90 13.08 -42.79
C MET D 144 23.55 13.83 -41.66
N ASN D 145 23.31 15.14 -41.63
CA ASN D 145 23.67 15.92 -40.46
C ASN D 145 22.42 16.44 -39.75
N ILE D 146 22.07 15.78 -38.67
CA ILE D 146 20.98 16.27 -37.86
C ILE D 146 21.05 15.59 -36.51
N ASP D 147 20.56 16.26 -35.49
CA ASP D 147 20.55 15.62 -34.19
C ASP D 147 19.54 14.48 -34.20
N VAL D 148 19.98 13.34 -33.66
CA VAL D 148 19.09 12.22 -33.46
C VAL D 148 18.93 11.88 -31.99
N ILE D 149 17.70 11.96 -31.52
CA ILE D 149 17.28 11.40 -30.23
C ILE D 149 16.89 9.93 -30.43
N VAL D 150 17.39 9.04 -29.56
CA VAL D 150 17.07 7.62 -29.65
C VAL D 150 16.48 7.10 -28.33
N GLY D 151 15.39 6.35 -28.43
CA GLY D 151 14.74 5.73 -27.29
C GLY D 151 13.95 4.52 -27.75
N ASN D 152 13.32 3.83 -26.79
CA ASN D 152 13.44 4.20 -25.38
C ASN D 152 14.28 3.20 -24.60
N VAL D 153 14.91 3.70 -23.55
CA VAL D 153 15.78 2.86 -22.74
C VAL D 153 15.55 3.18 -21.26
N VAL D 154 16.13 2.35 -20.41
CA VAL D 154 16.01 2.50 -18.96
C VAL D 154 17.25 2.00 -18.22
N THR D 155 18.33 1.68 -18.94
CA THR D 155 19.54 1.17 -18.30
C THR D 155 20.80 2.03 -18.60
N GLU D 156 21.81 1.90 -17.75
CA GLU D 156 23.08 2.55 -17.96
C GLU D 156 23.75 2.09 -19.25
N GLU D 157 23.92 0.78 -19.38
CA GLU D 157 24.59 0.27 -20.55
C GLU D 157 23.85 0.57 -21.86
N ALA D 158 22.52 0.68 -21.85
CA ALA D 158 21.84 1.11 -23.08
C ALA D 158 22.17 2.56 -23.39
N THR D 159 22.22 3.36 -22.32
CA THR D 159 22.53 4.76 -22.44
C THR D 159 23.94 4.89 -23.00
N LYS D 160 24.87 4.10 -22.49
CA LYS D 160 26.25 4.24 -22.91
C LYS D 160 26.39 3.81 -24.38
N GLU D 161 25.71 2.73 -24.76
CA GLU D 161 25.97 2.17 -26.07
C GLU D 161 25.37 3.06 -27.16
N LEU D 162 24.27 3.74 -26.84
CA LEU D 162 23.68 4.64 -27.82
C LEU D 162 24.53 5.89 -28.02
N ILE D 163 25.00 6.49 -26.93
CA ILE D 163 25.90 7.64 -27.03
C ILE D 163 27.15 7.31 -27.83
N GLU D 164 27.74 6.14 -27.56
CA GLU D 164 28.94 5.70 -28.28
C GLU D 164 28.77 5.58 -29.78
N ASN D 165 27.52 5.44 -30.23
CA ASN D 165 27.22 5.32 -31.66
C ASN D 165 26.55 6.54 -32.28
N GLY D 166 26.68 7.71 -31.64
CA GLY D 166 26.21 8.96 -32.21
C GLY D 166 24.87 9.56 -31.76
N ALA D 167 24.26 9.02 -30.70
CA ALA D 167 23.02 9.61 -30.16
C ALA D 167 23.29 11.01 -29.63
N ASP D 168 22.38 11.94 -29.92
CA ASP D 168 22.55 13.33 -29.55
C ASP D 168 21.60 13.63 -28.38
N GLY D 169 20.67 12.71 -28.13
CA GLY D 169 19.79 12.79 -27.00
C GLY D 169 19.27 11.40 -26.69
N ILE D 170 19.02 11.10 -25.43
CA ILE D 170 18.48 9.79 -25.07
C ILE D 170 17.14 9.92 -24.42
N LYS D 171 16.18 9.15 -24.91
CA LYS D 171 14.85 9.22 -24.36
C LYS D 171 14.58 8.02 -23.45
N VAL D 172 14.20 8.34 -22.22
CA VAL D 172 14.03 7.35 -21.19
C VAL D 172 12.56 7.09 -20.92
N GLY D 173 12.21 5.81 -20.87
CA GLY D 173 10.92 5.36 -20.35
C GLY D 173 10.33 4.10 -20.99
N ILE D 174 10.26 3.02 -20.23
CA ILE D 174 9.60 1.82 -20.70
C ILE D 174 8.51 1.37 -19.70
N GLY D 175 7.27 1.52 -20.13
CA GLY D 175 6.07 1.23 -19.37
C GLY D 175 5.41 2.32 -18.58
N PRO D 176 6.11 3.54 -18.51
CA PRO D 176 5.49 4.53 -17.61
C PRO D 176 4.20 5.23 -18.06
N GLY D 177 3.95 5.32 -19.36
CA GLY D 177 2.88 6.11 -19.92
C GLY D 177 1.46 5.73 -19.58
N SER D 178 0.58 6.72 -19.56
CA SER D 178 -0.83 6.53 -19.19
C SER D 178 -1.53 5.42 -19.97
N ILE D 179 -1.31 5.39 -21.28
CA ILE D 179 -1.91 4.39 -22.16
C ILE D 179 -1.08 3.11 -22.39
N CYS D 180 0.01 2.96 -21.60
CA CYS D 180 0.94 1.86 -21.77
C CYS D 180 0.64 0.63 -20.93
N THR D 181 0.68 -0.54 -21.55
CA THR D 181 0.49 -1.79 -20.86
C THR D 181 1.69 -2.74 -20.99
N THR D 182 2.84 -2.20 -21.43
CA THR D 182 4.05 -3.02 -21.62
C THR D 182 4.47 -3.85 -20.41
N ARG D 183 4.35 -3.25 -19.22
CA ARG D 183 4.75 -3.88 -17.98
C ARG D 183 3.77 -4.95 -17.56
N ILE D 184 2.58 -4.92 -18.12
CA ILE D 184 1.60 -5.95 -17.78
C ILE D 184 1.62 -7.07 -18.83
N VAL D 185 1.68 -6.69 -20.09
CA VAL D 185 1.74 -7.66 -21.19
C VAL D 185 3.10 -8.36 -21.29
N ALA D 186 4.18 -7.61 -21.15
CA ALA D 186 5.50 -8.22 -21.22
C ALA D 186 6.17 -8.35 -19.86
N GLY D 187 5.75 -7.56 -18.87
CA GLY D 187 6.27 -7.75 -17.52
C GLY D 187 7.63 -7.11 -17.35
N VAL D 188 7.85 -6.03 -18.10
CA VAL D 188 9.16 -5.46 -18.32
C VAL D 188 9.11 -3.95 -18.14
N GLY D 189 10.13 -3.39 -17.52
CA GLY D 189 10.21 -1.95 -17.38
C GLY D 189 10.99 -1.65 -16.13
N VAL D 190 11.20 -0.37 -15.90
CA VAL D 190 11.90 0.13 -14.71
C VAL D 190 11.19 1.41 -14.28
N PRO D 191 10.78 1.51 -12.99
CA PRO D 191 10.09 2.73 -12.51
C PRO D 191 10.81 3.99 -12.96
N GLN D 192 10.08 5.05 -13.33
CA GLN D 192 10.65 6.14 -14.10
C GLN D 192 11.79 6.93 -13.40
N ILE D 193 11.63 7.26 -12.11
CA ILE D 193 12.70 7.96 -11.37
C ILE D 193 14.04 7.25 -11.39
N THR D 194 14.03 5.97 -11.02
CA THR D 194 15.24 5.16 -11.04
C THR D 194 15.81 5.13 -12.46
N ALA D 195 14.91 5.00 -13.44
CA ALA D 195 15.28 4.93 -14.87
C ALA D 195 16.03 6.19 -15.30
N ILE D 196 15.48 7.37 -14.99
CA ILE D 196 16.16 8.62 -15.30
C ILE D 196 17.50 8.73 -14.59
N GLU D 197 17.53 8.46 -13.28
CA GLU D 197 18.78 8.42 -12.53
C GLU D 197 19.89 7.63 -13.20
N LYS D 198 19.62 6.36 -13.46
CA LYS D 198 20.61 5.46 -14.02
C LYS D 198 21.13 6.01 -15.32
N CYS D 199 20.23 6.46 -16.18
CA CYS D 199 20.59 6.95 -17.49
C CYS D 199 21.28 8.32 -17.44
N SER D 200 20.94 9.12 -16.43
CA SER D 200 21.62 10.39 -16.15
C SER D 200 23.07 10.19 -15.72
N SER D 201 23.33 9.11 -14.97
CA SER D 201 24.64 8.92 -14.36
C SER D 201 25.69 8.67 -15.45
N VAL D 202 25.23 8.25 -16.62
CA VAL D 202 26.09 7.99 -17.78
C VAL D 202 26.09 9.19 -18.74
N ALA D 203 24.90 9.67 -19.08
CA ALA D 203 24.75 10.69 -20.11
C ALA D 203 25.32 12.03 -19.71
N SER D 204 25.23 12.39 -18.43
CA SER D 204 25.65 13.73 -18.00
C SER D 204 27.13 13.94 -18.25
N LYS D 205 27.88 12.86 -18.10
CA LYS D 205 29.33 12.88 -18.31
C LYS D 205 29.68 13.27 -19.74
N PHE D 206 28.86 12.79 -20.67
CA PHE D 206 29.03 13.05 -22.09
C PHE D 206 28.30 14.31 -22.55
N GLY D 207 27.58 14.96 -21.64
CA GLY D 207 26.90 16.20 -21.99
C GLY D 207 25.75 15.95 -22.94
N ILE D 208 25.20 14.74 -22.87
CA ILE D 208 24.03 14.35 -23.66
C ILE D 208 22.71 14.46 -22.86
N PRO D 209 21.74 15.23 -23.40
CA PRO D 209 20.49 15.42 -22.68
C PRO D 209 19.65 14.13 -22.59
N ILE D 210 19.09 13.91 -21.42
CA ILE D 210 18.10 12.86 -21.16
C ILE D 210 16.68 13.46 -21.28
N ILE D 211 15.84 12.87 -22.14
CA ILE D 211 14.43 13.25 -22.21
C ILE D 211 13.60 12.26 -21.38
N ALA D 212 12.91 12.72 -20.36
CA ALA D 212 12.09 11.81 -19.56
C ALA D 212 10.70 11.63 -20.20
N ASP D 213 10.40 10.40 -20.63
CA ASP D 213 9.26 10.12 -21.51
C ASP D 213 8.13 9.28 -20.89
N GLY D 214 7.03 9.93 -20.53
CA GLY D 214 5.85 9.22 -20.04
C GLY D 214 5.78 9.25 -18.53
N GLY D 215 4.55 9.22 -18.01
CA GLY D 215 4.33 9.08 -16.59
C GLY D 215 3.94 10.40 -15.95
N ILE D 216 4.10 11.50 -16.68
CA ILE D 216 3.76 12.81 -16.15
C ILE D 216 2.25 12.96 -15.94
N ARG D 217 1.86 13.00 -14.66
CA ARG D 217 0.46 13.14 -14.29
C ARG D 217 0.20 14.60 -13.86
N TYR D 218 1.18 15.18 -13.16
CA TYR D 218 1.02 16.52 -12.60
C TYR D 218 2.29 17.34 -12.78
N SER D 219 2.16 18.66 -12.69
CA SER D 219 3.29 19.56 -12.81
C SER D 219 4.46 19.20 -11.88
N GLY D 220 4.19 18.75 -10.66
CA GLY D 220 5.26 18.40 -9.74
C GLY D 220 6.09 17.20 -10.20
N ASP D 221 5.56 16.44 -11.16
CA ASP D 221 6.29 15.34 -11.76
C ASP D 221 7.37 15.87 -12.72
N ILE D 222 7.14 17.08 -13.26
CA ILE D 222 8.10 17.73 -14.16
C ILE D 222 9.37 18.00 -13.39
N GLY D 223 9.19 18.65 -12.23
CA GLY D 223 10.28 19.07 -11.38
C GLY D 223 11.08 17.88 -10.92
N LYS D 224 10.39 16.80 -10.54
CA LYS D 224 11.04 15.56 -10.13
C LYS D 224 11.89 14.92 -11.22
N ALA D 225 11.39 14.86 -12.46
CA ALA D 225 12.15 14.26 -13.58
C ALA D 225 13.41 15.06 -13.86
N LEU D 226 13.26 16.38 -13.85
CA LEU D 226 14.40 17.24 -14.14
C LEU D 226 15.38 17.23 -12.94
N ALA D 227 14.85 17.25 -11.71
CA ALA D 227 15.72 17.37 -10.53
C ALA D 227 16.66 16.18 -10.41
N VAL D 228 16.21 15.06 -10.92
CA VAL D 228 16.88 13.78 -10.90
C VAL D 228 17.77 13.56 -12.14
N GLY D 229 17.69 14.50 -13.09
CA GLY D 229 18.69 14.55 -14.12
C GLY D 229 18.23 14.73 -15.55
N ALA D 230 16.93 14.72 -15.81
CA ALA D 230 16.43 14.89 -17.18
C ALA D 230 16.64 16.32 -17.65
N SER D 231 16.73 16.53 -18.97
CA SER D 231 16.85 17.89 -19.49
C SER D 231 15.53 18.36 -20.02
N SER D 232 14.63 17.42 -20.22
CA SER D 232 13.30 17.72 -20.69
C SER D 232 12.41 16.53 -20.41
N VAL D 233 11.10 16.77 -20.47
CA VAL D 233 10.16 15.69 -20.29
C VAL D 233 9.31 15.67 -21.55
N MET D 234 8.84 14.47 -21.91
CA MET D 234 7.89 14.32 -23.00
C MET D 234 6.54 13.97 -22.42
N ILE D 235 5.50 14.59 -22.96
CA ILE D 235 4.14 14.54 -22.41
C ILE D 235 3.07 14.24 -23.47
N GLY D 236 2.22 13.28 -23.15
CA GLY D 236 1.16 12.86 -24.04
C GLY D 236 -0.21 13.19 -23.49
N SER D 237 -0.64 12.43 -22.49
CA SER D 237 -2.01 12.47 -22.00
C SER D 237 -2.47 13.88 -21.61
N ILE D 238 -1.57 14.71 -21.10
CA ILE D 238 -1.98 16.03 -20.63
C ILE D 238 -2.40 16.85 -21.83
N LEU D 239 -1.65 16.72 -22.92
CA LEU D 239 -1.85 17.55 -24.10
C LEU D 239 -2.94 16.96 -24.99
N ALA D 240 -3.13 15.64 -24.90
CA ALA D 240 -4.16 14.94 -25.66
C ALA D 240 -5.54 15.53 -25.41
N GLY D 241 -5.80 15.95 -24.18
CA GLY D 241 -7.06 16.60 -23.85
C GLY D 241 -7.24 17.98 -24.47
N THR D 242 -6.16 18.56 -24.99
CA THR D 242 -6.25 19.96 -25.40
C THR D 242 -6.78 20.15 -26.81
N GLU D 243 -6.71 21.41 -27.21
CA GLU D 243 -7.55 21.93 -28.26
C GLU D 243 -6.87 21.61 -29.58
N GLU D 244 -5.55 21.78 -29.54
CA GLU D 244 -4.65 21.64 -30.69
C GLU D 244 -4.26 20.20 -30.94
N SER D 245 -4.66 19.32 -30.02
CA SER D 245 -4.58 17.88 -30.22
C SER D 245 -5.39 17.44 -31.44
N PRO D 246 -4.81 16.57 -32.27
CA PRO D 246 -5.65 15.89 -33.26
C PRO D 246 -6.45 14.80 -32.55
N GLY D 247 -7.46 14.24 -33.21
CA GLY D 247 -8.44 13.41 -32.54
C GLY D 247 -9.62 14.33 -32.37
N GLU D 248 -10.78 13.82 -32.66
CA GLU D 248 -11.98 14.65 -32.67
C GLU D 248 -12.90 14.31 -31.48
N LYS D 249 -13.53 15.34 -30.95
CA LYS D 249 -14.17 15.29 -29.63
C LYS D 249 -15.37 14.36 -29.64
N GLU D 250 -15.68 13.78 -28.48
CA GLU D 250 -16.86 12.96 -28.38
C GLU D 250 -17.50 13.26 -27.05
N LEU D 251 -18.83 13.18 -26.98
CA LEU D 251 -19.47 13.43 -25.71
C LEU D 251 -20.19 12.18 -25.31
N ILE D 252 -19.93 11.73 -24.10
CA ILE D 252 -20.60 10.55 -23.59
C ILE D 252 -21.38 10.87 -22.32
N GLY D 253 -20.80 11.73 -21.49
CA GLY D 253 -21.44 12.10 -20.26
C GLY D 253 -22.12 13.41 -20.53
N ASP D 254 -22.00 14.33 -19.60
CA ASP D 254 -22.35 15.70 -19.86
C ASP D 254 -21.03 16.44 -19.98
N THR D 255 -19.97 15.63 -20.09
CA THR D 255 -18.58 16.03 -20.20
C THR D 255 -18.00 15.62 -21.57
N VAL D 256 -17.24 16.51 -22.20
CA VAL D 256 -16.61 16.19 -23.49
C VAL D 256 -15.27 15.50 -23.33
N TYR D 257 -15.03 14.50 -24.16
CA TYR D 257 -13.75 13.81 -24.19
C TYR D 257 -13.26 13.79 -25.61
N LYS D 258 -11.95 13.73 -25.77
CA LYS D 258 -11.41 13.43 -27.09
C LYS D 258 -10.40 12.30 -26.91
N TYR D 259 -10.28 11.45 -27.93
CA TYR D 259 -9.65 10.16 -27.81
C TYR D 259 -8.14 10.23 -27.72
N TYR D 260 -7.55 9.25 -27.03
CA TYR D 260 -6.12 9.17 -26.80
C TYR D 260 -5.71 7.69 -26.72
N ARG D 261 -4.84 7.27 -27.63
CA ARG D 261 -4.47 5.85 -27.75
C ARG D 261 -2.96 5.67 -27.82
N GLY D 262 -2.47 4.50 -27.42
CA GLY D 262 -1.05 4.22 -27.59
C GLY D 262 -0.73 4.03 -29.06
N MET D 263 0.54 4.17 -29.43
CA MET D 263 0.88 3.92 -30.81
C MET D 263 1.01 2.42 -31.02
N GLY D 264 1.08 1.70 -29.90
CA GLY D 264 1.09 0.24 -29.91
C GLY D 264 -0.29 -0.34 -29.64
N SER D 265 -1.32 0.48 -29.81
CA SER D 265 -2.69 0.02 -29.66
C SER D 265 -3.18 -0.60 -30.98
N VAL D 266 -4.16 -1.48 -30.88
CA VAL D 266 -4.73 -2.14 -32.06
C VAL D 266 -5.12 -1.15 -33.14
N GLY D 267 -5.92 -0.13 -32.80
CA GLY D 267 -6.30 0.89 -33.75
C GLY D 267 -5.14 1.62 -34.40
N ALA D 268 -4.16 2.01 -33.59
CA ALA D 268 -3.01 2.74 -34.10
C ALA D 268 -2.22 1.88 -35.06
N MET D 269 -2.13 0.59 -34.76
CA MET D 269 -1.31 -0.29 -35.56
C MET D 269 -2.01 -0.63 -36.88
N LYS D 270 -3.33 -0.73 -36.83
CA LYS D 270 -4.16 -0.86 -38.03
C LYS D 270 -3.88 0.28 -39.00
N SER D 271 -3.67 1.46 -38.44
CA SER D 271 -3.30 2.65 -39.21
C SER D 271 -1.93 2.45 -39.87
N ASN D 285 -6.02 -8.52 -36.26
CA ASN D 285 -6.64 -9.06 -35.05
C ASN D 285 -5.74 -10.08 -34.40
N LYS D 286 -4.70 -10.42 -35.14
CA LYS D 286 -3.81 -11.53 -34.83
C LYS D 286 -2.43 -10.97 -34.36
N MET D 287 -2.50 -9.75 -33.82
CA MET D 287 -1.38 -8.97 -33.33
C MET D 287 -1.54 -8.69 -31.82
N VAL D 288 -0.44 -8.40 -31.12
CA VAL D 288 -0.48 -8.32 -29.63
C VAL D 288 -0.23 -6.93 -29.00
N PRO D 289 -1.30 -6.31 -28.48
CA PRO D 289 -1.31 -4.91 -28.02
C PRO D 289 -0.40 -4.61 -26.83
N GLU D 290 0.39 -3.54 -26.88
CA GLU D 290 1.08 -3.08 -25.68
C GLU D 290 0.63 -1.67 -25.30
N GLY D 291 -0.51 -1.27 -25.85
CA GLY D 291 -1.16 -0.02 -25.49
C GLY D 291 -2.66 -0.23 -25.57
N ILE D 292 -3.42 0.75 -25.12
CA ILE D 292 -4.87 0.65 -25.22
C ILE D 292 -5.50 1.86 -25.88
N GLU D 293 -6.80 1.82 -26.07
CA GLU D 293 -7.50 2.92 -26.71
C GLU D 293 -8.42 3.54 -25.67
N GLY D 294 -8.19 4.81 -25.38
CA GLY D 294 -8.91 5.47 -24.31
C GLY D 294 -9.38 6.87 -24.65
N ARG D 295 -9.79 7.61 -23.63
CA ARG D 295 -10.28 8.95 -23.82
C ARG D 295 -9.88 9.81 -22.62
N VAL D 296 -9.74 11.10 -22.87
CA VAL D 296 -9.32 12.07 -21.87
C VAL D 296 -10.29 13.25 -21.88
N LYS D 297 -10.51 13.86 -20.71
CA LYS D 297 -11.27 15.09 -20.60
C LYS D 297 -10.69 16.12 -21.54
N TYR D 298 -11.55 16.75 -22.33
CA TYR D 298 -11.15 17.91 -23.12
C TYR D 298 -10.88 19.02 -22.12
N LYS D 299 -9.68 19.59 -22.19
CA LYS D 299 -9.20 20.58 -21.22
C LYS D 299 -9.00 21.93 -21.88
N GLY D 300 -9.75 22.16 -22.96
CA GLY D 300 -9.73 23.43 -23.65
C GLY D 300 -8.39 23.77 -24.27
N GLU D 301 -8.03 25.05 -24.24
CA GLU D 301 -6.85 25.48 -24.97
C GLU D 301 -5.55 25.12 -24.28
N MET D 302 -4.64 24.67 -25.13
CA MET D 302 -3.28 24.33 -24.82
C MET D 302 -2.52 25.31 -23.93
N GLU D 303 -2.65 26.59 -24.22
CA GLU D 303 -1.79 27.58 -23.57
C GLU D 303 -1.96 27.60 -22.06
N GLY D 304 -3.18 27.43 -21.58
CA GLY D 304 -3.44 27.44 -20.15
C GLY D 304 -2.83 26.22 -19.50
N VAL D 305 -3.03 25.08 -20.15
CA VAL D 305 -2.52 23.81 -19.66
C VAL D 305 -1.01 23.85 -19.51
N VAL D 306 -0.32 24.35 -20.53
CA VAL D 306 1.13 24.45 -20.50
C VAL D 306 1.57 25.52 -19.49
N TYR D 307 0.79 26.57 -19.37
CA TYR D 307 1.10 27.63 -18.41
C TYR D 307 1.15 27.08 -16.97
N GLN D 308 0.13 26.30 -16.62
CA GLN D 308 0.06 25.66 -15.31
C GLN D 308 1.23 24.71 -15.05
N LEU D 309 1.68 24.02 -16.07
CA LEU D 309 2.77 23.05 -15.88
C LEU D 309 4.06 23.79 -15.61
N VAL D 310 4.23 24.90 -16.30
CA VAL D 310 5.38 25.76 -16.13
C VAL D 310 5.33 26.48 -14.80
N GLY D 311 4.15 27.00 -14.47
CA GLY D 311 3.93 27.55 -13.14
C GLY D 311 4.41 26.62 -12.05
N GLY D 312 4.02 25.35 -12.15
CA GLY D 312 4.39 24.33 -11.18
C GLY D 312 5.89 24.12 -11.06
N LEU D 313 6.54 23.94 -12.21
CA LEU D 313 8.00 23.77 -12.26
C LEU D 313 8.78 24.95 -11.67
N ARG D 314 8.49 26.16 -12.13
CA ARG D 314 9.03 27.38 -11.52
C ARG D 314 8.88 27.35 -10.01
N SER D 315 7.75 26.84 -9.55
CA SER D 315 7.47 26.80 -8.13
C SER D 315 8.39 25.78 -7.44
N CYS D 316 8.55 24.62 -8.07
CA CYS D 316 9.47 23.58 -7.62
C CYS D 316 10.89 24.12 -7.42
N MET D 317 11.39 24.73 -8.49
CA MET D 317 12.75 25.28 -8.56
C MET D 317 12.97 26.43 -7.61
N GLY D 318 11.93 27.20 -7.35
CA GLY D 318 11.98 28.17 -6.27
C GLY D 318 12.18 27.51 -4.92
N TYR D 319 11.32 26.54 -4.58
CA TYR D 319 11.50 25.78 -3.33
C TYR D 319 12.87 25.14 -3.19
N LEU D 320 13.46 24.76 -4.31
CA LEU D 320 14.80 24.14 -4.30
C LEU D 320 15.91 25.17 -4.51
N GLY D 321 15.54 26.46 -4.56
CA GLY D 321 16.50 27.55 -4.63
C GLY D 321 17.42 27.48 -5.82
N SER D 322 16.92 26.88 -6.89
CA SER D 322 17.70 26.62 -8.08
C SER D 322 17.25 27.53 -9.22
N ALA D 323 18.16 28.36 -9.72
CA ALA D 323 17.86 29.36 -10.73
C ALA D 323 17.95 28.84 -12.18
N SER D 324 18.23 27.54 -12.34
CA SER D 324 18.34 26.94 -13.68
C SER D 324 18.39 25.43 -13.53
N ILE D 325 18.25 24.71 -14.63
CA ILE D 325 18.22 23.26 -14.54
C ILE D 325 19.54 22.73 -14.01
N GLU D 326 20.67 23.33 -14.38
CA GLU D 326 21.97 22.81 -13.91
C GLU D 326 22.13 23.01 -12.40
N GLU D 327 21.64 24.15 -11.89
CA GLU D 327 21.64 24.39 -10.45
C GLU D 327 20.66 23.43 -9.75
N LEU D 328 19.57 23.13 -10.41
CA LEU D 328 18.64 22.12 -9.91
C LEU D 328 19.31 20.73 -9.77
N TRP D 329 20.05 20.31 -10.81
CA TRP D 329 20.79 19.05 -10.76
C TRP D 329 21.78 19.01 -9.60
N LYS D 330 22.45 20.12 -9.35
CA LYS D 330 23.43 20.17 -8.28
C LYS D 330 22.75 20.12 -6.91
N LYS D 331 21.76 20.97 -6.69
CA LYS D 331 21.22 21.15 -5.33
C LYS D 331 20.01 20.26 -4.94
N SER D 332 19.53 19.40 -5.82
CA SER D 332 18.37 18.59 -5.46
C SER D 332 18.65 17.36 -4.60
N SER D 333 17.69 17.07 -3.74
CA SER D 333 17.64 15.85 -2.97
C SER D 333 16.18 15.45 -2.77
N TYR D 334 15.92 14.17 -2.44
CA TYR D 334 14.55 13.70 -2.15
C TYR D 334 14.46 12.63 -1.04
N VAL D 335 13.24 12.46 -0.52
CA VAL D 335 12.90 11.38 0.41
C VAL D 335 11.93 10.40 -0.26
N GLU D 336 12.03 9.12 0.13
CA GLU D 336 11.03 8.12 -0.25
C GLU D 336 9.85 8.30 0.69
N ILE D 337 8.64 8.17 0.15
CA ILE D 337 7.44 8.20 0.98
C ILE D 337 6.72 6.88 0.80
N THR D 338 5.76 6.62 1.67
CA THR D 338 4.94 5.43 1.65
C THR D 338 3.58 5.83 1.09
N THR D 339 2.75 4.84 0.76
CA THR D 339 1.33 5.07 0.48
C THR D 339 0.65 6.07 1.43
N SER D 340 0.91 5.99 2.74
CA SER D 340 0.34 6.97 3.67
C SER D 340 0.90 8.38 3.50
N GLY D 341 2.17 8.45 3.12
CA GLY D 341 2.79 9.71 2.77
C GLY D 341 2.08 10.28 1.56
N LEU D 342 1.71 9.42 0.61
CA LEU D 342 1.07 9.94 -0.60
C LEU D 342 -0.33 10.46 -0.26
N ARG D 343 -1.01 9.81 0.66
CA ARG D 343 -2.29 10.27 1.13
C ARG D 343 -2.15 11.64 1.77
N GLU D 344 -1.07 11.86 2.50
CA GLU D 344 -0.87 13.11 3.22
C GLU D 344 -0.72 14.20 2.16
N SER D 345 0.02 13.85 1.12
CA SER D 345 0.41 14.76 0.04
C SER D 345 -0.76 15.23 -0.85
N HIS D 346 -1.63 14.30 -1.23
CA HIS D 346 -2.85 14.69 -1.89
C HIS D 346 -3.79 15.45 -0.95
N VAL D 347 -4.86 15.98 -1.51
CA VAL D 347 -5.89 16.57 -0.68
C VAL D 347 -6.46 15.46 0.19
N HIS D 348 -6.86 15.79 1.41
CA HIS D 348 -7.47 14.79 2.29
C HIS D 348 -8.46 15.40 3.28
N ASP D 349 -9.58 14.69 3.46
CA ASP D 349 -10.59 15.00 4.48
C ASP D 349 -11.39 16.25 4.15
N VAL D 350 -11.28 16.69 2.89
CA VAL D 350 -11.98 17.88 2.41
C VAL D 350 -12.56 17.60 1.03
N GLU D 351 -13.78 18.08 0.78
CA GLU D 351 -14.45 17.83 -0.49
C GLU D 351 -14.33 19.04 -1.43
N ILE D 352 -13.77 18.83 -2.62
CA ILE D 352 -13.39 19.94 -3.49
C ILE D 352 -14.59 20.52 -4.21
N VAL D 353 -14.84 21.82 -3.99
CA VAL D 353 -16.00 22.51 -4.55
C VAL D 353 -15.74 23.13 -5.92
N LYS D 354 -14.51 23.57 -6.17
CA LYS D 354 -14.17 24.11 -7.49
C LYS D 354 -12.96 23.44 -8.13
N GLU D 355 -13.18 22.98 -9.36
CA GLU D 355 -12.22 22.18 -10.08
C GLU D 355 -11.00 23.02 -10.41
N VAL D 356 -9.85 22.38 -10.39
CA VAL D 356 -8.58 23.09 -10.53
C VAL D 356 -7.73 22.42 -11.59
N MET D 357 -7.18 23.24 -12.49
CA MET D 357 -6.48 22.75 -13.67
C MET D 357 -5.20 22.05 -13.22
N ASN D 358 -4.56 22.57 -12.16
CA ASN D 358 -3.48 21.87 -11.46
C ASN D 358 -3.78 20.44 -11.05
N TYR D 359 -5.03 20.19 -10.69
CA TYR D 359 -5.32 19.07 -9.82
C TYR D 359 -6.71 18.54 -10.22
N SER D 360 -6.75 17.71 -11.27
CA SER D 360 -7.99 17.36 -11.94
C SER D 360 -8.92 16.49 -11.07
#